data_6NZG
#
_entry.id   6NZG
#
_cell.length_a   74.536
_cell.length_b   142.407
_cell.length_c   180.664
_cell.angle_alpha   90.00
_cell.angle_beta   90.00
_cell.angle_gamma   90.00
#
_symmetry.space_group_name_H-M   'P 21 21 21'
#
loop_
_entity.id
_entity.type
_entity.pdbx_description
1 polymer Beta-galactosidase
2 non-polymer '(1S,2R,3S,4S,5S,6R)-2-amino-3,4,5,6-tetrahydroxycyclohexane-1-carboxylic acid'
3 non-polymer GLYCEROL
4 non-polymer 'POTASSIUM ION'
5 non-polymer 'CALCIUM ION'
6 water water
#
_entity_poly.entity_id   1
_entity_poly.type   'polypeptide(L)'
_entity_poly.pdbx_seq_one_letter_code
;HHHHHHSSGVDLGTENLYFQSNAQRQTQTINDSWKFLKGECTAAADSAFDDSKWTSIHLPHTWNTDAYTEKDYYRGTGWY
RRQLTLPQGWKEKQIILRLDAAGKSATIYINGKNVGEHAGGYTACSFNITPFLSFDTPNTLAVCVDNARQDIAPISGDFT
FFGGIYRDVWLTAVPNQHFNLTNHGSDGLFISTPQVSEEQATLSIRGEVKNDAPEKATLELTHTIYRPDGTLLQTLKKNI
QLKAGETYAFSNEATPVLKPELWTPETPRLYRVETTLRNRKTKTLLDQSNHYTAFRWFRFDGDEGFFLNGKPYKLRGICR
HQDQKPIGPALTDEMHRRDFLLMKEMGANFIRISHYPQDDALLEMCDKLGMLAWEEIPIIDIVPNTPGYGDNCERNLREM
IRQHYNHPSIITWGYMNEILLVTQRKYKTEAELKPVLERTLALANRLERVLKEEDSTRISTMAFHGSNSYNETGLSKITD
IVGWNLYQGWYGGDLTGFEKFLAQQHQNHPTHPMIVSEYGAGSDKRLHSLHPRAFDFSIEYQQKYLEHYLPVLEDTPYIC
GGTHWNFIDFSSALRDESMPRINNKGLVYADRTPKDVYHYYQAAWRKDIPVLHIASRDWTDRAGVQQGNAPVYLPVKIYT
NLSEVELFIDGISLGKQKTENYTATFEVPFSNRNPFLFAQGNYQGKTVQDGLRINFTPIPACLDANNLKGLELAVNVGSQ
CFFTSDESQLTWLPDQPYAAGSWGYIGGKEGTAQTEIQNTADGPLFQTLRNEIEGYRFDAPQGVYEIELLFTDIFRRNAG
IAYQLDRNGQQENRESTFGISINGEVVEESLSPCKESGYFRALRKKYYITNDKEYIDIRFHSTSGTCFLNGIKLRNIY
;
_entity_poly.pdbx_strand_id   A,B
#
loop_
_chem_comp.id
_chem_comp.type
_chem_comp.name
_chem_comp.formula
CA non-polymer 'CALCIUM ION' 'Ca 2'
GOL non-polymer GLYCEROL 'C3 H8 O3'
K non-polymer 'POTASSIUM ION' 'K 1'
L9D non-polymer '(1S,2R,3S,4S,5S,6R)-2-amino-3,4,5,6-tetrahydroxycyclohexane-1-carboxylic acid' 'C7 H13 N O6'
#
# COMPACT_ATOMS: atom_id res chain seq x y z
N GLN A 24 23.78 -22.20 34.01
CA GLN A 24 24.07 -22.46 32.60
C GLN A 24 23.73 -21.26 31.72
N ARG A 25 23.46 -21.49 30.43
CA ARG A 25 23.39 -20.42 29.43
C ARG A 25 21.96 -19.96 29.20
N GLN A 26 21.73 -18.65 29.30
CA GLN A 26 20.46 -18.03 28.96
C GLN A 26 20.66 -16.95 27.90
N THR A 27 19.95 -17.08 26.78
CA THR A 27 20.00 -16.14 25.68
C THR A 27 18.61 -15.59 25.42
N GLN A 28 18.48 -14.26 25.42
CA GLN A 28 17.20 -13.62 25.13
C GLN A 28 17.47 -12.30 24.44
N THR A 29 16.44 -11.75 23.78
CA THR A 29 16.55 -10.46 23.13
C THR A 29 16.32 -9.31 24.10
N ILE A 30 16.91 -8.17 23.78
CA ILE A 30 16.56 -6.90 24.39
C ILE A 30 16.15 -5.92 23.29
N ASN A 31 15.27 -6.37 22.40
CA ASN A 31 14.80 -5.56 21.27
C ASN A 31 13.75 -4.53 21.69
N ASP A 32 13.17 -4.68 22.88
CA ASP A 32 12.05 -3.89 23.35
C ASP A 32 12.53 -2.71 24.18
N SER A 33 11.63 -1.74 24.36
CA SER A 33 11.75 -0.67 25.37
C SER A 33 12.94 0.25 25.09
N TRP A 34 13.07 0.69 23.85
CA TRP A 34 14.16 1.59 23.50
C TRP A 34 13.65 3.01 23.28
N LYS A 35 14.57 3.96 23.43
CA LYS A 35 14.35 5.36 23.10
C LYS A 35 15.32 5.74 21.98
N PHE A 36 14.88 6.55 21.03
CA PHE A 36 15.70 6.90 19.87
C PHE A 36 15.71 8.40 19.62
N LEU A 37 16.89 8.92 19.27
CA LEU A 37 17.03 10.31 18.87
C LEU A 37 17.89 10.41 17.63
N LYS A 38 17.36 10.98 16.55
CA LYS A 38 18.13 11.16 15.32
C LYS A 38 19.01 12.39 15.43
N GLY A 39 20.30 12.24 15.12
CA GLY A 39 21.24 13.34 15.12
C GLY A 39 22.22 13.30 16.28
N GLU A 40 23.15 14.26 16.25
CA GLU A 40 24.16 14.38 17.29
C GLU A 40 23.54 14.76 18.63
N CYS A 41 24.19 14.33 19.71
CA CYS A 41 23.70 14.62 21.05
C CYS A 41 24.84 14.45 22.06
N THR A 42 25.07 15.50 22.83
CA THR A 42 26.11 15.52 23.86
C THR A 42 25.57 14.89 25.14
N ALA A 43 26.39 14.06 25.78
CA ALA A 43 26.04 13.40 27.02
C ALA A 43 24.90 12.39 26.84
N ALA A 44 24.59 12.00 25.60
CA ALA A 44 23.51 11.04 25.37
C ALA A 44 23.83 9.67 25.96
N ALA A 45 25.07 9.43 26.37
CA ALA A 45 25.49 8.17 26.97
C ALA A 45 25.30 8.13 28.48
N ASP A 46 25.31 9.28 29.17
CA ASP A 46 25.23 9.34 30.62
C ASP A 46 23.99 8.62 31.13
N SER A 47 24.14 7.94 32.28
CA SER A 47 22.98 7.30 32.92
C SER A 47 21.93 8.34 33.30
N ALA A 48 22.36 9.45 33.91
CA ALA A 48 21.48 10.53 34.33
C ALA A 48 21.13 11.51 33.20
N PHE A 49 20.90 11.00 32.00
CA PHE A 49 20.37 11.80 30.90
C PHE A 49 18.85 11.71 30.91
N ASP A 50 18.19 12.76 30.40
CA ASP A 50 16.73 12.80 30.28
C ASP A 50 16.35 12.53 28.82
N ASP A 51 15.82 11.34 28.55
CA ASP A 51 15.42 10.93 27.22
C ASP A 51 13.91 10.70 27.14
N SER A 52 13.13 11.42 27.96
CA SER A 52 11.69 11.20 28.00
C SER A 52 11.01 11.76 26.75
N LYS A 53 11.57 12.80 26.16
CA LYS A 53 11.03 13.41 24.95
C LYS A 53 11.64 12.82 23.67
N TRP A 54 12.40 11.73 23.77
CA TRP A 54 12.84 10.96 22.62
C TRP A 54 11.71 10.07 22.11
N THR A 55 11.99 9.36 21.01
CA THR A 55 11.00 8.50 20.38
C THR A 55 11.06 7.08 20.93
N SER A 56 9.89 6.56 21.32
CA SER A 56 9.75 5.18 21.75
C SER A 56 9.80 4.25 20.53
N ILE A 57 10.73 3.29 20.51
CA ILE A 57 10.85 2.40 19.38
C ILE A 57 11.15 0.98 19.88
N HIS A 58 10.93 0.02 18.99
CA HIS A 58 11.21 -1.39 19.24
C HIS A 58 12.12 -1.87 18.13
N LEU A 59 13.32 -2.36 18.48
CA LEU A 59 14.18 -2.99 17.48
C LEU A 59 13.48 -4.20 16.83
N PRO A 60 13.72 -4.47 15.53
CA PRO A 60 14.67 -3.78 14.65
C PRO A 60 14.12 -2.45 14.16
N HIS A 61 15.04 -1.52 13.91
CA HIS A 61 14.72 -0.14 13.62
C HIS A 61 15.66 0.38 12.54
N THR A 62 15.14 1.24 11.67
CA THR A 62 15.99 2.05 10.81
C THR A 62 15.44 3.46 10.84
N TRP A 63 16.31 4.45 10.85
CA TRP A 63 15.79 5.81 10.77
C TRP A 63 15.54 6.24 9.33
N ASN A 64 15.60 5.34 8.36
CA ASN A 64 15.69 5.72 6.96
C ASN A 64 14.49 5.31 6.11
N THR A 65 13.27 5.31 6.67
N THR A 65 13.29 5.32 6.69
CA THR A 65 12.11 5.11 5.82
CA THR A 65 12.07 5.14 5.90
C THR A 65 11.93 6.25 4.82
C THR A 65 11.94 6.24 4.84
N ASP A 66 12.53 7.41 5.10
CA ASP A 66 12.48 8.52 4.13
C ASP A 66 13.00 8.11 2.75
N ALA A 67 13.89 7.11 2.70
CA ALA A 67 14.47 6.68 1.42
C ALA A 67 13.43 6.11 0.47
N TYR A 68 12.24 5.77 0.95
CA TYR A 68 11.21 5.29 0.05
C TYR A 68 10.50 6.42 -0.68
N THR A 69 10.81 7.67 -0.32
CA THR A 69 10.26 8.84 -1.00
C THR A 69 11.37 9.79 -1.41
N GLU A 70 12.29 10.09 -0.49
CA GLU A 70 13.34 11.07 -0.72
C GLU A 70 14.55 10.43 -1.36
N LYS A 71 15.11 11.11 -2.37
CA LYS A 71 16.39 10.67 -2.89
C LYS A 71 17.52 11.02 -1.94
N ASP A 72 17.43 12.15 -1.26
CA ASP A 72 18.47 12.55 -0.31
C ASP A 72 18.08 12.11 1.09
N TYR A 73 18.18 10.80 1.30
CA TYR A 73 17.86 10.25 2.61
C TYR A 73 18.97 10.60 3.61
N TYR A 74 18.58 10.82 4.88
CA TYR A 74 19.49 11.36 5.88
C TYR A 74 20.61 10.37 6.21
N ARG A 75 21.85 10.82 6.08
CA ARG A 75 23.01 10.02 6.45
C ARG A 75 23.78 10.80 7.52
N GLY A 76 24.06 10.15 8.65
CA GLY A 76 24.55 10.80 9.85
C GLY A 76 24.42 9.94 11.09
N THR A 77 24.11 10.56 12.24
CA THR A 77 24.23 9.94 13.54
C THR A 77 22.86 9.71 14.17
N GLY A 78 22.73 8.63 14.92
CA GLY A 78 21.52 8.39 15.70
C GLY A 78 21.86 7.72 17.01
N TRP A 79 21.08 8.02 18.05
CA TRP A 79 21.34 7.53 19.40
C TRP A 79 20.21 6.62 19.87
N TYR A 80 20.58 5.45 20.38
CA TYR A 80 19.66 4.51 21.02
C TYR A 80 19.99 4.38 22.51
N ARG A 81 18.95 4.41 23.36
CA ARG A 81 19.07 4.25 24.80
C ARG A 81 18.08 3.22 25.34
N ARG A 82 18.54 2.41 26.30
CA ARG A 82 17.72 1.41 26.96
C ARG A 82 18.18 1.26 28.41
N GLN A 83 17.22 1.02 29.28
CA GLN A 83 17.54 0.59 30.64
C GLN A 83 17.79 -0.91 30.68
N LEU A 84 18.85 -1.31 31.36
CA LEU A 84 19.17 -2.72 31.58
C LEU A 84 19.03 -3.03 33.06
N THR A 85 18.03 -3.82 33.42
CA THR A 85 17.85 -4.20 34.81
C THR A 85 18.09 -5.70 34.94
N LEU A 86 19.19 -6.06 35.59
CA LEU A 86 19.70 -7.42 35.52
C LEU A 86 19.01 -8.31 36.55
N PRO A 87 18.77 -9.56 36.19
CA PRO A 87 18.28 -10.53 37.18
C PRO A 87 19.34 -10.82 38.23
N GLN A 88 18.87 -11.04 39.46
CA GLN A 88 19.76 -11.44 40.55
C GLN A 88 20.44 -12.80 40.27
N GLY A 89 19.75 -13.74 39.62
CA GLY A 89 20.36 -15.02 39.27
C GLY A 89 21.49 -14.92 38.24
N TRP A 90 21.72 -13.74 37.68
CA TRP A 90 22.84 -13.50 36.79
C TRP A 90 24.02 -12.88 37.53
N LYS A 91 23.90 -12.65 38.84
CA LYS A 91 24.89 -11.92 39.61
C LYS A 91 26.31 -12.48 39.44
N GLU A 92 26.43 -13.79 39.27
CA GLU A 92 27.71 -14.48 39.18
C GLU A 92 28.10 -14.88 37.76
N LYS A 93 27.38 -14.41 36.74
CA LYS A 93 27.61 -14.88 35.39
C LYS A 93 28.26 -13.77 34.56
N GLN A 94 28.84 -14.17 33.43
CA GLN A 94 29.31 -13.22 32.43
C GLN A 94 28.15 -12.87 31.51
N ILE A 95 27.96 -11.57 31.27
CA ILE A 95 26.92 -11.07 30.37
C ILE A 95 27.61 -10.64 29.07
N ILE A 96 27.17 -11.24 27.96
CA ILE A 96 27.65 -10.94 26.62
C ILE A 96 26.54 -10.23 25.85
N LEU A 97 26.87 -9.06 25.32
CA LEU A 97 25.97 -8.26 24.51
C LEU A 97 26.30 -8.49 23.03
N ARG A 98 25.29 -8.79 22.24
CA ARG A 98 25.49 -9.08 20.83
C ARG A 98 24.51 -8.26 20.01
N LEU A 99 25.04 -7.43 19.12
CA LEU A 99 24.25 -6.72 18.12
C LEU A 99 24.42 -7.46 16.79
N ASP A 100 23.33 -7.99 16.25
CA ASP A 100 23.48 -8.72 15.00
C ASP A 100 23.75 -7.80 13.82
N ALA A 101 23.38 -6.51 13.91
CA ALA A 101 23.73 -5.55 12.85
C ALA A 101 23.40 -4.12 13.29
N ALA A 102 24.26 -3.19 12.89
CA ALA A 102 23.95 -1.77 12.97
C ALA A 102 24.64 -1.10 11.79
N GLY A 103 23.90 -0.33 11.01
CA GLY A 103 24.43 0.31 9.82
C GLY A 103 24.69 1.77 10.12
N LYS A 104 25.92 2.22 9.86
CA LYS A 104 27.01 1.44 9.28
C LYS A 104 28.05 1.12 10.35
N SER A 105 27.97 1.81 11.48
CA SER A 105 28.89 1.61 12.59
C SER A 105 28.14 1.83 13.91
N ALA A 106 28.71 1.29 14.99
CA ALA A 106 28.14 1.47 16.32
C ALA A 106 29.25 1.71 17.33
N THR A 107 29.01 2.63 18.26
CA THR A 107 29.79 2.74 19.49
C THR A 107 28.85 2.50 20.66
N ILE A 108 29.25 1.60 21.57
CA ILE A 108 28.39 1.09 22.65
C ILE A 108 28.84 1.65 23.99
N TYR A 109 27.89 2.14 24.79
CA TYR A 109 28.17 2.78 26.06
C TYR A 109 27.39 2.10 27.18
N ILE A 110 28.08 1.69 28.24
CA ILE A 110 27.40 1.18 29.43
C ILE A 110 27.62 2.17 30.59
N ASN A 111 26.52 2.71 31.10
CA ASN A 111 26.56 3.70 32.18
C ASN A 111 27.57 4.80 31.89
N GLY A 112 27.57 5.26 30.63
CA GLY A 112 28.42 6.36 30.21
C GLY A 112 29.83 6.01 29.80
N LYS A 113 30.25 4.76 29.93
CA LYS A 113 31.62 4.38 29.64
C LYS A 113 31.67 3.65 28.30
N ASN A 114 32.61 4.06 27.44
CA ASN A 114 32.76 3.45 26.13
C ASN A 114 33.23 2.02 26.31
N VAL A 115 32.38 1.08 25.88
CA VAL A 115 32.68 -0.36 25.96
C VAL A 115 33.39 -0.85 24.71
N GLY A 116 33.09 -0.28 23.55
CA GLY A 116 33.58 -0.84 22.31
C GLY A 116 32.88 -0.22 21.12
N GLU A 117 33.41 -0.54 19.95
CA GLU A 117 32.99 0.04 18.69
C GLU A 117 32.93 -1.08 17.66
N HIS A 118 32.08 -0.91 16.65
CA HIS A 118 32.10 -1.83 15.51
C HIS A 118 31.87 -1.07 14.20
N ALA A 119 32.68 -1.41 13.18
CA ALA A 119 32.60 -0.83 11.85
C ALA A 119 32.10 -1.87 10.85
N GLY A 120 30.97 -1.62 10.23
CA GLY A 120 30.41 -2.55 9.26
C GLY A 120 28.94 -2.80 9.48
N GLY A 121 28.11 -2.57 8.46
CA GLY A 121 26.69 -2.53 8.70
C GLY A 121 25.95 -3.85 8.61
N TYR A 122 26.66 -4.94 8.34
CA TYR A 122 25.98 -6.17 8.02
C TYR A 122 26.55 -7.37 8.77
N THR A 123 27.53 -7.16 9.64
CA THR A 123 28.04 -8.23 10.48
C THR A 123 27.77 -7.93 11.96
N ALA A 124 27.68 -8.99 12.75
CA ALA A 124 27.42 -8.83 14.18
C ALA A 124 28.68 -8.39 14.92
N CYS A 125 28.48 -7.91 16.15
CA CYS A 125 29.55 -7.60 17.07
C CYS A 125 29.13 -8.06 18.46
N SER A 126 30.11 -8.31 19.32
CA SER A 126 29.77 -8.79 20.65
C SER A 126 30.82 -8.34 21.64
N PHE A 127 30.36 -8.10 22.87
CA PHE A 127 31.18 -7.54 23.93
C PHE A 127 30.82 -8.19 25.25
N ASN A 128 31.85 -8.47 26.04
CA ASN A 128 31.65 -8.92 27.41
C ASN A 128 31.47 -7.67 28.25
N ILE A 129 30.22 -7.36 28.58
CA ILE A 129 29.86 -6.13 29.26
C ILE A 129 29.79 -6.30 30.78
N THR A 130 30.19 -7.46 31.30
CA THR A 130 30.11 -7.70 32.73
C THR A 130 30.86 -6.66 33.56
N PRO A 131 32.08 -6.22 33.20
CA PRO A 131 32.79 -5.24 34.04
C PRO A 131 32.10 -3.90 34.17
N PHE A 132 31.13 -3.59 33.32
CA PHE A 132 30.58 -2.26 33.32
C PHE A 132 29.23 -2.20 34.01
N LEU A 133 28.67 -3.35 34.35
CA LEU A 133 27.33 -3.47 34.88
C LEU A 133 27.32 -3.46 36.41
N SER A 134 26.18 -3.06 36.96
CA SER A 134 25.89 -3.21 38.38
C SER A 134 24.61 -4.03 38.58
N PHE A 135 24.51 -4.70 39.73
CA PHE A 135 23.34 -5.50 40.07
C PHE A 135 22.49 -4.89 41.15
N ASP A 136 22.89 -3.74 41.69
CA ASP A 136 22.14 -3.06 42.73
C ASP A 136 21.26 -1.93 42.19
N THR A 137 21.73 -1.25 41.15
CA THR A 137 21.04 -0.11 40.53
C THR A 137 20.86 -0.38 39.06
N PRO A 138 19.85 0.23 38.42
CA PRO A 138 19.64 0.01 36.98
C PRO A 138 20.83 0.50 36.17
N ASN A 139 20.94 -0.01 34.94
CA ASN A 139 22.00 0.35 34.00
C ASN A 139 21.43 1.01 32.75
N THR A 140 22.28 1.80 32.10
CA THR A 140 21.94 2.46 30.85
C THR A 140 22.80 1.88 29.75
N LEU A 141 22.15 1.34 28.72
CA LEU A 141 22.80 0.99 27.47
C LEU A 141 22.51 2.11 26.46
N ALA A 142 23.56 2.74 25.97
CA ALA A 142 23.45 3.73 24.90
C ALA A 142 24.30 3.31 23.72
N VAL A 143 23.77 3.48 22.51
CA VAL A 143 24.48 3.12 21.28
C VAL A 143 24.47 4.32 20.35
N CYS A 144 25.65 4.75 19.92
CA CYS A 144 25.78 5.75 18.86
C CYS A 144 25.97 5.04 17.53
N VAL A 145 25.02 5.23 16.61
CA VAL A 145 25.02 4.61 15.28
C VAL A 145 25.23 5.72 14.22
N ASP A 146 26.08 5.44 13.24
CA ASP A 146 26.41 6.41 12.19
C ASP A 146 26.39 5.72 10.82
N ASN A 147 25.60 6.23 9.86
CA ASN A 147 25.61 5.70 8.49
C ASN A 147 26.18 6.70 7.48
N ALA A 148 27.17 7.49 7.89
CA ALA A 148 27.83 8.46 7.02
C ALA A 148 29.31 8.17 6.80
N ARG A 149 29.91 7.26 7.56
CA ARG A 149 31.34 7.07 7.54
C ARG A 149 31.80 6.54 6.19
N GLN A 150 32.76 7.24 5.60
CA GLN A 150 33.26 6.90 4.28
C GLN A 150 34.38 5.87 4.32
N ASP A 151 34.82 5.45 5.49
CA ASP A 151 35.86 4.46 5.61
C ASP A 151 35.31 3.05 5.78
N ILE A 152 33.98 2.88 5.64
CA ILE A 152 33.29 1.61 5.83
C ILE A 152 32.53 1.28 4.55
N ALA A 153 32.70 0.04 4.06
CA ALA A 153 32.00 -0.38 2.85
C ALA A 153 30.53 -0.65 3.15
N PRO A 154 29.62 -0.32 2.23
CA PRO A 154 29.83 0.29 0.91
C PRO A 154 29.93 1.83 0.94
N ILE A 155 30.77 2.43 0.10
CA ILE A 155 30.67 3.87 -0.14
C ILE A 155 29.89 4.19 -1.41
N SER A 156 29.68 3.20 -2.27
CA SER A 156 28.92 3.39 -3.49
C SER A 156 28.25 2.07 -3.81
N GLY A 157 27.14 2.15 -4.51
CA GLY A 157 26.42 0.95 -4.92
C GLY A 157 24.94 1.19 -5.01
N ASP A 158 24.27 0.31 -5.76
CA ASP A 158 22.89 0.54 -6.21
C ASP A 158 21.87 0.05 -5.18
N PHE A 159 22.00 0.55 -3.96
CA PHE A 159 21.00 0.29 -2.93
C PHE A 159 21.18 1.32 -1.84
N THR A 160 20.19 1.38 -0.96
CA THR A 160 20.15 2.39 0.09
C THR A 160 20.98 1.98 1.30
N PHE A 161 21.79 2.90 1.81
CA PHE A 161 22.63 2.56 2.98
C PHE A 161 21.88 2.94 4.24
N PHE A 162 20.94 2.07 4.63
CA PHE A 162 20.07 2.34 5.78
C PHE A 162 20.85 2.40 7.08
N GLY A 163 20.53 3.38 7.90
CA GLY A 163 21.10 3.50 9.23
C GLY A 163 20.20 2.94 10.31
N GLY A 164 20.82 2.42 11.36
CA GLY A 164 20.11 2.01 12.56
C GLY A 164 20.40 0.57 12.92
N ILE A 165 19.72 0.11 13.97
CA ILE A 165 19.93 -1.22 14.54
C ILE A 165 18.76 -2.07 14.04
N TYR A 166 18.96 -2.69 12.87
CA TYR A 166 17.87 -3.37 12.17
CA TYR A 166 17.90 -3.37 12.12
C TYR A 166 17.96 -4.90 12.25
N ARG A 167 18.77 -5.43 13.15
CA ARG A 167 18.73 -6.85 13.47
C ARG A 167 18.69 -7.00 14.99
N ASP A 168 18.41 -8.23 15.42
CA ASP A 168 18.21 -8.54 16.83
C ASP A 168 19.39 -8.10 17.69
N VAL A 169 19.09 -7.71 18.93
CA VAL A 169 20.11 -7.46 19.95
C VAL A 169 19.87 -8.43 21.10
N TRP A 170 20.94 -9.08 21.56
CA TRP A 170 20.83 -10.14 22.55
C TRP A 170 21.61 -9.82 23.83
N LEU A 171 21.11 -10.37 24.95
CA LEU A 171 21.92 -10.63 26.14
C LEU A 171 22.09 -12.13 26.30
N THR A 172 23.34 -12.56 26.48
CA THR A 172 23.65 -13.93 26.83
C THR A 172 24.42 -13.92 28.15
N ALA A 173 23.84 -14.56 29.17
CA ALA A 173 24.49 -14.78 30.45
C ALA A 173 25.05 -16.20 30.49
N VAL A 174 26.35 -16.32 30.76
CA VAL A 174 26.98 -17.64 30.86
C VAL A 174 27.78 -17.71 32.16
N PRO A 175 28.03 -18.92 32.66
CA PRO A 175 28.96 -19.07 33.79
C PRO A 175 30.37 -18.65 33.43
N ASN A 176 31.26 -18.66 34.43
CA ASN A 176 32.61 -18.13 34.22
C ASN A 176 33.45 -18.96 33.27
N GLN A 177 33.11 -20.23 33.06
CA GLN A 177 33.70 -21.05 32.00
C GLN A 177 32.63 -21.29 30.96
N HIS A 178 32.92 -20.93 29.72
CA HIS A 178 31.93 -20.87 28.67
C HIS A 178 32.66 -20.86 27.34
N PHE A 179 31.94 -21.17 26.28
CA PHE A 179 32.53 -21.07 24.96
C PHE A 179 32.73 -19.61 24.59
N ASN A 180 33.81 -19.36 23.84
CA ASN A 180 34.19 -17.99 23.48
C ASN A 180 33.11 -17.35 22.62
N LEU A 181 32.48 -16.30 23.14
CA LEU A 181 31.43 -15.62 22.41
C LEU A 181 31.88 -14.26 21.90
N THR A 182 33.15 -13.89 22.08
CA THR A 182 33.63 -12.57 21.67
C THR A 182 34.77 -12.70 20.66
N ASN A 183 34.75 -13.77 19.87
CA ASN A 183 35.60 -13.94 18.70
C ASN A 183 34.82 -13.47 17.46
N HIS A 184 35.07 -12.23 17.05
CA HIS A 184 34.49 -11.65 15.81
C HIS A 184 32.98 -11.85 15.73
N GLY A 185 32.32 -11.74 16.89
CA GLY A 185 30.87 -11.85 16.95
C GLY A 185 30.32 -13.22 16.62
N SER A 186 31.15 -14.26 16.63
CA SER A 186 30.69 -15.58 16.22
C SER A 186 30.29 -16.41 17.45
N ASP A 187 29.90 -17.67 17.20
CA ASP A 187 29.59 -18.63 18.25
C ASP A 187 30.83 -19.25 18.87
N GLY A 188 32.00 -19.01 18.28
CA GLY A 188 33.26 -19.53 18.80
C GLY A 188 33.56 -20.97 18.42
N LEU A 189 32.66 -21.66 17.74
CA LEU A 189 32.91 -23.03 17.33
C LEU A 189 32.97 -23.11 15.81
N PHE A 190 33.75 -24.07 15.33
CA PHE A 190 33.99 -24.19 13.91
C PHE A 190 34.07 -25.67 13.58
N ILE A 191 33.10 -26.12 12.79
CA ILE A 191 32.94 -27.52 12.44
C ILE A 191 33.04 -27.65 10.93
N SER A 192 33.94 -28.50 10.46
CA SER A 192 34.10 -28.72 9.03
C SER A 192 34.45 -30.18 8.78
N THR A 193 34.37 -30.55 7.50
CA THR A 193 34.51 -31.93 7.02
C THR A 193 35.70 -31.99 6.07
N PRO A 194 36.92 -32.26 6.57
CA PRO A 194 38.09 -32.20 5.68
C PRO A 194 38.05 -33.21 4.53
N GLN A 195 37.36 -34.34 4.64
CA GLN A 195 37.23 -35.22 3.50
C GLN A 195 35.82 -35.78 3.45
N VAL A 196 35.27 -35.87 2.23
CA VAL A 196 33.90 -36.31 1.99
C VAL A 196 33.86 -37.12 0.70
N SER A 197 33.33 -38.34 0.80
CA SER A 197 33.02 -39.19 -0.34
C SER A 197 31.75 -39.94 -0.04
N GLU A 198 31.26 -40.70 -1.01
CA GLU A 198 30.08 -41.51 -0.75
C GLU A 198 30.36 -42.63 0.26
N GLU A 199 31.61 -43.11 0.34
CA GLU A 199 31.96 -44.21 1.23
C GLU A 199 32.18 -43.75 2.67
N GLN A 200 32.80 -42.59 2.86
CA GLN A 200 33.04 -42.11 4.21
C GLN A 200 33.41 -40.65 4.16
N ALA A 201 33.31 -40.01 5.32
CA ALA A 201 33.67 -38.62 5.51
C ALA A 201 34.31 -38.43 6.87
N THR A 202 35.20 -37.45 6.97
CA THR A 202 35.78 -37.03 8.23
C THR A 202 35.09 -35.78 8.78
N LEU A 203 35.28 -35.53 10.07
CA LEU A 203 34.60 -34.43 10.74
C LEU A 203 35.54 -33.79 11.75
N SER A 204 35.68 -32.46 11.69
CA SER A 204 36.60 -31.74 12.58
C SER A 204 35.82 -30.70 13.36
N ILE A 205 35.88 -30.80 14.70
CA ILE A 205 35.11 -29.98 15.63
C ILE A 205 36.10 -29.14 16.42
N ARG A 206 36.09 -27.83 16.19
CA ARG A 206 37.06 -26.92 16.78
C ARG A 206 36.35 -25.77 17.48
N GLY A 207 37.07 -25.10 18.35
CA GLY A 207 36.53 -23.91 19.00
C GLY A 207 37.43 -23.47 20.13
N GLU A 208 36.89 -22.57 20.96
CA GLU A 208 37.61 -22.07 22.13
C GLU A 208 36.71 -22.06 23.36
N VAL A 209 37.33 -22.26 24.52
CA VAL A 209 36.71 -22.12 25.83
C VAL A 209 37.42 -21.02 26.61
N LYS A 210 36.66 -20.18 27.29
CA LYS A 210 37.17 -19.04 28.04
C LYS A 210 36.92 -19.24 29.54
N ASN A 211 37.96 -19.11 30.33
CA ASN A 211 37.86 -19.18 31.78
C ASN A 211 37.92 -17.76 32.30
N ASP A 212 36.75 -17.17 32.60
CA ASP A 212 36.70 -15.80 33.08
C ASP A 212 36.77 -15.70 34.61
N ALA A 213 36.97 -16.82 35.31
CA ALA A 213 37.12 -16.86 36.75
C ALA A 213 38.56 -16.52 37.13
N PRO A 214 38.78 -15.94 38.33
CA PRO A 214 40.16 -15.74 38.82
C PRO A 214 40.84 -17.02 39.29
N GLU A 215 40.11 -18.13 39.38
CA GLU A 215 40.62 -19.44 39.79
C GLU A 215 40.69 -20.40 38.60
N LYS A 216 41.72 -21.25 38.61
CA LYS A 216 41.90 -22.30 37.64
C LYS A 216 40.66 -23.20 37.58
N ALA A 217 40.44 -23.84 36.43
CA ALA A 217 39.26 -24.67 36.31
C ALA A 217 39.56 -25.91 35.48
N THR A 218 39.01 -27.03 35.94
CA THR A 218 39.19 -28.31 35.28
C THR A 218 37.82 -28.79 34.83
N LEU A 219 37.71 -29.11 33.55
CA LEU A 219 36.41 -29.23 32.89
C LEU A 219 36.38 -30.49 32.05
N GLU A 220 35.16 -30.92 31.75
CA GLU A 220 34.92 -31.97 30.76
C GLU A 220 34.22 -31.37 29.53
N LEU A 221 34.79 -31.61 28.36
CA LEU A 221 34.26 -31.16 27.07
C LEU A 221 33.66 -32.35 26.32
N THR A 222 32.37 -32.26 25.96
CA THR A 222 31.66 -33.35 25.30
C THR A 222 31.11 -32.90 23.95
N HIS A 223 31.39 -33.67 22.89
CA HIS A 223 30.75 -33.52 21.58
C HIS A 223 29.82 -34.70 21.36
N THR A 224 28.54 -34.42 21.09
CA THR A 224 27.57 -35.45 20.80
C THR A 224 27.06 -35.24 19.37
N ILE A 225 27.23 -36.25 18.53
CA ILE A 225 26.95 -36.14 17.10
C ILE A 225 25.77 -37.02 16.76
N TYR A 226 24.75 -36.44 16.13
CA TYR A 226 23.50 -37.13 15.83
C TYR A 226 23.32 -37.33 14.34
N ARG A 227 22.81 -38.50 13.96
CA ARG A 227 22.40 -38.73 12.59
C ARG A 227 21.22 -37.80 12.24
N PRO A 228 20.96 -37.60 10.94
CA PRO A 228 19.76 -36.83 10.55
C PRO A 228 18.48 -37.28 11.23
N ASP A 229 18.31 -38.60 11.45
CA ASP A 229 17.10 -39.12 12.05
C ASP A 229 17.03 -38.94 13.55
N GLY A 230 18.02 -38.29 14.17
CA GLY A 230 17.98 -38.00 15.59
C GLY A 230 18.76 -38.96 16.47
N THR A 231 19.06 -40.18 15.99
CA THR A 231 19.76 -41.14 16.82
C THR A 231 21.22 -40.71 17.02
N LEU A 232 21.74 -41.05 18.20
CA LEU A 232 23.12 -40.74 18.57
C LEU A 232 24.09 -41.57 17.73
N LEU A 233 25.06 -40.91 17.13
CA LEU A 233 26.12 -41.58 16.38
C LEU A 233 27.41 -41.68 17.17
N GLN A 234 27.82 -40.61 17.85
CA GLN A 234 29.08 -40.67 18.56
C GLN A 234 29.12 -39.63 19.67
N THR A 235 29.77 -40.00 20.76
CA THR A 235 30.10 -39.10 21.87
C THR A 235 31.61 -39.03 21.98
N LEU A 236 32.17 -37.83 21.91
CA LEU A 236 33.58 -37.57 22.14
C LEU A 236 33.71 -36.80 23.45
N LYS A 237 34.72 -37.14 24.24
CA LYS A 237 34.94 -36.53 25.56
C LYS A 237 36.42 -36.26 25.76
N LYS A 238 36.74 -35.06 26.22
CA LYS A 238 38.09 -34.72 26.59
C LYS A 238 38.07 -33.92 27.88
N ASN A 239 39.03 -34.17 28.75
CA ASN A 239 39.24 -33.29 29.88
C ASN A 239 40.16 -32.16 29.46
N ILE A 240 39.82 -30.97 29.91
CA ILE A 240 40.65 -29.80 29.67
C ILE A 240 40.80 -29.08 31.01
N GLN A 241 41.89 -28.34 31.11
CA GLN A 241 42.14 -27.55 32.29
C GLN A 241 42.59 -26.18 31.85
N LEU A 242 42.02 -25.15 32.46
CA LEU A 242 42.27 -23.77 32.08
C LEU A 242 42.77 -22.99 33.29
N LYS A 243 43.87 -22.28 33.11
CA LYS A 243 44.30 -21.30 34.08
C LYS A 243 43.24 -20.20 34.20
N ALA A 244 43.36 -19.37 35.24
CA ALA A 244 42.54 -18.18 35.31
C ALA A 244 42.78 -17.29 34.10
N GLY A 245 41.70 -16.72 33.56
CA GLY A 245 41.76 -15.81 32.42
C GLY A 245 42.10 -16.42 31.09
N GLU A 246 42.23 -17.74 30.99
CA GLU A 246 42.82 -18.35 29.81
C GLU A 246 41.77 -18.66 28.75
N THR A 247 42.19 -18.57 27.49
CA THR A 247 41.44 -19.03 26.34
C THR A 247 42.08 -20.31 25.80
N TYR A 248 41.29 -21.38 25.70
CA TYR A 248 41.77 -22.72 25.38
C TYR A 248 41.21 -23.14 24.02
N ALA A 249 42.09 -23.42 23.08
CA ALA A 249 41.68 -23.83 21.75
C ALA A 249 41.69 -25.36 21.68
N PHE A 250 40.55 -25.94 21.34
CA PHE A 250 40.41 -27.38 21.17
C PHE A 250 40.13 -27.68 19.71
N SER A 251 40.64 -28.82 19.26
CA SER A 251 40.41 -29.33 17.91
C SER A 251 40.24 -30.84 18.03
N ASN A 252 39.03 -31.34 17.77
CA ASN A 252 38.73 -32.74 18.01
C ASN A 252 38.22 -33.39 16.73
N GLU A 253 38.70 -34.58 16.48
CA GLU A 253 38.37 -35.30 15.25
C GLU A 253 37.43 -36.43 15.63
N ALA A 254 36.31 -36.53 14.93
CA ALA A 254 35.42 -37.63 15.21
C ALA A 254 35.88 -38.87 14.45
N THR A 255 35.30 -40.02 14.80
CA THR A 255 35.49 -41.22 14.00
C THR A 255 35.01 -40.93 12.59
N PRO A 256 35.68 -41.46 11.56
CA PRO A 256 35.12 -41.35 10.21
C PRO A 256 33.68 -41.83 10.20
N VAL A 257 32.83 -41.07 9.51
CA VAL A 257 31.43 -41.44 9.35
C VAL A 257 31.30 -42.33 8.12
N LEU A 258 30.75 -43.53 8.30
CA LEU A 258 30.61 -44.46 7.20
C LEU A 258 29.31 -44.24 6.45
N LYS A 259 29.38 -44.38 5.13
CA LYS A 259 28.27 -44.11 4.21
C LYS A 259 27.46 -42.88 4.67
N PRO A 260 28.09 -41.71 4.73
CA PRO A 260 27.40 -40.52 5.26
C PRO A 260 26.21 -40.16 4.40
N GLU A 261 25.14 -39.71 5.05
CA GLU A 261 23.99 -39.20 4.32
C GLU A 261 24.35 -37.85 3.74
N LEU A 262 24.33 -37.77 2.41
CA LEU A 262 24.84 -36.58 1.72
C LEU A 262 23.80 -35.47 1.66
N TRP A 263 24.27 -34.23 1.78
CA TRP A 263 23.39 -33.06 1.77
C TRP A 263 23.28 -32.54 0.34
N THR A 264 22.04 -32.26 -0.10
CA THR A 264 21.79 -31.43 -1.29
C THR A 264 20.63 -30.51 -0.98
N PRO A 265 20.35 -29.49 -1.80
CA PRO A 265 19.11 -28.73 -1.60
C PRO A 265 17.88 -29.60 -1.65
N GLU A 266 17.92 -30.68 -2.44
CA GLU A 266 16.79 -31.58 -2.53
C GLU A 266 16.72 -32.54 -1.37
N THR A 267 17.84 -32.83 -0.69
CA THR A 267 17.86 -33.72 0.48
C THR A 267 18.73 -33.12 1.56
N PRO A 268 18.22 -32.11 2.26
CA PRO A 268 19.07 -31.41 3.24
C PRO A 268 19.31 -32.19 4.55
N ARG A 269 20.07 -33.29 4.48
CA ARG A 269 20.36 -34.12 5.64
C ARG A 269 21.36 -33.39 6.54
N LEU A 270 20.97 -33.09 7.78
CA LEU A 270 21.85 -32.42 8.72
C LEU A 270 22.23 -33.35 9.87
N TYR A 271 23.49 -33.27 10.30
CA TYR A 271 23.99 -33.96 11.48
C TYR A 271 24.16 -32.95 12.59
N ARG A 272 23.39 -33.11 13.68
CA ARG A 272 23.52 -32.22 14.83
C ARG A 272 24.80 -32.53 15.62
N VAL A 273 25.61 -31.51 15.85
CA VAL A 273 26.75 -31.62 16.77
C VAL A 273 26.40 -30.84 18.02
N GLU A 274 26.32 -31.54 19.15
CA GLU A 274 26.06 -30.88 20.43
C GLU A 274 27.35 -30.85 21.25
N THR A 275 27.77 -29.65 21.66
CA THR A 275 29.00 -29.43 22.38
C THR A 275 28.70 -28.91 23.79
N THR A 276 29.16 -29.63 24.80
CA THR A 276 28.77 -29.40 26.17
C THR A 276 30.01 -29.26 27.04
N LEU A 277 29.93 -28.35 28.00
CA LEU A 277 31.00 -28.07 28.93
C LEU A 277 30.50 -28.39 30.33
N ARG A 278 31.25 -29.21 31.06
CA ARG A 278 30.86 -29.66 32.39
C ARG A 278 32.00 -29.45 33.38
N ASN A 279 31.62 -29.14 34.62
CA ASN A 279 32.60 -29.06 35.70
C ASN A 279 33.09 -30.48 36.02
N ARG A 280 34.40 -30.70 35.84
CA ARG A 280 34.98 -32.03 35.93
C ARG A 280 34.55 -32.77 37.19
N LYS A 281 34.66 -32.12 38.36
CA LYS A 281 34.26 -32.79 39.60
C LYS A 281 32.75 -32.96 39.68
N THR A 282 32.02 -31.87 39.79
CA THR A 282 30.60 -31.92 40.13
C THR A 282 29.74 -32.40 38.96
N LYS A 283 30.31 -32.53 37.77
CA LYS A 283 29.59 -32.89 36.54
C LYS A 283 28.45 -31.92 36.22
N THR A 284 28.41 -30.75 36.85
CA THR A 284 27.36 -29.77 36.53
C THR A 284 27.62 -29.15 35.15
N LEU A 285 26.54 -28.97 34.42
CA LEU A 285 26.59 -28.41 33.08
C LEU A 285 26.79 -26.91 33.17
N LEU A 286 27.80 -26.40 32.46
CA LEU A 286 28.12 -24.98 32.46
C LEU A 286 27.60 -24.29 31.19
N ASP A 287 27.98 -24.81 30.03
CA ASP A 287 27.63 -24.18 28.77
C ASP A 287 27.29 -25.26 27.77
N GLN A 288 26.55 -24.87 26.73
CA GLN A 288 26.16 -25.79 25.68
C GLN A 288 25.90 -25.01 24.40
N SER A 289 26.47 -25.49 23.29
CA SER A 289 26.29 -24.88 21.99
C SER A 289 25.93 -25.97 20.99
N ASN A 290 24.88 -25.75 20.22
CA ASN A 290 24.43 -26.68 19.18
C ASN A 290 24.72 -26.13 17.80
N HIS A 291 25.21 -26.99 16.90
CA HIS A 291 25.41 -26.60 15.51
C HIS A 291 25.07 -27.76 14.60
N TYR A 292 24.86 -27.43 13.34
CA TYR A 292 24.65 -28.40 12.29
C TYR A 292 25.92 -28.54 11.47
N THR A 293 26.25 -29.77 11.11
CA THR A 293 27.16 -29.93 9.99
C THR A 293 26.46 -30.80 8.96
N ALA A 294 27.04 -30.90 7.77
CA ALA A 294 26.51 -31.76 6.72
C ALA A 294 27.66 -32.24 5.86
N PHE A 295 27.41 -33.31 5.10
CA PHE A 295 28.44 -33.95 4.29
C PHE A 295 28.12 -33.72 2.82
N ARG A 296 29.00 -32.99 2.15
CA ARG A 296 28.84 -32.74 0.73
C ARG A 296 30.17 -32.26 0.17
N TRP A 297 30.38 -32.46 -1.12
CA TRP A 297 31.52 -31.89 -1.79
C TRP A 297 31.07 -31.37 -3.15
N PHE A 298 31.78 -30.35 -3.64
CA PHE A 298 31.35 -29.67 -4.85
C PHE A 298 32.57 -29.33 -5.67
N ARG A 299 32.32 -28.93 -6.91
CA ARG A 299 33.39 -28.64 -7.84
C ARG A 299 32.85 -27.78 -8.99
N PHE A 300 33.70 -26.89 -9.49
CA PHE A 300 33.38 -26.00 -10.59
C PHE A 300 34.33 -26.29 -11.74
N ASP A 301 33.78 -26.57 -12.91
CA ASP A 301 34.56 -26.90 -14.08
C ASP A 301 34.29 -25.90 -15.19
N GLY A 302 35.35 -25.44 -15.86
CA GLY A 302 35.19 -24.49 -16.93
C GLY A 302 34.45 -25.05 -18.13
N ASP A 303 34.65 -26.35 -18.43
CA ASP A 303 33.91 -26.97 -19.53
C ASP A 303 32.51 -27.41 -19.11
N GLU A 304 32.40 -28.12 -17.97
CA GLU A 304 31.22 -28.93 -17.66
C GLU A 304 30.35 -28.38 -16.53
N GLY A 305 30.69 -27.19 -16.01
CA GLY A 305 29.87 -26.52 -15.02
C GLY A 305 30.08 -26.97 -13.59
N PHE A 306 28.99 -27.05 -12.83
CA PHE A 306 29.05 -27.32 -11.41
C PHE A 306 28.71 -28.78 -11.14
N PHE A 307 29.44 -29.39 -10.19
CA PHE A 307 29.17 -30.75 -9.74
C PHE A 307 28.92 -30.75 -8.23
N LEU A 308 27.84 -31.41 -7.81
CA LEU A 308 27.52 -31.55 -6.39
C LEU A 308 27.50 -33.03 -6.03
N ASN A 309 28.38 -33.41 -5.10
CA ASN A 309 28.47 -34.79 -4.63
C ASN A 309 28.80 -35.75 -5.77
N GLY A 310 29.58 -35.28 -6.75
CA GLY A 310 29.98 -36.07 -7.90
C GLY A 310 29.06 -36.00 -9.10
N LYS A 311 27.92 -35.38 -8.98
CA LYS A 311 26.91 -35.39 -10.02
C LYS A 311 26.74 -34.01 -10.65
N PRO A 312 26.58 -33.94 -11.98
CA PRO A 312 26.30 -32.64 -12.61
C PRO A 312 25.08 -32.00 -11.98
N TYR A 313 25.17 -30.69 -11.75
CA TYR A 313 24.14 -29.96 -11.02
C TYR A 313 24.09 -28.53 -11.55
N LYS A 314 22.93 -28.14 -12.08
CA LYS A 314 22.72 -26.77 -12.57
C LYS A 314 22.29 -25.89 -11.40
N LEU A 315 23.00 -24.78 -11.20
CA LEU A 315 22.65 -23.82 -10.15
C LEU A 315 21.48 -22.97 -10.61
N ARG A 316 20.35 -23.14 -9.96
CA ARG A 316 19.14 -22.42 -10.29
C ARG A 316 18.96 -21.38 -9.19
N GLY A 317 19.53 -20.20 -9.42
CA GLY A 317 19.68 -19.24 -8.37
C GLY A 317 18.88 -17.97 -8.53
N ILE A 318 18.74 -17.23 -7.42
CA ILE A 318 18.24 -15.87 -7.36
C ILE A 318 19.11 -15.12 -6.37
N CYS A 319 19.05 -13.79 -6.45
CA CYS A 319 19.65 -12.88 -5.48
C CYS A 319 18.55 -12.26 -4.65
N ARG A 320 18.88 -11.83 -3.43
CA ARG A 320 17.88 -11.32 -2.51
C ARG A 320 18.44 -10.12 -1.77
N HIS A 321 17.83 -8.96 -1.95
CA HIS A 321 18.09 -7.86 -1.05
C HIS A 321 17.19 -8.02 0.18
N GLN A 322 17.54 -7.33 1.27
CA GLN A 322 16.92 -7.60 2.57
C GLN A 322 15.94 -6.54 3.05
N ASP A 323 15.54 -5.59 2.20
CA ASP A 323 14.62 -4.55 2.65
C ASP A 323 13.19 -4.84 2.19
N GLN A 324 12.24 -4.16 2.80
CA GLN A 324 10.84 -4.29 2.42
C GLN A 324 10.16 -2.94 2.59
N LYS A 325 9.63 -2.39 1.51
CA LYS A 325 8.93 -1.12 1.60
C LYS A 325 7.73 -1.25 2.52
N PRO A 326 7.51 -0.32 3.46
CA PRO A 326 8.30 0.87 3.78
C PRO A 326 9.13 0.79 5.05
N ILE A 327 9.40 -0.41 5.56
CA ILE A 327 10.11 -0.57 6.83
C ILE A 327 11.60 -0.80 6.64
N GLY A 328 12.09 -0.82 5.41
CA GLY A 328 13.51 -0.92 5.17
C GLY A 328 14.03 -2.30 5.51
N PRO A 329 15.24 -2.35 6.07
CA PRO A 329 15.79 -3.64 6.50
C PRO A 329 15.27 -4.14 7.84
N ALA A 330 14.41 -3.38 8.52
CA ALA A 330 13.90 -3.73 9.84
C ALA A 330 12.88 -4.86 9.77
N LEU A 331 13.30 -6.00 9.23
CA LEU A 331 12.43 -7.15 9.09
C LEU A 331 12.46 -7.97 10.37
N THR A 332 11.31 -8.53 10.75
CA THR A 332 11.33 -9.55 11.78
C THR A 332 11.72 -10.89 11.14
N ASP A 333 12.14 -11.84 11.98
CA ASP A 333 12.71 -13.06 11.38
C ASP A 333 11.67 -13.90 10.64
N GLU A 334 10.39 -13.84 10.97
CA GLU A 334 9.42 -14.56 10.16
C GLU A 334 9.27 -13.95 8.76
N MET A 335 9.71 -12.69 8.57
CA MET A 335 9.75 -12.14 7.22
C MET A 335 10.92 -12.67 6.40
N HIS A 336 12.08 -12.88 7.03
CA HIS A 336 13.16 -13.57 6.32
C HIS A 336 12.74 -14.97 5.93
N ARG A 337 12.03 -15.66 6.83
CA ARG A 337 11.58 -17.01 6.54
C ARG A 337 10.52 -17.00 5.45
N ARG A 338 9.63 -16.00 5.47
CA ARG A 338 8.67 -15.83 4.38
C ARG A 338 9.38 -15.69 3.02
N ASP A 339 10.40 -14.84 2.96
CA ASP A 339 11.14 -14.65 1.72
C ASP A 339 11.79 -15.95 1.27
N PHE A 340 12.29 -16.74 2.21
CA PHE A 340 12.94 -17.98 1.80
C PHE A 340 11.93 -18.96 1.22
N LEU A 341 10.78 -19.09 1.89
CA LEU A 341 9.76 -20.03 1.43
C LEU A 341 9.35 -19.72 0.00
N LEU A 342 9.05 -18.45 -0.29
CA LEU A 342 8.76 -18.07 -1.67
C LEU A 342 9.90 -18.44 -2.62
N MET A 343 11.15 -18.17 -2.21
CA MET A 343 12.27 -18.53 -3.07
C MET A 343 12.33 -20.04 -3.28
N LYS A 344 12.09 -20.82 -2.22
CA LYS A 344 12.18 -22.27 -2.30
C LYS A 344 11.02 -22.86 -3.09
N GLU A 345 9.82 -22.31 -2.90
CA GLU A 345 8.66 -22.76 -3.66
C GLU A 345 8.83 -22.50 -5.16
N MET A 346 9.64 -21.52 -5.54
CA MET A 346 9.85 -21.24 -6.94
C MET A 346 10.68 -22.30 -7.61
N GLY A 347 11.43 -23.09 -6.83
CA GLY A 347 12.34 -24.07 -7.39
C GLY A 347 13.81 -23.69 -7.33
N ALA A 348 14.15 -22.56 -6.74
CA ALA A 348 15.56 -22.19 -6.65
C ALA A 348 16.33 -23.22 -5.80
N ASN A 349 17.59 -23.44 -6.15
CA ASN A 349 18.46 -24.31 -5.35
C ASN A 349 19.71 -23.59 -4.94
N PHE A 350 19.79 -22.29 -5.22
CA PHE A 350 20.99 -21.50 -5.05
C PHE A 350 20.53 -20.08 -4.80
N ILE A 351 21.15 -19.42 -3.84
CA ILE A 351 20.86 -18.04 -3.55
C ILE A 351 22.19 -17.30 -3.50
N ARG A 352 22.25 -16.16 -4.16
CA ARG A 352 23.37 -15.24 -3.99
C ARG A 352 22.93 -14.21 -2.98
N ILE A 353 23.48 -14.31 -1.78
CA ILE A 353 23.17 -13.42 -0.65
C ILE A 353 24.05 -12.19 -0.84
N SER A 354 23.49 -11.12 -1.37
CA SER A 354 24.26 -9.95 -1.79
C SER A 354 23.45 -8.69 -1.55
N HIS A 355 24.13 -7.54 -1.48
CA HIS A 355 25.58 -7.43 -1.62
C HIS A 355 26.31 -7.52 -0.30
N TYR A 356 25.58 -7.92 0.74
CA TYR A 356 26.07 -7.97 2.10
C TYR A 356 25.60 -9.28 2.75
N PRO A 357 26.28 -9.72 3.81
CA PRO A 357 25.76 -10.87 4.57
C PRO A 357 24.46 -10.53 5.27
N GLN A 358 23.60 -11.54 5.43
CA GLN A 358 22.27 -11.27 5.91
C GLN A 358 21.88 -12.09 7.15
N ASP A 359 20.62 -12.01 7.53
CA ASP A 359 20.17 -12.53 8.81
C ASP A 359 20.45 -14.02 8.97
N ASP A 360 20.88 -14.38 10.19
CA ASP A 360 21.00 -15.79 10.58
C ASP A 360 19.70 -16.55 10.34
N ALA A 361 18.53 -15.91 10.52
CA ALA A 361 17.27 -16.57 10.21
C ALA A 361 17.22 -17.06 8.77
N LEU A 362 17.87 -16.34 7.84
CA LEU A 362 17.86 -16.77 6.45
C LEU A 362 18.79 -17.98 6.24
N LEU A 363 20.01 -17.92 6.77
CA LEU A 363 20.94 -19.03 6.56
C LEU A 363 20.44 -20.31 7.22
N GLU A 364 19.70 -20.18 8.33
CA GLU A 364 19.12 -21.35 8.99
C GLU A 364 18.22 -22.13 8.02
N MET A 365 17.39 -21.42 7.24
CA MET A 365 16.51 -22.10 6.31
C MET A 365 17.29 -22.73 5.17
N CYS A 366 18.37 -22.09 4.73
CA CYS A 366 19.19 -22.67 3.68
C CYS A 366 19.71 -24.06 4.09
N ASP A 367 20.23 -24.19 5.30
CA ASP A 367 20.74 -25.48 5.78
C ASP A 367 19.61 -26.49 5.95
N LYS A 368 18.50 -26.07 6.54
CA LYS A 368 17.49 -27.02 7.01
C LYS A 368 16.44 -27.34 5.94
N LEU A 369 16.04 -26.37 5.13
CA LEU A 369 15.08 -26.61 4.06
C LEU A 369 15.72 -26.78 2.70
N GLY A 370 17.00 -26.44 2.55
CA GLY A 370 17.74 -26.80 1.35
C GLY A 370 17.91 -25.75 0.29
N MET A 371 19.10 -25.10 0.29
CA MET A 371 19.49 -24.12 -0.73
C MET A 371 20.97 -23.81 -0.63
N LEU A 372 21.70 -24.05 -1.71
CA LEU A 372 23.09 -23.66 -1.79
C LEU A 372 23.21 -22.14 -1.79
N ALA A 373 24.34 -21.64 -1.29
CA ALA A 373 24.44 -20.23 -0.99
C ALA A 373 25.83 -19.69 -1.32
N TRP A 374 25.81 -18.51 -1.91
CA TRP A 374 26.95 -17.66 -2.11
C TRP A 374 26.71 -16.44 -1.22
N GLU A 375 27.70 -16.05 -0.43
CA GLU A 375 27.59 -14.85 0.38
C GLU A 375 28.81 -13.97 0.21
N GLU A 376 28.58 -12.66 0.17
CA GLU A 376 29.63 -11.69 -0.11
C GLU A 376 29.47 -10.49 0.81
N ILE A 377 30.55 -9.69 0.89
CA ILE A 377 30.52 -8.38 1.56
C ILE A 377 30.48 -7.27 0.52
N PRO A 378 29.99 -6.06 0.86
CA PRO A 378 29.67 -5.04 -0.18
C PRO A 378 30.80 -4.08 -0.56
N ILE A 379 31.80 -4.59 -1.24
CA ILE A 379 32.86 -3.78 -1.81
C ILE A 379 32.53 -3.59 -3.28
N ILE A 380 32.01 -2.42 -3.64
CA ILE A 380 31.32 -2.21 -4.90
C ILE A 380 31.85 -0.95 -5.59
N ASP A 381 31.81 -0.96 -6.93
CA ASP A 381 31.94 0.21 -7.82
C ASP A 381 33.35 0.78 -7.95
N ILE A 382 34.04 1.05 -6.83
CA ILE A 382 35.34 1.71 -6.89
C ILE A 382 36.04 1.53 -5.54
N VAL A 383 37.30 1.10 -5.56
CA VAL A 383 38.08 1.08 -4.33
C VAL A 383 38.56 2.50 -4.06
N PRO A 384 38.01 3.19 -3.06
CA PRO A 384 38.39 4.58 -2.84
C PRO A 384 39.82 4.67 -2.33
N ASN A 385 40.28 5.90 -2.22
CA ASN A 385 41.58 6.19 -1.62
C ASN A 385 41.32 6.77 -0.21
N THR A 386 40.81 5.91 0.66
CA THR A 386 40.37 6.30 2.00
C THR A 386 41.12 5.47 3.03
N PRO A 387 41.81 6.09 3.98
CA PRO A 387 42.54 5.32 4.98
C PRO A 387 41.61 4.49 5.85
N GLY A 388 42.03 3.24 6.12
CA GLY A 388 41.25 2.33 6.93
C GLY A 388 40.15 1.58 6.21
N TYR A 389 39.81 1.96 4.97
CA TYR A 389 38.80 1.24 4.21
C TYR A 389 39.24 -0.20 3.94
N GLY A 390 40.44 -0.37 3.39
CA GLY A 390 40.99 -1.72 3.25
C GLY A 390 40.94 -2.52 4.54
N ASP A 391 41.37 -1.90 5.66
CA ASP A 391 41.39 -2.60 6.94
C ASP A 391 39.99 -3.03 7.37
N ASN A 392 39.01 -2.14 7.20
CA ASN A 392 37.64 -2.49 7.59
C ASN A 392 37.05 -3.55 6.66
N CYS A 393 37.39 -3.53 5.37
CA CYS A 393 36.96 -4.60 4.50
C CYS A 393 37.51 -5.95 4.95
N GLU A 394 38.80 -5.99 5.30
CA GLU A 394 39.38 -7.23 5.77
C GLU A 394 38.69 -7.70 7.05
N ARG A 395 38.42 -6.79 7.99
CA ARG A 395 37.73 -7.19 9.23
C ARG A 395 36.33 -7.72 8.92
N ASN A 396 35.58 -7.05 8.05
CA ASN A 396 34.27 -7.54 7.68
C ASN A 396 34.32 -8.93 7.03
N LEU A 397 35.34 -9.20 6.21
CA LEU A 397 35.42 -10.54 5.60
C LEU A 397 35.66 -11.61 6.66
N ARG A 398 36.57 -11.38 7.62
CA ARG A 398 36.78 -12.34 8.72
C ARG A 398 35.51 -12.51 9.54
N GLU A 399 34.78 -11.45 9.78
CA GLU A 399 33.55 -11.54 10.56
C GLU A 399 32.50 -12.37 9.84
N MET A 400 32.31 -12.13 8.54
CA MET A 400 31.33 -12.91 7.80
C MET A 400 31.68 -14.40 7.83
N ILE A 401 32.94 -14.74 7.55
CA ILE A 401 33.30 -16.15 7.47
C ILE A 401 33.17 -16.81 8.84
N ARG A 402 33.61 -16.15 9.91
CA ARG A 402 33.55 -16.77 11.22
C ARG A 402 32.12 -16.86 11.74
N GLN A 403 31.33 -15.80 11.52
CA GLN A 403 29.96 -15.83 12.02
C GLN A 403 29.11 -16.86 11.28
N HIS A 404 29.45 -17.14 10.02
CA HIS A 404 28.64 -18.03 9.20
C HIS A 404 29.37 -19.31 8.80
N TYR A 405 30.48 -19.60 9.47
CA TYR A 405 31.32 -20.72 9.09
C TYR A 405 30.58 -22.04 9.12
N ASN A 406 29.60 -22.18 10.00
CA ASN A 406 28.98 -23.48 10.24
C ASN A 406 27.72 -23.73 9.41
N HIS A 407 27.46 -22.92 8.38
CA HIS A 407 26.31 -23.17 7.53
C HIS A 407 26.71 -24.00 6.33
N PRO A 408 26.39 -25.30 6.29
CA PRO A 408 26.85 -26.14 5.16
C PRO A 408 26.26 -25.78 3.82
N SER A 409 25.19 -24.98 3.79
CA SER A 409 24.67 -24.47 2.53
C SER A 409 25.63 -23.52 1.82
N ILE A 410 26.47 -22.81 2.58
CA ILE A 410 27.37 -21.85 1.97
C ILE A 410 28.50 -22.61 1.30
N ILE A 411 28.66 -22.41 -0.01
CA ILE A 411 29.75 -23.03 -0.73
C ILE A 411 30.73 -22.03 -1.30
N THR A 412 30.41 -20.73 -1.31
CA THR A 412 31.39 -19.77 -1.81
C THR A 412 31.23 -18.42 -1.09
N TRP A 413 32.38 -17.77 -0.84
CA TRP A 413 32.45 -16.40 -0.36
C TRP A 413 32.89 -15.48 -1.48
N GLY A 414 32.33 -14.28 -1.52
CA GLY A 414 32.79 -13.25 -2.42
C GLY A 414 33.04 -11.98 -1.64
N TYR A 415 33.66 -11.00 -2.29
CA TYR A 415 33.95 -9.76 -1.58
C TYR A 415 33.92 -8.51 -2.44
N MET A 416 33.84 -8.66 -3.77
CA MET A 416 33.83 -7.51 -4.66
C MET A 416 32.78 -7.72 -5.74
N ASN A 417 32.08 -6.65 -6.08
CA ASN A 417 31.05 -6.69 -7.11
C ASN A 417 31.25 -5.48 -8.01
N GLU A 418 31.53 -5.74 -9.30
CA GLU A 418 31.68 -4.69 -10.30
C GLU A 418 32.64 -3.60 -9.83
N ILE A 419 33.84 -4.03 -9.39
CA ILE A 419 34.77 -3.11 -8.77
C ILE A 419 35.41 -2.13 -9.75
N LEU A 420 35.18 -2.28 -11.06
CA LEU A 420 35.70 -1.36 -12.07
C LEU A 420 34.63 -0.44 -12.67
N LEU A 421 33.37 -0.60 -12.27
CA LEU A 421 32.27 0.11 -12.92
C LEU A 421 32.41 1.63 -12.80
N VAL A 422 32.62 2.14 -11.59
CA VAL A 422 32.70 3.59 -11.41
C VAL A 422 34.12 4.08 -11.68
N THR A 423 35.13 3.24 -11.43
CA THR A 423 36.50 3.56 -11.84
C THR A 423 36.55 3.98 -13.30
N GLN A 424 35.91 3.23 -14.17
CA GLN A 424 36.04 3.51 -15.59
C GLN A 424 35.09 4.60 -16.08
N ARG A 425 34.06 4.93 -15.30
CA ARG A 425 33.27 6.09 -15.65
C ARG A 425 34.03 7.37 -15.30
N LYS A 426 34.68 7.39 -14.14
CA LYS A 426 35.26 8.62 -13.60
C LYS A 426 36.59 8.98 -14.25
N TYR A 427 37.43 7.99 -14.60
CA TYR A 427 38.78 8.24 -15.07
C TYR A 427 39.01 7.61 -16.45
N LYS A 428 39.31 8.46 -17.45
CA LYS A 428 39.51 8.00 -18.81
C LYS A 428 40.97 8.05 -19.27
N THR A 429 41.88 8.59 -18.45
CA THR A 429 43.29 8.70 -18.82
C THR A 429 44.14 7.71 -18.03
N GLU A 430 45.14 7.15 -18.71
CA GLU A 430 45.99 6.12 -18.11
C GLU A 430 46.67 6.63 -16.84
N ALA A 431 46.99 7.91 -16.78
CA ALA A 431 47.62 8.45 -15.58
C ALA A 431 46.63 8.48 -14.41
N GLU A 432 45.36 8.82 -14.66
CA GLU A 432 44.40 8.75 -13.58
C GLU A 432 44.10 7.30 -13.19
N LEU A 433 44.10 6.38 -14.16
CA LEU A 433 43.72 5.00 -13.90
C LEU A 433 44.81 4.18 -13.21
N LYS A 434 46.08 4.52 -13.41
CA LYS A 434 47.15 3.67 -12.90
C LYS A 434 47.08 3.51 -11.38
N PRO A 435 46.99 4.57 -10.58
CA PRO A 435 46.93 4.34 -9.13
C PRO A 435 45.66 3.63 -8.71
N VAL A 436 44.54 3.94 -9.34
CA VAL A 436 43.29 3.32 -8.91
C VAL A 436 43.31 1.82 -9.20
N LEU A 437 43.87 1.41 -10.33
CA LEU A 437 43.99 -0.02 -10.63
C LEU A 437 44.93 -0.73 -9.67
N GLU A 438 45.98 -0.05 -9.21
CA GLU A 438 46.90 -0.68 -8.27
C GLU A 438 46.27 -0.83 -6.89
N ARG A 439 45.55 0.20 -6.44
CA ARG A 439 44.76 0.12 -5.22
C ARG A 439 43.78 -1.05 -5.27
N THR A 440 43.11 -1.23 -6.42
CA THR A 440 42.07 -2.24 -6.58
C THR A 440 42.64 -3.66 -6.60
N LEU A 441 43.64 -3.92 -7.44
CA LEU A 441 44.30 -5.23 -7.46
C LEU A 441 44.93 -5.56 -6.12
N ALA A 442 45.51 -4.57 -5.44
CA ALA A 442 46.09 -4.78 -4.12
C ALA A 442 45.03 -5.26 -3.12
N LEU A 443 43.86 -4.60 -3.07
CA LEU A 443 42.83 -4.96 -2.11
C LEU A 443 42.22 -6.33 -2.42
N ALA A 444 41.91 -6.58 -3.70
CA ALA A 444 41.43 -7.90 -4.11
C ALA A 444 42.41 -9.00 -3.70
N ASN A 445 43.70 -8.78 -3.92
CA ASN A 445 44.69 -9.80 -3.58
C ASN A 445 44.85 -9.92 -2.07
N ARG A 446 44.76 -8.81 -1.35
CA ARG A 446 44.71 -8.86 0.10
C ARG A 446 43.52 -9.70 0.56
N LEU A 447 42.34 -9.39 0.06
CA LEU A 447 41.15 -10.07 0.55
C LEU A 447 41.14 -11.55 0.15
N GLU A 448 41.75 -11.89 -0.99
CA GLU A 448 41.79 -13.29 -1.38
C GLU A 448 42.61 -14.13 -0.39
N ARG A 449 43.74 -13.60 0.11
CA ARG A 449 44.49 -14.41 1.05
C ARG A 449 43.82 -14.46 2.42
N VAL A 450 43.17 -13.38 2.85
CA VAL A 450 42.40 -13.41 4.09
C VAL A 450 41.32 -14.48 4.02
N LEU A 451 40.59 -14.53 2.89
CA LEU A 451 39.57 -15.56 2.69
C LEU A 451 40.14 -16.95 2.81
N LYS A 452 41.27 -17.22 2.15
CA LYS A 452 41.84 -18.55 2.16
C LYS A 452 42.44 -18.91 3.52
N GLU A 453 42.89 -17.90 4.28
CA GLU A 453 43.28 -18.09 5.68
C GLU A 453 42.09 -18.53 6.52
N GLU A 454 40.96 -17.84 6.36
CA GLU A 454 39.80 -18.04 7.24
C GLU A 454 39.12 -19.36 6.96
N ASP A 455 39.04 -19.75 5.69
CA ASP A 455 38.23 -20.90 5.30
C ASP A 455 38.81 -21.49 4.02
N SER A 456 39.39 -22.66 4.14
CA SER A 456 39.85 -23.44 3.01
C SER A 456 38.81 -24.45 2.52
N THR A 457 37.63 -24.47 3.10
CA THR A 457 36.63 -25.45 2.73
C THR A 457 35.71 -24.96 1.60
N ARG A 458 35.88 -23.73 1.11
CA ARG A 458 34.91 -23.10 0.23
C ARG A 458 35.61 -22.32 -0.87
N ILE A 459 34.86 -22.12 -1.96
CA ILE A 459 35.32 -21.48 -3.19
C ILE A 459 35.25 -19.97 -3.03
N SER A 460 36.17 -19.24 -3.68
CA SER A 460 36.09 -17.79 -3.72
C SER A 460 35.51 -17.34 -5.06
N THR A 461 34.80 -16.22 -5.03
CA THR A 461 34.07 -15.73 -6.20
C THR A 461 34.17 -14.21 -6.27
N MET A 462 34.04 -13.68 -7.48
CA MET A 462 34.00 -12.25 -7.73
C MET A 462 33.02 -11.98 -8.85
N ALA A 463 32.23 -10.91 -8.75
CA ALA A 463 31.21 -10.59 -9.74
C ALA A 463 31.67 -9.42 -10.59
N PHE A 464 31.56 -9.58 -11.91
CA PHE A 464 32.01 -8.60 -12.88
C PHE A 464 30.82 -7.97 -13.60
N HIS A 465 30.95 -6.68 -13.97
CA HIS A 465 30.02 -6.17 -14.96
C HIS A 465 30.51 -6.55 -16.37
N GLY A 466 29.65 -6.31 -17.36
CA GLY A 466 29.87 -6.78 -18.72
C GLY A 466 31.03 -6.20 -19.53
N SER A 467 32.24 -6.29 -19.02
CA SER A 467 33.38 -5.67 -19.67
C SER A 467 34.55 -6.62 -19.64
N ASN A 468 35.35 -6.62 -20.70
CA ASN A 468 36.50 -7.50 -20.70
C ASN A 468 37.65 -6.96 -19.89
N SER A 469 37.54 -5.74 -19.37
CA SER A 469 38.62 -5.15 -18.60
C SER A 469 38.91 -5.92 -17.31
N TYR A 470 37.97 -6.70 -16.80
CA TYR A 470 38.27 -7.56 -15.66
C TYR A 470 39.28 -8.64 -16.05
N ASN A 471 39.27 -9.07 -17.31
CA ASN A 471 40.30 -9.97 -17.80
C ASN A 471 41.60 -9.25 -18.06
N GLU A 472 41.55 -8.07 -18.67
CA GLU A 472 42.76 -7.34 -19.05
C GLU A 472 43.49 -6.74 -17.85
N THR A 473 42.78 -6.43 -16.76
CA THR A 473 43.42 -5.98 -15.53
C THR A 473 43.98 -7.10 -14.68
N GLY A 474 43.61 -8.35 -14.92
CA GLY A 474 43.99 -9.45 -14.06
C GLY A 474 43.09 -9.67 -12.86
N LEU A 475 42.00 -8.91 -12.72
CA LEU A 475 41.07 -9.20 -11.63
C LEU A 475 40.50 -10.60 -11.75
N SER A 476 40.23 -11.05 -12.98
CA SER A 476 39.64 -12.38 -13.18
C SER A 476 40.61 -13.52 -12.93
N LYS A 477 41.85 -13.26 -12.54
CA LYS A 477 42.80 -14.31 -12.25
C LYS A 477 42.94 -14.62 -10.77
N ILE A 478 42.14 -13.99 -9.92
CA ILE A 478 42.39 -13.93 -8.47
C ILE A 478 41.57 -14.97 -7.72
N THR A 479 40.28 -15.09 -8.03
CA THR A 479 39.34 -15.94 -7.31
C THR A 479 39.18 -17.27 -8.02
N ASP A 480 38.61 -18.23 -7.29
CA ASP A 480 38.41 -19.57 -7.85
C ASP A 480 37.45 -19.56 -9.03
N ILE A 481 36.41 -18.72 -8.99
CA ILE A 481 35.40 -18.68 -10.04
C ILE A 481 35.01 -17.23 -10.24
N VAL A 482 34.36 -16.96 -11.38
CA VAL A 482 34.01 -15.61 -11.77
C VAL A 482 32.52 -15.55 -12.05
N GLY A 483 31.94 -14.40 -11.76
CA GLY A 483 30.53 -14.16 -12.08
C GLY A 483 30.42 -12.98 -13.02
N TRP A 484 29.56 -13.10 -14.02
CA TRP A 484 29.31 -12.04 -14.98
C TRP A 484 27.91 -11.48 -14.77
N ASN A 485 27.81 -10.18 -14.51
CA ASN A 485 26.53 -9.47 -14.46
C ASN A 485 26.21 -8.98 -15.87
N LEU A 486 25.17 -9.53 -16.49
CA LEU A 486 24.94 -9.36 -17.92
C LEU A 486 23.53 -8.86 -18.20
N TYR A 487 23.44 -7.83 -19.05
CA TYR A 487 22.15 -7.18 -19.29
C TYR A 487 21.85 -6.89 -20.76
N GLN A 488 22.50 -7.60 -21.68
CA GLN A 488 22.18 -7.52 -23.11
C GLN A 488 20.68 -7.65 -23.34
N GLY A 489 20.10 -6.67 -24.01
CA GLY A 489 18.66 -6.65 -24.14
C GLY A 489 17.96 -5.84 -23.08
N TRP A 490 18.70 -5.27 -22.13
CA TRP A 490 18.13 -4.32 -21.18
C TRP A 490 18.87 -2.99 -21.26
N TYR A 491 20.15 -2.94 -20.85
CA TYR A 491 20.99 -1.75 -20.87
C TYR A 491 21.72 -1.59 -22.20
N GLY A 492 21.18 -2.15 -23.28
CA GLY A 492 21.83 -2.10 -24.58
C GLY A 492 21.95 -3.46 -25.24
N GLY A 493 22.24 -3.47 -26.54
CA GLY A 493 22.43 -4.72 -27.25
C GLY A 493 21.12 -5.46 -27.48
N ASP A 494 21.26 -6.59 -28.15
CA ASP A 494 20.16 -7.52 -28.37
C ASP A 494 20.21 -8.62 -27.31
N LEU A 495 19.05 -9.27 -27.11
CA LEU A 495 18.97 -10.41 -26.21
C LEU A 495 20.02 -11.47 -26.54
N THR A 496 20.27 -11.70 -27.84
CA THR A 496 21.21 -12.74 -28.24
C THR A 496 22.65 -12.38 -27.94
N GLY A 497 22.94 -11.12 -27.62
CA GLY A 497 24.30 -10.77 -27.21
C GLY A 497 24.68 -11.36 -25.87
N PHE A 498 23.70 -11.92 -25.17
CA PHE A 498 23.91 -12.62 -23.91
C PHE A 498 24.68 -13.93 -24.13
N GLU A 499 24.10 -14.86 -24.90
CA GLU A 499 24.83 -16.09 -25.22
C GLU A 499 26.09 -15.82 -26.04
N LYS A 500 26.16 -14.69 -26.76
CA LYS A 500 27.37 -14.39 -27.52
C LYS A 500 28.50 -13.95 -26.60
N PHE A 501 28.23 -13.04 -25.69
CA PHE A 501 29.22 -12.64 -24.69
C PHE A 501 29.75 -13.85 -23.93
N LEU A 502 28.85 -14.75 -23.53
CA LEU A 502 29.28 -15.93 -22.77
C LEU A 502 30.16 -16.84 -23.63
N ALA A 503 29.79 -17.06 -24.90
CA ALA A 503 30.56 -17.97 -25.74
C ALA A 503 31.98 -17.47 -25.94
N GLN A 504 32.13 -16.16 -26.13
CA GLN A 504 33.47 -15.62 -26.34
C GLN A 504 34.32 -15.72 -25.10
N GLN A 505 33.72 -15.45 -23.93
CA GLN A 505 34.44 -15.66 -22.67
C GLN A 505 34.91 -17.10 -22.55
N HIS A 506 34.04 -18.07 -22.86
CA HIS A 506 34.40 -19.45 -22.62
C HIS A 506 35.51 -19.88 -23.55
N GLN A 507 35.50 -19.39 -24.79
CA GLN A 507 36.55 -19.80 -25.70
C GLN A 507 37.88 -19.10 -25.38
N ASN A 508 37.84 -17.87 -24.86
CA ASN A 508 39.07 -17.16 -24.53
C ASN A 508 39.61 -17.46 -23.14
N HIS A 509 38.74 -17.83 -22.20
CA HIS A 509 39.16 -18.15 -20.83
C HIS A 509 38.49 -19.44 -20.36
N PRO A 510 38.80 -20.56 -21.00
CA PRO A 510 38.04 -21.80 -20.72
C PRO A 510 38.27 -22.38 -19.34
N THR A 511 39.36 -22.05 -18.65
CA THR A 511 39.53 -22.57 -17.28
C THR A 511 38.82 -21.75 -16.22
N HIS A 512 38.34 -20.53 -16.54
CA HIS A 512 37.57 -19.77 -15.56
C HIS A 512 36.12 -20.22 -15.55
N PRO A 513 35.65 -20.91 -14.50
CA PRO A 513 34.26 -21.34 -14.48
C PRO A 513 33.34 -20.17 -14.17
N MET A 514 32.16 -20.20 -14.76
CA MET A 514 31.33 -19.01 -14.89
C MET A 514 29.97 -19.24 -14.27
N ILE A 515 29.57 -18.29 -13.44
CA ILE A 515 28.19 -18.13 -13.04
C ILE A 515 27.71 -16.83 -13.68
N VAL A 516 26.49 -16.85 -14.21
CA VAL A 516 25.86 -15.58 -14.56
C VAL A 516 25.31 -15.01 -13.26
N SER A 517 26.07 -14.13 -12.61
CA SER A 517 25.72 -13.69 -11.25
C SER A 517 24.71 -12.53 -11.16
N GLU A 518 24.39 -11.89 -12.28
CA GLU A 518 23.25 -10.98 -12.31
C GLU A 518 22.67 -10.92 -13.72
N TYR A 519 21.35 -10.91 -13.82
CA TYR A 519 20.66 -10.69 -15.07
C TYR A 519 19.24 -10.38 -14.65
N GLY A 520 18.56 -9.51 -15.37
CA GLY A 520 17.23 -9.08 -14.97
C GLY A 520 16.80 -7.92 -15.83
N ALA A 521 15.52 -7.54 -15.67
CA ALA A 521 14.90 -6.48 -16.45
C ALA A 521 13.78 -5.85 -15.64
N GLY A 522 13.66 -4.53 -15.69
CA GLY A 522 12.68 -3.84 -14.87
C GLY A 522 11.27 -4.07 -15.35
N SER A 523 10.32 -3.97 -14.41
CA SER A 523 8.92 -4.05 -14.80
C SER A 523 8.05 -3.32 -13.79
N ASP A 524 6.89 -2.90 -14.27
CA ASP A 524 5.98 -2.02 -13.54
C ASP A 524 4.57 -2.57 -13.76
N LYS A 525 3.88 -2.98 -12.69
CA LYS A 525 2.55 -3.55 -12.86
C LYS A 525 1.60 -2.64 -13.66
N ARG A 526 1.89 -1.34 -13.73
CA ARG A 526 0.99 -0.38 -14.37
C ARG A 526 1.13 -0.34 -15.89
N LEU A 527 2.22 -0.87 -16.44
CA LEU A 527 2.55 -0.76 -17.85
C LEU A 527 2.40 -2.10 -18.57
N HIS A 528 1.61 -2.10 -19.64
CA HIS A 528 1.47 -3.26 -20.50
C HIS A 528 1.54 -2.81 -21.95
N SER A 529 2.10 -3.68 -22.80
CA SER A 529 2.38 -3.36 -24.19
C SER A 529 2.17 -4.60 -25.06
N LEU A 530 1.51 -4.42 -26.21
CA LEU A 530 1.41 -5.50 -27.17
C LEU A 530 2.67 -5.61 -28.01
N HIS A 531 3.55 -4.62 -27.93
CA HIS A 531 4.84 -4.62 -28.62
C HIS A 531 5.93 -4.25 -27.62
N PRO A 532 6.20 -5.13 -26.66
CA PRO A 532 7.14 -4.80 -25.58
C PRO A 532 8.52 -4.50 -26.11
N ARG A 533 9.14 -3.45 -25.54
CA ARG A 533 10.50 -3.06 -25.91
C ARG A 533 11.24 -2.61 -24.66
N ALA A 534 12.56 -2.65 -24.74
CA ALA A 534 13.36 -2.36 -23.57
C ALA A 534 13.10 -0.94 -23.08
N PHE A 535 12.99 -0.81 -21.76
CA PHE A 535 12.78 0.46 -21.07
C PHE A 535 11.41 1.08 -21.30
N ASP A 536 10.44 0.32 -21.79
CA ASP A 536 9.06 0.76 -21.60
C ASP A 536 8.54 0.34 -20.23
N PHE A 537 9.32 -0.48 -19.51
CA PHE A 537 8.99 -1.05 -18.20
C PHE A 537 7.66 -1.80 -18.22
N SER A 538 7.32 -2.42 -19.34
CA SER A 538 6.09 -3.20 -19.35
C SER A 538 6.33 -4.53 -18.67
N ILE A 539 5.28 -5.09 -18.08
CA ILE A 539 5.34 -6.46 -17.59
C ILE A 539 5.81 -7.40 -18.71
N GLU A 540 5.33 -7.17 -19.94
CA GLU A 540 5.63 -8.07 -21.06
C GLU A 540 7.10 -8.06 -21.46
N TYR A 541 7.78 -6.93 -21.35
CA TYR A 541 9.16 -6.97 -21.80
C TYR A 541 10.03 -7.77 -20.84
N GLN A 542 9.76 -7.67 -19.53
CA GLN A 542 10.53 -8.47 -18.58
C GLN A 542 10.33 -9.96 -18.85
N GLN A 543 9.11 -10.36 -19.19
CA GLN A 543 8.83 -11.74 -19.57
C GLN A 543 9.60 -12.12 -20.82
N LYS A 544 9.56 -11.30 -21.86
CA LYS A 544 10.34 -11.61 -23.05
C LYS A 544 11.82 -11.83 -22.70
N TYR A 545 12.39 -10.95 -21.89
CA TYR A 545 13.81 -11.02 -21.56
C TYR A 545 14.14 -12.28 -20.77
N LEU A 546 13.30 -12.65 -19.81
CA LEU A 546 13.58 -13.82 -18.98
C LEU A 546 13.27 -15.11 -19.72
N GLU A 547 12.17 -15.13 -20.47
CA GLU A 547 11.92 -16.26 -21.35
C GLU A 547 13.09 -16.54 -22.28
N HIS A 548 13.90 -15.52 -22.59
CA HIS A 548 15.06 -15.79 -23.40
C HIS A 548 16.26 -16.24 -22.56
N TYR A 549 16.50 -15.58 -21.43
CA TYR A 549 17.71 -15.86 -20.66
C TYR A 549 17.69 -17.24 -20.01
N LEU A 550 16.53 -17.65 -19.46
CA LEU A 550 16.52 -18.87 -18.66
C LEU A 550 16.94 -20.12 -19.44
N PRO A 551 16.35 -20.46 -20.60
CA PRO A 551 16.82 -21.65 -21.34
C PRO A 551 18.31 -21.60 -21.69
N VAL A 552 18.88 -20.42 -21.98
CA VAL A 552 20.33 -20.34 -22.17
C VAL A 552 21.06 -20.75 -20.91
N LEU A 553 20.50 -20.44 -19.74
CA LEU A 553 21.16 -20.86 -18.51
C LEU A 553 21.01 -22.37 -18.32
N GLU A 554 19.83 -22.92 -18.61
CA GLU A 554 19.61 -24.34 -18.43
C GLU A 554 20.48 -25.21 -19.35
N ASP A 555 20.74 -24.75 -20.57
CA ASP A 555 21.21 -25.64 -21.62
C ASP A 555 22.66 -25.46 -22.01
N THR A 556 23.34 -24.44 -21.52
CA THR A 556 24.75 -24.29 -21.86
C THR A 556 25.61 -24.98 -20.81
N PRO A 557 26.38 -26.02 -21.17
CA PRO A 557 27.06 -26.81 -20.13
C PRO A 557 28.10 -26.03 -19.34
N TYR A 558 28.82 -25.09 -19.97
CA TYR A 558 29.90 -24.39 -19.30
C TYR A 558 29.41 -23.18 -18.49
N ILE A 559 28.11 -23.04 -18.34
CA ILE A 559 27.52 -22.07 -17.42
C ILE A 559 27.09 -22.85 -16.18
N CYS A 560 27.78 -22.58 -15.06
CA CYS A 560 27.46 -23.30 -13.84
C CYS A 560 26.02 -23.06 -13.43
N GLY A 561 25.53 -21.87 -13.68
CA GLY A 561 24.17 -21.51 -13.37
C GLY A 561 24.08 -20.00 -13.36
N GLY A 562 22.97 -19.52 -12.81
CA GLY A 562 22.72 -18.09 -12.75
C GLY A 562 22.00 -17.74 -11.48
N THR A 563 22.15 -16.47 -11.10
CA THR A 563 21.43 -15.90 -9.96
C THR A 563 20.65 -14.69 -10.49
N HIS A 564 19.35 -14.85 -10.61
CA HIS A 564 18.50 -13.79 -11.15
C HIS A 564 18.50 -12.55 -10.28
N TRP A 565 18.57 -11.40 -10.93
CA TRP A 565 18.60 -10.10 -10.26
C TRP A 565 17.28 -9.38 -10.52
N ASN A 566 16.47 -9.14 -9.50
CA ASN A 566 16.69 -9.58 -8.11
C ASN A 566 15.45 -10.39 -7.71
N PHE A 567 15.42 -11.04 -6.54
CA PHE A 567 14.16 -11.70 -6.19
C PHE A 567 13.06 -10.67 -5.97
N ILE A 568 13.38 -9.55 -5.35
CA ILE A 568 12.40 -8.54 -4.93
C ILE A 568 12.69 -7.20 -5.60
N ASP A 569 11.62 -6.44 -5.83
CA ASP A 569 11.76 -4.99 -5.98
C ASP A 569 12.30 -4.41 -4.68
N PHE A 570 13.44 -3.73 -4.74
CA PHE A 570 14.13 -3.29 -3.52
C PHE A 570 14.50 -1.82 -3.55
N SER A 571 14.74 -1.29 -2.35
CA SER A 571 15.06 0.12 -2.17
C SER A 571 16.42 0.46 -2.79
N SER A 572 16.42 1.43 -3.70
CA SER A 572 17.66 2.06 -4.16
C SER A 572 17.32 3.52 -4.39
N ALA A 573 17.70 4.37 -3.43
CA ALA A 573 17.23 5.74 -3.36
C ALA A 573 17.62 6.54 -4.59
N LEU A 574 18.79 6.27 -5.17
CA LEU A 574 19.26 7.06 -6.30
C LEU A 574 18.54 6.73 -7.61
N ARG A 575 17.67 5.74 -7.67
CA ARG A 575 17.04 5.36 -8.94
C ARG A 575 15.81 6.19 -9.21
N ASP A 576 15.67 6.60 -10.48
CA ASP A 576 14.45 7.20 -10.97
C ASP A 576 13.74 6.13 -11.78
N GLU A 577 13.65 6.32 -13.10
CA GLU A 577 13.00 5.37 -14.01
C GLU A 577 11.52 5.31 -13.63
N SER A 578 10.86 4.17 -13.81
CA SER A 578 9.40 4.14 -13.76
C SER A 578 8.84 4.12 -12.34
N MET A 579 9.65 3.76 -11.36
CA MET A 579 9.21 3.65 -9.96
C MET A 579 10.31 4.21 -9.11
N PRO A 580 10.40 5.54 -9.01
CA PRO A 580 11.55 6.16 -8.36
C PRO A 580 11.74 5.62 -6.95
N ARG A 581 13.00 5.48 -6.55
CA ARG A 581 13.50 4.97 -5.28
C ARG A 581 13.51 3.43 -5.26
N ILE A 582 12.94 2.75 -6.26
CA ILE A 582 12.79 1.30 -6.30
C ILE A 582 13.54 0.75 -7.51
N ASN A 583 14.32 -0.29 -7.29
CA ASN A 583 14.85 -1.11 -8.38
C ASN A 583 13.80 -2.19 -8.64
N ASN A 584 13.18 -2.14 -9.82
CA ASN A 584 11.98 -2.93 -10.05
C ASN A 584 12.21 -4.18 -10.92
N LYS A 585 13.39 -4.79 -10.83
CA LYS A 585 13.68 -6.02 -11.56
C LYS A 585 13.24 -7.28 -10.80
N GLY A 586 12.35 -7.15 -9.81
CA GLY A 586 11.99 -8.29 -8.99
C GLY A 586 11.17 -9.33 -9.74
N LEU A 587 11.20 -10.56 -9.21
CA LEU A 587 10.22 -11.57 -9.54
C LEU A 587 8.98 -11.46 -8.67
N VAL A 588 9.10 -10.75 -7.55
CA VAL A 588 7.99 -10.42 -6.68
C VAL A 588 8.06 -8.93 -6.41
N TYR A 589 6.90 -8.34 -6.14
CA TYR A 589 6.80 -6.95 -5.76
C TYR A 589 7.43 -6.74 -4.37
N ALA A 590 7.56 -5.47 -3.99
CA ALA A 590 8.18 -5.14 -2.70
C ALA A 590 7.44 -5.79 -1.53
N ASP A 591 6.13 -5.88 -1.63
CA ASP A 591 5.33 -6.49 -0.58
C ASP A 591 5.31 -8.01 -0.67
N ARG A 592 6.11 -8.57 -1.58
CA ARG A 592 6.30 -10.01 -1.77
C ARG A 592 5.09 -10.70 -2.36
N THR A 593 4.14 -9.97 -2.93
CA THR A 593 3.21 -10.57 -3.87
C THR A 593 3.98 -10.95 -5.13
N PRO A 594 3.86 -12.19 -5.61
CA PRO A 594 4.62 -12.57 -6.81
C PRO A 594 4.09 -11.88 -8.05
N LYS A 595 5.02 -11.52 -8.94
CA LYS A 595 4.69 -11.23 -10.33
C LYS A 595 4.28 -12.51 -11.07
N ASP A 596 3.61 -12.35 -12.22
CA ASP A 596 3.26 -13.48 -13.07
C ASP A 596 4.49 -14.30 -13.48
N VAL A 597 5.61 -13.64 -13.76
CA VAL A 597 6.81 -14.30 -14.26
C VAL A 597 7.50 -15.17 -13.18
N TYR A 598 7.25 -14.91 -11.90
CA TYR A 598 7.62 -15.85 -10.85
C TYR A 598 7.20 -17.28 -11.21
N HIS A 599 6.01 -17.43 -11.79
CA HIS A 599 5.49 -18.73 -12.17
C HIS A 599 6.09 -19.27 -13.45
N TYR A 600 6.69 -18.42 -14.27
CA TYR A 600 7.55 -18.93 -15.31
C TYR A 600 8.70 -19.73 -14.71
N TYR A 601 9.38 -19.16 -13.71
CA TYR A 601 10.44 -19.89 -13.02
C TYR A 601 9.90 -21.13 -12.34
N GLN A 602 8.73 -21.04 -11.72
CA GLN A 602 8.21 -22.20 -11.03
C GLN A 602 7.91 -23.35 -12.00
N ALA A 603 7.37 -23.03 -13.18
CA ALA A 603 7.05 -24.09 -14.13
C ALA A 603 8.31 -24.73 -14.67
N ALA A 604 9.34 -23.92 -14.96
CA ALA A 604 10.61 -24.46 -15.44
C ALA A 604 11.34 -25.29 -14.38
N TRP A 605 11.11 -25.03 -13.10
CA TRP A 605 12.02 -25.51 -12.06
C TRP A 605 11.38 -26.46 -11.06
N ARG A 606 10.06 -26.53 -10.97
CA ARG A 606 9.37 -27.54 -10.17
C ARG A 606 8.84 -28.64 -11.10
N LYS A 607 9.41 -29.83 -11.00
CA LYS A 607 8.85 -31.00 -11.67
C LYS A 607 7.92 -31.81 -10.78
N ASP A 608 8.04 -31.65 -9.46
CA ASP A 608 7.33 -32.50 -8.50
C ASP A 608 5.87 -32.10 -8.31
N ILE A 609 5.49 -30.87 -8.62
CA ILE A 609 4.10 -30.43 -8.49
C ILE A 609 3.64 -29.92 -9.85
N PRO A 610 2.35 -29.90 -10.11
CA PRO A 610 1.86 -29.22 -11.31
C PRO A 610 1.86 -27.72 -11.10
N VAL A 611 2.17 -26.99 -12.17
CA VAL A 611 2.21 -25.54 -12.17
C VAL A 611 1.38 -25.07 -13.36
N LEU A 612 0.24 -24.45 -13.10
CA LEU A 612 -0.58 -23.87 -14.16
C LEU A 612 -1.01 -22.49 -13.70
N HIS A 613 -0.44 -21.45 -14.30
CA HIS A 613 -0.70 -20.08 -13.86
C HIS A 613 -1.13 -19.22 -15.04
N ILE A 614 -2.36 -18.73 -14.99
CA ILE A 614 -2.79 -17.70 -15.94
C ILE A 614 -2.01 -16.43 -15.62
N ALA A 615 -1.16 -16.00 -16.55
CA ALA A 615 -0.29 -14.84 -16.37
C ALA A 615 -1.07 -13.52 -16.55
N SER A 616 -2.03 -13.30 -15.65
CA SER A 616 -2.77 -12.06 -15.73
C SER A 616 -3.12 -11.50 -14.36
N ARG A 617 -2.39 -11.86 -13.30
CA ARG A 617 -2.56 -11.16 -12.03
C ARG A 617 -1.90 -9.79 -12.08
N ASP A 618 -0.88 -9.63 -12.91
CA ASP A 618 -0.26 -8.35 -13.19
C ASP A 618 -1.08 -7.47 -14.13
N TRP A 619 -2.19 -7.98 -14.68
CA TRP A 619 -2.93 -7.27 -15.73
C TRP A 619 -4.43 -7.49 -15.53
N THR A 620 -4.94 -7.05 -14.38
CA THR A 620 -6.32 -7.31 -13.98
C THR A 620 -7.28 -6.22 -14.42
N ASP A 621 -6.79 -5.11 -14.96
CA ASP A 621 -7.62 -3.97 -15.31
C ASP A 621 -7.25 -3.65 -16.76
N ARG A 622 -7.94 -4.33 -17.68
CA ARG A 622 -7.66 -4.23 -19.10
C ARG A 622 -8.60 -3.22 -19.76
N ALA A 623 -8.20 -2.79 -20.94
CA ALA A 623 -9.01 -1.87 -21.74
C ALA A 623 -8.53 -1.97 -23.18
N GLY A 624 -9.39 -1.55 -24.10
CA GLY A 624 -8.98 -1.54 -25.48
C GLY A 624 -9.98 -0.87 -26.39
N VAL A 625 -9.49 -0.53 -27.59
CA VAL A 625 -10.28 0.17 -28.58
C VAL A 625 -11.17 -0.83 -29.31
N GLN A 626 -12.48 -0.60 -29.26
CA GLN A 626 -13.48 -1.49 -29.81
C GLN A 626 -14.03 -0.93 -31.13
N GLN A 627 -14.00 -1.74 -32.19
CA GLN A 627 -14.61 -1.38 -33.47
C GLN A 627 -16.06 -1.89 -33.48
N GLY A 628 -17.02 -0.97 -33.46
CA GLY A 628 -18.41 -1.37 -33.36
C GLY A 628 -18.69 -2.06 -32.03
N ASN A 629 -19.35 -3.22 -32.12
CA ASN A 629 -19.53 -4.12 -30.99
C ASN A 629 -18.70 -5.39 -31.15
N ALA A 630 -17.67 -5.33 -31.98
CA ALA A 630 -16.78 -6.47 -32.13
C ALA A 630 -15.90 -6.60 -30.88
N PRO A 631 -15.51 -7.82 -30.53
CA PRO A 631 -14.71 -8.01 -29.31
C PRO A 631 -13.29 -7.51 -29.50
N VAL A 632 -12.72 -7.00 -28.40
CA VAL A 632 -11.35 -6.48 -28.37
C VAL A 632 -10.42 -7.66 -28.04
N TYR A 633 -9.42 -7.87 -28.88
CA TYR A 633 -8.49 -8.98 -28.74
C TYR A 633 -7.24 -8.54 -28.01
N LEU A 634 -6.84 -9.30 -26.99
CA LEU A 634 -5.72 -8.98 -26.12
C LEU A 634 -5.06 -10.28 -25.70
N PRO A 635 -3.73 -10.31 -25.62
CA PRO A 635 -3.04 -11.57 -25.29
C PRO A 635 -3.18 -11.90 -23.80
N VAL A 636 -3.46 -13.17 -23.53
CA VAL A 636 -3.41 -13.74 -22.19
C VAL A 636 -2.37 -14.85 -22.19
N LYS A 637 -1.32 -14.69 -21.40
CA LYS A 637 -0.25 -15.66 -21.38
C LYS A 637 -0.52 -16.67 -20.27
N ILE A 638 0.00 -17.87 -20.44
CA ILE A 638 -0.09 -18.93 -19.45
C ILE A 638 1.31 -19.45 -19.18
N TYR A 639 1.65 -19.60 -17.90
CA TYR A 639 2.89 -20.24 -17.49
C TYR A 639 2.56 -21.60 -16.86
N THR A 640 3.22 -22.65 -17.33
CA THR A 640 2.85 -24.00 -16.91
C THR A 640 3.96 -24.97 -17.29
N ASN A 641 4.01 -26.10 -16.55
CA ASN A 641 4.83 -27.24 -16.93
C ASN A 641 4.02 -28.37 -17.53
N LEU A 642 2.71 -28.18 -17.67
CA LEU A 642 1.87 -29.02 -18.48
C LEU A 642 2.27 -28.95 -19.95
N SER A 643 1.98 -30.01 -20.69
CA SER A 643 2.35 -30.06 -22.10
C SER A 643 1.32 -29.42 -23.01
N GLU A 644 0.15 -29.12 -22.48
CA GLU A 644 -0.97 -28.66 -23.30
C GLU A 644 -2.03 -28.08 -22.37
N VAL A 645 -2.50 -26.86 -22.69
CA VAL A 645 -3.47 -26.15 -21.87
C VAL A 645 -4.65 -25.67 -22.72
N GLU A 646 -5.80 -25.55 -22.07
CA GLU A 646 -7.01 -25.06 -22.70
C GLU A 646 -7.49 -23.85 -21.92
N LEU A 647 -7.70 -22.73 -22.62
CA LEU A 647 -8.16 -21.48 -22.03
C LEU A 647 -9.64 -21.23 -22.38
N PHE A 648 -10.44 -20.94 -21.37
CA PHE A 648 -11.83 -20.52 -21.53
C PHE A 648 -11.93 -19.05 -21.14
N ILE A 649 -12.91 -18.35 -21.71
CA ILE A 649 -13.31 -17.03 -21.23
C ILE A 649 -14.83 -17.00 -21.13
N ASP A 650 -15.34 -16.92 -19.92
CA ASP A 650 -16.78 -16.88 -19.64
C ASP A 650 -17.46 -18.15 -20.14
N GLY A 651 -16.85 -19.29 -19.84
CA GLY A 651 -17.33 -20.57 -20.32
C GLY A 651 -17.00 -20.91 -21.77
N ILE A 652 -16.67 -19.92 -22.59
CA ILE A 652 -16.38 -20.17 -24.00
C ILE A 652 -14.93 -20.61 -24.14
N SER A 653 -14.73 -21.75 -24.80
CA SER A 653 -13.39 -22.25 -24.96
C SER A 653 -12.68 -21.53 -26.10
N LEU A 654 -11.34 -21.52 -26.03
CA LEU A 654 -10.53 -20.89 -27.07
C LEU A 654 -9.50 -21.85 -27.63
N GLY A 655 -9.70 -23.15 -27.46
CA GLY A 655 -8.82 -24.14 -28.01
C GLY A 655 -7.77 -24.62 -27.01
N LYS A 656 -7.12 -25.71 -27.40
CA LYS A 656 -6.00 -26.26 -26.65
C LYS A 656 -4.72 -25.89 -27.37
N GLN A 657 -3.70 -25.49 -26.62
CA GLN A 657 -2.43 -25.12 -27.21
C GLN A 657 -1.32 -25.95 -26.59
N LYS A 658 -0.30 -26.21 -27.41
CA LYS A 658 0.88 -26.92 -26.96
C LYS A 658 1.86 -25.92 -26.37
N THR A 659 2.42 -26.27 -25.23
CA THR A 659 3.34 -25.37 -24.55
C THR A 659 4.76 -25.59 -25.05
N GLU A 660 5.45 -24.48 -25.27
CA GLU A 660 6.89 -24.44 -25.54
C GLU A 660 7.50 -23.48 -24.53
N ASN A 661 8.66 -23.86 -23.99
CA ASN A 661 9.35 -23.00 -23.02
C ASN A 661 8.39 -22.61 -21.88
N TYR A 662 7.58 -23.57 -21.45
CA TYR A 662 6.74 -23.46 -20.27
C TYR A 662 5.68 -22.38 -20.39
N THR A 663 5.32 -21.99 -21.61
CA THR A 663 4.41 -20.88 -21.79
C THR A 663 3.53 -21.13 -23.01
N ALA A 664 2.36 -20.50 -23.02
CA ALA A 664 1.47 -20.46 -24.16
C ALA A 664 0.70 -19.15 -24.10
N THR A 665 0.45 -18.53 -25.26
CA THR A 665 -0.32 -17.29 -25.32
C THR A 665 -1.56 -17.48 -26.18
N PHE A 666 -2.71 -17.08 -25.65
CA PHE A 666 -3.95 -17.08 -26.39
C PHE A 666 -4.33 -15.66 -26.80
N GLU A 667 -4.95 -15.54 -27.98
CA GLU A 667 -5.55 -14.27 -28.39
C GLU A 667 -7.01 -14.27 -27.95
N VAL A 668 -7.34 -13.41 -27.01
CA VAL A 668 -8.56 -13.55 -26.20
C VAL A 668 -9.55 -12.46 -26.58
N PRO A 669 -10.80 -12.81 -26.90
CA PRO A 669 -11.81 -11.79 -27.23
C PRO A 669 -12.55 -11.25 -26.01
N PHE A 670 -12.27 -9.99 -25.66
CA PHE A 670 -12.91 -9.35 -24.51
C PHE A 670 -14.09 -8.52 -24.98
N SER A 671 -15.20 -8.66 -24.27
CA SER A 671 -16.38 -7.86 -24.54
C SER A 671 -16.93 -7.42 -23.20
N ASN A 672 -17.27 -8.39 -22.35
CA ASN A 672 -17.90 -8.11 -21.07
C ASN A 672 -16.93 -7.46 -20.09
N ARG A 673 -17.51 -6.87 -19.03
CA ARG A 673 -16.78 -6.04 -18.08
C ARG A 673 -16.02 -6.85 -17.04
N ASN A 674 -16.55 -8.01 -16.65
CA ASN A 674 -16.01 -8.81 -15.56
C ASN A 674 -15.83 -10.26 -16.04
N PRO A 675 -14.98 -10.49 -17.04
CA PRO A 675 -14.85 -11.85 -17.58
C PRO A 675 -14.13 -12.77 -16.60
N PHE A 676 -14.54 -14.03 -16.60
CA PHE A 676 -13.88 -15.09 -15.83
C PHE A 676 -13.03 -15.93 -16.78
N LEU A 677 -11.70 -15.93 -16.57
CA LEU A 677 -10.76 -16.72 -17.34
C LEU A 677 -10.48 -18.04 -16.62
N PHE A 678 -10.50 -19.15 -17.36
CA PHE A 678 -10.37 -20.47 -16.80
C PHE A 678 -9.40 -21.28 -17.65
N ALA A 679 -8.50 -22.02 -17.01
CA ALA A 679 -7.49 -22.80 -17.71
C ALA A 679 -7.47 -24.21 -17.15
N GLN A 680 -7.28 -25.20 -18.01
CA GLN A 680 -7.04 -26.54 -17.50
C GLN A 680 -6.21 -27.39 -18.45
N GLY A 681 -5.60 -28.41 -17.87
CA GLY A 681 -4.81 -29.42 -18.56
C GLY A 681 -4.57 -30.62 -17.67
N ASN A 682 -3.76 -31.54 -18.15
CA ASN A 682 -3.41 -32.71 -17.37
C ASN A 682 -1.93 -32.70 -16.99
N TYR A 683 -1.64 -33.16 -15.76
CA TYR A 683 -0.28 -33.36 -15.29
C TYR A 683 -0.25 -34.65 -14.47
N GLN A 684 0.66 -35.55 -14.81
CA GLN A 684 0.82 -36.84 -14.11
C GLN A 684 -0.52 -37.51 -13.84
N GLY A 685 -1.40 -37.51 -14.83
CA GLY A 685 -2.66 -38.21 -14.73
C GLY A 685 -3.83 -37.41 -14.17
N LYS A 686 -3.58 -36.35 -13.41
CA LYS A 686 -4.65 -35.62 -12.72
C LYS A 686 -5.01 -34.33 -13.46
N THR A 687 -6.27 -33.93 -13.30
CA THR A 687 -6.74 -32.69 -13.89
C THR A 687 -6.27 -31.51 -13.05
N VAL A 688 -5.73 -30.50 -13.73
CA VAL A 688 -5.23 -29.29 -13.09
C VAL A 688 -5.95 -28.09 -13.68
N GLN A 689 -6.34 -27.15 -12.81
CA GLN A 689 -7.13 -25.99 -13.21
C GLN A 689 -6.60 -24.71 -12.57
N ASP A 690 -6.99 -23.57 -13.16
CA ASP A 690 -6.73 -22.24 -12.63
C ASP A 690 -7.79 -21.31 -13.19
N GLY A 691 -7.98 -20.16 -12.53
CA GLY A 691 -8.99 -19.21 -12.98
C GLY A 691 -8.98 -17.92 -12.16
N LEU A 692 -9.53 -16.86 -12.78
CA LEU A 692 -9.63 -15.58 -12.11
C LEU A 692 -10.51 -14.63 -12.91
N ARG A 693 -11.08 -13.66 -12.21
CA ARG A 693 -11.79 -12.56 -12.82
C ARG A 693 -10.86 -11.38 -13.05
N ILE A 694 -11.10 -10.67 -14.13
CA ILE A 694 -10.46 -9.40 -14.33
C ILE A 694 -11.52 -8.42 -14.80
N ASN A 695 -11.08 -7.21 -15.06
CA ASN A 695 -11.95 -6.14 -15.49
C ASN A 695 -11.55 -5.75 -16.89
N PHE A 696 -12.54 -5.45 -17.72
CA PHE A 696 -12.27 -5.01 -19.08
C PHE A 696 -13.14 -3.80 -19.37
N THR A 697 -12.53 -2.76 -19.92
CA THR A 697 -13.25 -1.54 -20.29
C THR A 697 -13.10 -1.30 -21.79
N PRO A 698 -14.19 -1.39 -22.58
CA PRO A 698 -14.10 -1.08 -24.02
C PRO A 698 -14.24 0.40 -24.30
N ILE A 699 -13.34 0.91 -25.13
CA ILE A 699 -13.28 2.32 -25.54
C ILE A 699 -13.59 2.39 -27.03
N PRO A 700 -14.60 3.14 -27.45
CA PRO A 700 -15.00 3.10 -28.87
C PRO A 700 -13.99 3.74 -29.80
N ALA A 701 -13.89 3.17 -30.99
CA ALA A 701 -13.06 3.76 -32.04
C ALA A 701 -13.75 4.93 -32.73
N CYS A 702 -15.08 4.86 -32.87
CA CYS A 702 -15.86 5.89 -33.56
C CYS A 702 -16.89 6.45 -32.58
N LEU A 703 -16.75 7.73 -32.24
CA LEU A 703 -17.54 8.32 -31.16
C LEU A 703 -18.86 8.87 -31.69
N ASP A 704 -19.92 8.70 -30.91
CA ASP A 704 -21.21 9.24 -31.28
C ASP A 704 -22.01 9.48 -30.01
N ALA A 705 -23.27 9.88 -30.20
CA ALA A 705 -24.11 10.28 -29.07
C ALA A 705 -24.23 9.17 -28.05
N ASN A 706 -24.52 7.95 -28.51
CA ASN A 706 -24.74 6.83 -27.59
C ASN A 706 -23.50 6.56 -26.75
N ASN A 707 -22.39 6.24 -27.40
CA ASN A 707 -21.26 5.69 -26.68
C ASN A 707 -20.47 6.74 -25.90
N LEU A 708 -20.84 8.02 -26.00
CA LEU A 708 -20.13 9.08 -25.28
C LEU A 708 -20.58 9.20 -23.83
N LYS A 709 -21.82 8.80 -23.53
CA LYS A 709 -22.34 8.88 -22.17
C LYS A 709 -21.58 7.90 -21.29
N GLY A 710 -20.90 8.42 -20.27
CA GLY A 710 -20.12 7.59 -19.38
C GLY A 710 -18.69 7.36 -19.83
N LEU A 711 -18.28 7.93 -20.95
CA LEU A 711 -16.97 7.67 -21.53
C LEU A 711 -15.92 8.63 -20.98
N GLU A 712 -14.77 8.08 -20.62
CA GLU A 712 -13.62 8.86 -20.24
C GLU A 712 -12.50 8.36 -21.16
N LEU A 713 -12.36 9.03 -22.30
CA LEU A 713 -11.38 8.65 -23.32
C LEU A 713 -10.03 9.26 -22.94
N ALA A 714 -9.13 8.42 -22.42
CA ALA A 714 -7.82 8.83 -21.91
C ALA A 714 -6.72 8.10 -22.69
N VAL A 715 -5.68 8.84 -23.07
CA VAL A 715 -4.70 8.34 -24.02
C VAL A 715 -3.29 8.59 -23.49
N ASN A 716 -2.44 7.56 -23.54
CA ASN A 716 -1.03 7.64 -23.15
C ASN A 716 -0.21 8.11 -24.37
N VAL A 717 -0.29 9.41 -24.61
CA VAL A 717 0.25 10.01 -25.84
C VAL A 717 1.74 9.70 -26.00
N GLY A 718 2.12 9.23 -27.18
CA GLY A 718 3.54 9.05 -27.47
C GLY A 718 4.12 7.77 -26.92
N SER A 719 3.28 6.82 -26.54
CA SER A 719 3.70 5.53 -26.02
C SER A 719 2.87 4.43 -26.64
N GLN A 720 3.50 3.27 -26.87
CA GLN A 720 2.80 2.05 -27.23
C GLN A 720 2.35 1.24 -26.00
N CYS A 721 2.38 1.83 -24.79
CA CYS A 721 1.98 1.17 -23.55
C CYS A 721 0.58 1.61 -23.10
N PHE A 722 -0.21 0.63 -22.62
CA PHE A 722 -1.30 0.92 -21.69
C PHE A 722 -0.71 1.25 -20.33
N PHE A 723 -1.20 2.32 -19.71
CA PHE A 723 -0.83 2.69 -18.35
C PHE A 723 -2.08 2.72 -17.51
N THR A 724 -2.14 1.84 -16.51
CA THR A 724 -3.24 1.86 -15.54
C THR A 724 -2.74 2.46 -14.25
N SER A 725 -3.32 3.61 -13.88
CA SER A 725 -2.96 4.29 -12.64
C SER A 725 -3.36 3.44 -11.46
N ASP A 726 -2.42 3.22 -10.53
CA ASP A 726 -2.74 2.51 -9.29
C ASP A 726 -3.32 3.45 -8.24
N GLU A 727 -3.64 4.67 -8.63
CA GLU A 727 -4.24 5.69 -7.79
C GLU A 727 -5.68 5.99 -8.21
N SER A 728 -5.94 6.11 -9.51
CA SER A 728 -7.29 6.35 -9.98
C SER A 728 -7.95 5.10 -10.56
N GLN A 729 -7.18 4.10 -10.98
CA GLN A 729 -7.62 2.82 -11.58
C GLN A 729 -7.97 3.03 -13.05
N LEU A 730 -7.77 4.23 -13.59
CA LEU A 730 -8.06 4.54 -14.99
C LEU A 730 -6.92 4.06 -15.89
N THR A 731 -7.27 3.39 -16.99
CA THR A 731 -6.28 2.95 -17.98
C THR A 731 -6.17 3.98 -19.12
N TRP A 732 -4.95 4.38 -19.42
CA TRP A 732 -4.66 5.29 -20.53
C TRP A 732 -4.15 4.49 -21.73
N LEU A 733 -4.83 4.63 -22.87
CA LEU A 733 -4.65 3.78 -24.05
C LEU A 733 -3.36 4.10 -24.77
N PRO A 734 -2.77 3.12 -25.44
CA PRO A 734 -1.63 3.42 -26.29
C PRO A 734 -2.06 4.41 -27.35
N ASP A 735 -1.14 5.27 -27.75
CA ASP A 735 -1.41 6.25 -28.80
C ASP A 735 -1.75 5.55 -30.11
N GLN A 736 -2.56 6.22 -30.93
CA GLN A 736 -2.88 5.72 -32.27
C GLN A 736 -3.02 6.91 -33.20
N PRO A 737 -2.59 6.80 -34.46
CA PRO A 737 -2.66 7.97 -35.36
C PRO A 737 -4.08 8.24 -35.81
N TYR A 738 -4.33 9.50 -36.16
CA TYR A 738 -5.69 9.89 -36.53
C TYR A 738 -6.14 9.19 -37.81
N ALA A 739 -7.38 8.73 -37.81
CA ALA A 739 -7.99 8.14 -38.98
C ALA A 739 -9.41 8.67 -39.10
N ALA A 740 -9.82 8.96 -40.32
CA ALA A 740 -11.17 9.45 -40.59
C ALA A 740 -12.20 8.64 -39.82
N GLY A 741 -13.08 9.35 -39.09
CA GLY A 741 -14.09 8.73 -38.27
C GLY A 741 -13.64 8.27 -36.89
N SER A 742 -12.34 8.28 -36.62
CA SER A 742 -11.83 7.85 -35.33
C SER A 742 -11.18 9.03 -34.62
N TRP A 743 -10.01 8.79 -34.02
CA TRP A 743 -9.36 9.78 -33.19
C TRP A 743 -7.91 9.36 -33.08
N GLY A 744 -7.05 10.30 -32.73
CA GLY A 744 -5.63 10.02 -32.65
C GLY A 744 -4.79 11.24 -32.92
N TYR A 745 -3.47 11.01 -32.92
CA TYR A 745 -2.48 12.07 -33.08
C TYR A 745 -2.33 12.45 -34.55
N ILE A 746 -1.56 13.53 -34.74
CA ILE A 746 -1.16 14.05 -36.05
C ILE A 746 0.25 14.62 -35.92
N GLY A 747 1.22 14.01 -36.61
CA GLY A 747 2.60 14.46 -36.58
C GLY A 747 3.39 13.97 -35.38
N GLY A 748 4.67 14.33 -35.37
CA GLY A 748 5.53 14.13 -34.23
C GLY A 748 6.10 12.73 -34.11
N LYS A 749 7.17 12.62 -33.32
CA LYS A 749 7.84 11.37 -33.00
C LYS A 749 7.70 11.09 -31.51
N GLU A 750 8.05 9.87 -31.11
CA GLU A 750 7.98 9.48 -29.70
C GLU A 750 9.25 9.90 -28.96
N GLY A 751 9.07 10.30 -27.70
CA GLY A 751 10.20 10.63 -26.85
C GLY A 751 10.01 10.03 -25.47
N THR A 752 11.13 9.74 -24.79
CA THR A 752 11.16 8.96 -23.56
C THR A 752 12.21 9.53 -22.62
N ALA A 753 11.83 9.75 -21.36
CA ALA A 753 12.75 10.19 -20.30
C ALA A 753 12.73 9.21 -19.14
N GLN A 754 13.87 9.00 -18.50
CA GLN A 754 13.90 8.19 -17.31
C GLN A 754 13.95 9.01 -16.02
N THR A 755 14.13 10.32 -16.13
CA THR A 755 14.15 11.17 -14.95
C THR A 755 12.80 11.16 -14.25
N GLU A 756 12.84 11.32 -12.92
CA GLU A 756 11.64 11.32 -12.10
C GLU A 756 10.79 12.57 -12.39
N ILE A 757 9.49 12.39 -12.45
CA ILE A 757 8.56 13.47 -12.77
C ILE A 757 7.94 13.99 -11.47
N GLN A 758 8.23 15.25 -11.14
CA GLN A 758 7.65 15.91 -9.97
C GLN A 758 6.14 16.03 -10.09
N ASN A 759 5.47 16.05 -8.93
CA ASN A 759 4.07 16.46 -8.80
C ASN A 759 3.09 15.48 -9.46
N THR A 760 3.43 14.19 -9.54
CA THR A 760 2.46 13.21 -10.01
C THR A 760 2.77 11.82 -9.42
N ALA A 761 1.71 11.11 -9.09
CA ALA A 761 1.78 9.69 -8.77
C ALA A 761 1.90 8.82 -10.00
N ASP A 762 1.52 9.33 -11.18
CA ASP A 762 1.54 8.56 -12.43
C ASP A 762 2.74 8.93 -13.29
N GLY A 763 3.94 8.90 -12.70
CA GLY A 763 5.17 9.16 -13.42
C GLY A 763 5.28 8.61 -14.85
N PRO A 764 5.08 7.30 -15.06
CA PRO A 764 5.28 6.74 -16.40
C PRO A 764 4.43 7.38 -17.47
N LEU A 765 3.20 7.78 -17.14
CA LEU A 765 2.38 8.54 -18.08
C LEU A 765 3.09 9.79 -18.58
N PHE A 766 3.74 10.53 -17.69
CA PHE A 766 4.38 11.80 -18.05
C PHE A 766 5.79 11.63 -18.59
N GLN A 767 6.38 10.44 -18.49
CA GLN A 767 7.73 10.21 -18.99
C GLN A 767 7.78 9.95 -20.50
N THR A 768 6.67 9.66 -21.14
CA THR A 768 6.64 9.52 -22.59
C THR A 768 5.77 10.62 -23.19
N LEU A 769 6.17 11.08 -24.38
CA LEU A 769 5.43 12.16 -25.04
C LEU A 769 5.59 12.03 -26.55
N ARG A 770 4.69 12.72 -27.26
CA ARG A 770 4.85 12.95 -28.69
C ARG A 770 5.49 14.32 -28.87
N ASN A 771 6.75 14.32 -29.31
CA ASN A 771 7.53 15.53 -29.55
C ASN A 771 7.29 16.03 -30.97
N GLU A 772 7.34 17.37 -31.13
CA GLU A 772 7.04 18.06 -32.40
C GLU A 772 5.65 17.69 -32.91
N ILE A 773 4.72 17.43 -32.00
CA ILE A 773 3.38 17.04 -32.42
C ILE A 773 2.73 18.20 -33.17
N GLU A 774 1.80 17.86 -34.05
CA GLU A 774 1.11 18.85 -34.87
C GLU A 774 -0.32 19.04 -34.44
N GLY A 775 -1.02 17.96 -34.14
CA GLY A 775 -2.34 18.10 -33.54
C GLY A 775 -2.79 16.81 -32.91
N TYR A 776 -4.02 16.84 -32.42
CA TYR A 776 -4.73 15.66 -31.95
C TYR A 776 -6.18 15.85 -32.32
N ARG A 777 -6.84 14.82 -32.87
CA ARG A 777 -8.18 15.05 -33.37
C ARG A 777 -9.14 13.93 -33.00
N PHE A 778 -10.34 14.31 -32.58
CA PHE A 778 -11.44 13.38 -32.31
C PHE A 778 -12.63 13.76 -33.20
N ASP A 779 -13.19 12.76 -33.89
CA ASP A 779 -14.40 12.99 -34.68
C ASP A 779 -15.58 12.78 -33.75
N ALA A 780 -16.04 13.86 -33.15
CA ALA A 780 -17.07 13.76 -32.12
C ALA A 780 -18.24 14.66 -32.47
N PRO A 781 -19.44 14.29 -32.05
CA PRO A 781 -20.63 15.12 -32.31
C PRO A 781 -20.47 16.53 -31.75
N GLN A 782 -21.42 17.40 -32.08
CA GLN A 782 -21.42 18.74 -31.52
C GLN A 782 -21.77 18.65 -30.04
N GLY A 783 -21.08 19.45 -29.24
CA GLY A 783 -21.47 19.55 -27.84
C GLY A 783 -20.42 20.28 -27.04
N VAL A 784 -20.53 20.14 -25.72
CA VAL A 784 -19.63 20.76 -24.77
C VAL A 784 -18.74 19.68 -24.19
N TYR A 785 -17.43 19.84 -24.34
CA TYR A 785 -16.48 18.81 -24.00
C TYR A 785 -15.49 19.33 -22.98
N GLU A 786 -15.04 18.44 -22.12
CA GLU A 786 -13.94 18.72 -21.20
C GLU A 786 -12.70 18.05 -21.78
N ILE A 787 -11.67 18.83 -22.03
CA ILE A 787 -10.40 18.35 -22.55
C ILE A 787 -9.36 18.57 -21.47
N GLU A 788 -8.52 17.58 -21.23
CA GLU A 788 -7.41 17.72 -20.31
C GLU A 788 -6.14 17.38 -21.06
N LEU A 789 -5.15 18.25 -20.97
CA LEU A 789 -3.87 18.06 -21.64
C LEU A 789 -2.80 17.89 -20.58
N LEU A 790 -1.83 17.02 -20.84
CA LEU A 790 -0.80 16.71 -19.88
C LEU A 790 0.55 17.05 -20.48
N PHE A 791 1.40 17.72 -19.69
CA PHE A 791 2.66 18.30 -20.16
C PHE A 791 3.77 18.04 -19.17
N THR A 792 4.95 17.71 -19.70
CA THR A 792 6.20 17.70 -18.94
C THR A 792 7.30 17.96 -19.96
N ASP A 793 8.06 19.01 -19.77
CA ASP A 793 9.19 19.22 -20.66
C ASP A 793 10.33 18.33 -20.17
N ILE A 794 10.79 17.44 -21.04
CA ILE A 794 11.83 16.49 -20.67
C ILE A 794 13.17 16.81 -21.31
N PHE A 795 13.31 17.95 -22.00
CA PHE A 795 14.52 18.24 -22.78
C PHE A 795 15.29 19.41 -22.19
N ARG A 796 15.95 19.19 -21.07
CA ARG A 796 16.70 20.27 -20.42
C ARG A 796 18.10 20.44 -20.99
N GLU A 815 14.08 26.61 -25.66
CA GLU A 815 13.10 26.21 -24.65
C GLU A 815 11.71 26.35 -25.23
N SER A 816 10.87 25.35 -24.96
CA SER A 816 9.63 25.20 -25.69
C SER A 816 8.55 26.16 -25.20
N THR A 817 7.89 26.82 -26.14
CA THR A 817 6.78 27.72 -25.90
C THR A 817 5.86 27.52 -27.09
N PHE A 818 4.55 27.46 -26.88
CA PHE A 818 3.69 27.22 -28.04
C PHE A 818 2.23 27.54 -27.69
N GLY A 819 1.43 27.69 -28.74
CA GLY A 819 0.04 28.03 -28.56
C GLY A 819 -0.83 26.83 -28.87
N ILE A 820 -2.08 26.84 -28.44
CA ILE A 820 -2.98 25.71 -28.69
C ILE A 820 -4.34 26.26 -29.09
N SER A 821 -4.95 25.63 -30.07
CA SER A 821 -6.26 26.02 -30.55
C SER A 821 -7.13 24.78 -30.66
N ILE A 822 -8.42 24.94 -30.43
CA ILE A 822 -9.34 23.82 -30.52
C ILE A 822 -10.49 24.24 -31.43
N ASN A 823 -10.56 23.62 -32.61
CA ASN A 823 -11.46 24.04 -33.69
C ASN A 823 -11.29 25.51 -34.03
N GLY A 824 -10.07 26.01 -33.94
CA GLY A 824 -9.78 27.39 -34.23
C GLY A 824 -9.94 28.34 -33.08
N GLU A 825 -10.41 27.87 -31.92
CA GLU A 825 -10.50 28.70 -30.72
C GLU A 825 -9.18 28.61 -29.96
N VAL A 826 -8.50 29.74 -29.79
CA VAL A 826 -7.27 29.73 -29.01
C VAL A 826 -7.59 29.40 -27.56
N VAL A 827 -6.88 28.43 -27.00
CA VAL A 827 -6.99 28.11 -25.58
C VAL A 827 -5.70 28.35 -24.81
N GLU A 828 -4.56 28.50 -25.48
CA GLU A 828 -3.30 28.86 -24.84
C GLU A 828 -2.51 29.72 -25.81
N GLU A 829 -2.27 30.97 -25.43
CA GLU A 829 -1.54 31.87 -26.31
C GLU A 829 -0.04 31.63 -26.23
N SER A 830 0.50 31.31 -25.05
CA SER A 830 1.94 31.19 -24.94
C SER A 830 2.35 30.27 -23.78
N LEU A 831 1.91 29.02 -23.85
CA LEU A 831 2.20 28.01 -22.83
C LEU A 831 3.65 27.52 -22.93
N SER A 832 4.43 27.72 -21.86
CA SER A 832 5.76 27.13 -21.72
C SER A 832 5.85 26.32 -20.44
N PRO A 833 5.63 24.99 -20.50
CA PRO A 833 5.72 24.15 -19.29
C PRO A 833 7.01 24.33 -18.50
N CYS A 834 8.15 24.41 -19.16
CA CYS A 834 9.40 24.54 -18.40
C CYS A 834 9.53 25.93 -17.79
N LYS A 835 8.91 26.96 -18.38
CA LYS A 835 9.01 28.27 -17.73
C LYS A 835 7.99 28.43 -16.61
N GLU A 836 6.84 27.75 -16.71
CA GLU A 836 5.84 27.84 -15.65
C GLU A 836 6.14 26.88 -14.50
N SER A 837 6.71 25.70 -14.79
CA SER A 837 6.93 24.68 -13.77
C SER A 837 8.36 24.19 -13.65
N GLY A 838 9.18 24.38 -14.67
CA GLY A 838 10.48 23.74 -14.69
C GLY A 838 10.46 22.46 -15.49
N TYR A 839 11.64 21.86 -15.62
CA TYR A 839 11.75 20.59 -16.32
C TYR A 839 11.34 19.43 -15.42
N PHE A 840 10.74 18.42 -16.04
CA PHE A 840 10.41 17.15 -15.38
C PHE A 840 9.42 17.35 -14.25
N ARG A 841 8.39 18.16 -14.51
CA ARG A 841 7.32 18.39 -13.55
C ARG A 841 6.00 18.37 -14.29
N ALA A 842 5.00 17.71 -13.69
CA ALA A 842 3.71 17.52 -14.35
C ALA A 842 2.87 18.79 -14.38
N LEU A 843 2.17 18.99 -15.50
CA LEU A 843 1.11 19.98 -15.66
C LEU A 843 -0.14 19.28 -16.18
N ARG A 844 -1.27 19.44 -15.50
CA ARG A 844 -2.56 18.90 -15.95
C ARG A 844 -3.56 20.04 -16.09
N LYS A 845 -3.78 20.48 -17.33
CA LYS A 845 -4.66 21.59 -17.64
C LYS A 845 -5.99 21.07 -18.20
N LYS A 846 -7.10 21.49 -17.60
CA LYS A 846 -8.43 21.18 -18.09
C LYS A 846 -9.03 22.41 -18.78
N TYR A 847 -9.61 22.21 -19.95
CA TYR A 847 -10.35 23.25 -20.65
C TYR A 847 -11.74 22.75 -20.95
N TYR A 848 -12.72 23.65 -20.87
CA TYR A 848 -14.06 23.38 -21.36
C TYR A 848 -14.17 24.03 -22.73
N ILE A 849 -14.68 23.28 -23.72
CA ILE A 849 -14.77 23.81 -25.08
C ILE A 849 -16.13 23.45 -25.66
N THR A 850 -16.73 24.41 -26.37
CA THR A 850 -17.97 24.20 -27.10
C THR A 850 -17.61 23.85 -28.53
N ASN A 851 -18.05 22.67 -28.97
CA ASN A 851 -17.75 22.17 -30.30
C ASN A 851 -18.99 22.31 -31.17
N ASP A 852 -18.95 23.24 -32.13
CA ASP A 852 -20.03 23.39 -33.10
C ASP A 852 -19.85 22.50 -34.33
N LYS A 853 -18.71 21.84 -34.47
CA LYS A 853 -18.37 21.05 -35.66
C LYS A 853 -18.68 19.58 -35.41
N GLU A 854 -18.24 18.72 -36.34
CA GLU A 854 -18.38 17.28 -36.18
C GLU A 854 -17.05 16.62 -35.87
N TYR A 855 -16.05 17.42 -35.53
CA TYR A 855 -14.76 16.97 -35.08
C TYR A 855 -14.25 17.94 -34.02
N ILE A 856 -13.34 17.45 -33.17
CA ILE A 856 -12.60 18.29 -32.24
C ILE A 856 -11.16 18.29 -32.70
N ASP A 857 -10.70 19.43 -33.18
CA ASP A 857 -9.37 19.53 -33.78
C ASP A 857 -8.50 20.43 -32.92
N ILE A 858 -7.45 19.84 -32.38
CA ILE A 858 -6.53 20.51 -31.46
C ILE A 858 -5.22 20.69 -32.22
N ARG A 859 -4.77 21.94 -32.36
CA ARG A 859 -3.56 22.22 -33.12
C ARG A 859 -2.54 22.94 -32.27
N PHE A 860 -1.27 22.59 -32.47
CA PHE A 860 -0.14 23.19 -31.77
C PHE A 860 0.65 24.06 -32.73
N HIS A 861 1.06 25.23 -32.24
CA HIS A 861 1.66 26.29 -33.04
C HIS A 861 2.94 26.73 -32.35
N SER A 862 4.08 26.29 -32.86
CA SER A 862 5.35 26.49 -32.17
C SER A 862 5.68 27.99 -32.04
N THR A 863 6.74 28.27 -31.28
CA THR A 863 7.21 29.64 -31.07
C THR A 863 8.69 29.61 -30.79
N SER A 864 9.06 28.93 -29.71
CA SER A 864 10.43 28.52 -29.44
C SER A 864 10.41 27.03 -29.12
N GLY A 865 11.58 26.40 -29.15
CA GLY A 865 11.64 24.96 -28.94
C GLY A 865 10.69 24.18 -29.83
N THR A 866 10.07 23.14 -29.27
CA THR A 866 9.18 22.22 -29.97
C THR A 866 7.87 22.07 -29.21
N CYS A 867 6.82 21.67 -29.93
CA CYS A 867 5.55 21.34 -29.30
C CYS A 867 5.57 19.89 -28.83
N PHE A 868 4.80 19.59 -27.78
CA PHE A 868 4.74 18.23 -27.30
C PHE A 868 3.45 18.06 -26.50
N LEU A 869 3.11 16.80 -26.27
CA LEU A 869 1.94 16.43 -25.49
C LEU A 869 2.28 15.09 -24.85
N ASN A 870 2.03 14.95 -23.54
CA ASN A 870 2.25 13.67 -22.88
C ASN A 870 0.96 12.96 -22.55
N GLY A 871 -0.18 13.63 -22.61
CA GLY A 871 -1.40 12.96 -22.29
C GLY A 871 -2.60 13.76 -22.69
N ILE A 872 -3.71 13.11 -22.97
CA ILE A 872 -4.91 13.83 -23.34
C ILE A 872 -6.09 12.99 -22.90
N LYS A 873 -7.13 13.67 -22.41
CA LYS A 873 -8.32 13.00 -21.91
C LYS A 873 -9.53 13.81 -22.35
N LEU A 874 -10.60 13.12 -22.74
CA LEU A 874 -11.77 13.77 -23.32
C LEU A 874 -13.03 13.25 -22.66
N ARG A 875 -13.88 14.16 -22.20
CA ARG A 875 -15.22 13.78 -21.73
C ARG A 875 -16.25 14.70 -22.34
N ASN A 876 -17.46 14.19 -22.51
CA ASN A 876 -18.57 15.00 -22.98
C ASN A 876 -19.37 15.46 -21.77
N ILE A 877 -19.41 16.78 -21.55
CA ILE A 877 -20.28 17.35 -20.52
C ILE A 877 -21.69 17.51 -21.04
N TYR A 878 -21.85 18.27 -22.12
CA TYR A 878 -23.16 18.49 -22.69
C TYR A 878 -23.24 18.02 -24.13
N GLN B 24 -16.86 35.72 -26.14
CA GLN B 24 -17.08 34.32 -25.72
C GLN B 24 -16.50 34.04 -24.32
N ARG B 25 -17.07 33.05 -23.64
CA ARG B 25 -16.60 32.61 -22.33
C ARG B 25 -15.50 31.55 -22.49
N GLN B 26 -14.39 31.75 -21.77
CA GLN B 26 -13.32 30.75 -21.65
C GLN B 26 -13.16 30.32 -20.19
N THR B 27 -13.35 29.03 -19.93
CA THR B 27 -13.11 28.43 -18.61
C THR B 27 -11.96 27.43 -18.69
N GLN B 28 -10.94 27.60 -17.85
CA GLN B 28 -9.85 26.64 -17.79
C GLN B 28 -9.26 26.61 -16.38
N THR B 29 -8.57 25.52 -16.04
CA THR B 29 -8.03 25.42 -14.68
C THR B 29 -6.69 26.15 -14.57
N ILE B 30 -6.35 26.48 -13.32
CA ILE B 30 -5.00 26.92 -13.00
C ILE B 30 -4.45 26.10 -11.83
N ASN B 31 -4.68 24.79 -11.87
CA ASN B 31 -4.23 23.84 -10.86
C ASN B 31 -2.71 23.64 -10.85
N ASP B 32 -2.01 24.15 -11.85
CA ASP B 32 -0.61 23.82 -12.10
C ASP B 32 0.31 24.93 -11.65
N SER B 33 1.59 24.57 -11.48
CA SER B 33 2.68 25.54 -11.33
C SER B 33 2.50 26.39 -10.07
N TRP B 34 2.12 25.74 -8.96
CA TRP B 34 2.02 26.38 -7.66
C TRP B 34 3.28 26.16 -6.84
N LYS B 35 3.52 27.09 -5.89
CA LYS B 35 4.50 26.96 -4.83
C LYS B 35 3.77 26.96 -3.51
N PHE B 36 4.24 26.15 -2.53
CA PHE B 36 3.54 26.00 -1.26
C PHE B 36 4.52 26.07 -0.09
N LEU B 37 4.03 26.63 1.02
CA LEU B 37 4.79 26.76 2.26
C LEU B 37 3.84 26.53 3.43
N LYS B 38 4.07 25.46 4.20
CA LYS B 38 3.27 25.20 5.39
C LYS B 38 3.61 26.21 6.49
N GLY B 39 2.61 26.85 7.05
CA GLY B 39 2.88 27.76 8.14
C GLY B 39 2.74 29.23 7.73
N GLU B 40 2.61 30.08 8.76
CA GLU B 40 2.54 31.52 8.55
C GLU B 40 3.85 32.05 7.96
N CYS B 41 3.73 33.14 7.21
CA CYS B 41 4.87 33.80 6.60
C CYS B 41 4.48 35.23 6.29
N THR B 42 5.23 36.18 6.84
CA THR B 42 4.98 37.58 6.58
C THR B 42 5.65 37.96 5.27
N ALA B 43 4.90 38.66 4.41
CA ALA B 43 5.30 39.18 3.10
C ALA B 43 4.99 38.17 2.00
N ALA B 44 4.39 37.03 2.35
CA ALA B 44 4.16 35.99 1.34
C ALA B 44 3.19 36.43 0.24
N ALA B 45 2.41 37.49 0.44
CA ALA B 45 1.49 37.95 -0.60
C ALA B 45 2.14 38.86 -1.64
N ASP B 46 3.34 39.37 -1.37
CA ASP B 46 3.97 40.38 -2.22
C ASP B 46 4.30 39.84 -3.60
N SER B 47 4.14 40.70 -4.62
CA SER B 47 4.50 40.30 -5.98
C SER B 47 5.97 39.87 -6.05
N ALA B 48 6.85 40.60 -5.37
CA ALA B 48 8.29 40.42 -5.47
C ALA B 48 8.86 39.51 -4.39
N PHE B 49 8.01 38.79 -3.65
CA PHE B 49 8.48 37.84 -2.65
C PHE B 49 9.25 36.68 -3.29
N ASP B 50 10.32 36.25 -2.63
CA ASP B 50 11.11 35.13 -3.14
C ASP B 50 10.52 33.82 -2.62
N ASP B 51 10.05 32.98 -3.53
CA ASP B 51 9.45 31.71 -3.15
C ASP B 51 10.16 30.53 -3.77
N SER B 52 11.37 30.73 -4.30
CA SER B 52 12.02 29.65 -5.04
C SER B 52 12.35 28.46 -4.14
N LYS B 53 12.50 28.69 -2.83
CA LYS B 53 12.77 27.62 -1.87
C LYS B 53 11.51 26.93 -1.38
N TRP B 54 10.33 27.34 -1.84
CA TRP B 54 9.08 26.70 -1.47
C TRP B 54 8.91 25.38 -2.21
N THR B 55 8.00 24.56 -1.71
CA THR B 55 7.74 23.25 -2.32
C THR B 55 6.90 23.43 -3.58
N SER B 56 7.32 22.79 -4.67
CA SER B 56 6.50 22.78 -5.89
C SER B 56 5.36 21.79 -5.72
N ILE B 57 4.13 22.23 -5.99
CA ILE B 57 2.97 21.36 -5.88
C ILE B 57 2.03 21.59 -7.07
N HIS B 58 1.00 20.77 -7.13
CA HIS B 58 0.04 20.86 -8.21
C HIS B 58 -1.31 20.59 -7.58
N LEU B 59 -2.29 21.46 -7.78
CA LEU B 59 -3.57 21.20 -7.16
C LEU B 59 -4.30 20.05 -7.89
N PRO B 60 -5.20 19.34 -7.20
CA PRO B 60 -5.58 19.51 -5.80
C PRO B 60 -4.48 19.06 -4.85
N HIS B 61 -4.49 19.65 -3.65
CA HIS B 61 -3.41 19.42 -2.71
C HIS B 61 -3.98 19.51 -1.31
N THR B 62 -3.31 18.83 -0.39
CA THR B 62 -3.56 18.93 1.04
C THR B 62 -2.23 18.84 1.77
N TRP B 63 -2.11 19.53 2.89
CA TRP B 63 -0.89 19.38 3.68
C TRP B 63 -1.06 18.37 4.82
N ASN B 64 -2.15 17.61 4.82
CA ASN B 64 -2.50 16.72 5.91
C ASN B 64 -2.47 15.23 5.52
N THR B 65 -1.45 14.79 4.79
N THR B 65 -1.45 14.79 4.78
CA THR B 65 -1.25 13.35 4.67
CA THR B 65 -1.22 13.36 4.65
C THR B 65 -0.79 12.75 5.99
C THR B 65 -0.79 12.75 5.99
N ASP B 66 -0.20 13.59 6.86
CA ASP B 66 0.17 13.17 8.20
C ASP B 66 -1.00 12.57 8.97
N ALA B 67 -2.22 13.05 8.74
CA ALA B 67 -3.38 12.45 9.40
C ALA B 67 -3.51 10.95 9.15
N TYR B 68 -2.81 10.36 8.17
CA TYR B 68 -2.92 8.92 8.00
C TYR B 68 -2.01 8.13 8.93
N THR B 69 -1.06 8.79 9.59
CA THR B 69 -0.30 8.19 10.66
C THR B 69 -0.44 8.91 11.99
N GLU B 70 -0.45 10.25 12.02
CA GLU B 70 -0.46 11.03 13.26
C GLU B 70 -1.88 11.41 13.66
N LYS B 71 -2.23 11.13 14.93
CA LYS B 71 -3.49 11.62 15.48
C LYS B 71 -3.48 13.14 15.57
N ASP B 72 -2.34 13.74 15.90
CA ASP B 72 -2.25 15.19 16.03
C ASP B 72 -1.75 15.80 14.71
N TYR B 73 -2.66 15.84 13.74
CA TYR B 73 -2.27 16.38 12.46
C TYR B 73 -2.21 17.90 12.51
N TYR B 74 -1.43 18.47 11.61
CA TYR B 74 -1.17 19.90 11.65
C TYR B 74 -2.43 20.66 11.24
N ARG B 75 -3.00 21.39 12.18
CA ARG B 75 -4.08 22.33 11.92
C ARG B 75 -3.48 23.72 12.02
N GLY B 76 -3.68 24.55 10.99
CA GLY B 76 -2.97 25.82 10.97
C GLY B 76 -3.05 26.54 9.63
N THR B 77 -1.96 27.21 9.29
CA THR B 77 -1.89 28.12 8.15
C THR B 77 -0.97 27.52 7.09
N GLY B 78 -1.33 27.72 5.83
CA GLY B 78 -0.42 27.41 4.73
C GLY B 78 -0.62 28.37 3.59
N TRP B 79 0.47 28.62 2.86
CA TRP B 79 0.53 29.63 1.80
C TRP B 79 0.76 29.02 0.43
N TYR B 80 0.00 29.49 -0.55
CA TYR B 80 0.07 29.07 -1.94
C TYR B 80 0.38 30.27 -2.83
N ARG B 81 1.29 30.09 -3.78
CA ARG B 81 1.64 31.15 -4.73
C ARG B 81 1.70 30.59 -6.14
N ARG B 82 1.15 31.34 -7.11
CA ARG B 82 1.21 30.98 -8.52
C ARG B 82 1.17 32.25 -9.35
N GLN B 83 2.01 32.31 -10.38
CA GLN B 83 1.99 33.44 -11.29
C GLN B 83 0.80 33.38 -12.25
N LEU B 84 0.17 34.54 -12.46
CA LEU B 84 -0.84 34.76 -13.50
C LEU B 84 -0.27 35.67 -14.58
N THR B 85 0.02 35.10 -15.74
CA THR B 85 0.45 35.86 -16.91
C THR B 85 -0.69 35.83 -17.91
N LEU B 86 -1.39 36.95 -18.04
CA LEU B 86 -2.69 36.98 -18.70
C LEU B 86 -2.56 36.92 -20.22
N PRO B 87 -3.39 36.14 -20.90
CA PRO B 87 -3.40 36.17 -22.36
C PRO B 87 -3.94 37.48 -22.89
N GLN B 88 -3.29 38.00 -23.94
CA GLN B 88 -3.60 39.34 -24.43
C GLN B 88 -5.03 39.44 -24.96
N GLY B 89 -5.58 38.33 -25.46
CA GLY B 89 -6.98 38.29 -25.86
C GLY B 89 -7.98 38.46 -24.72
N TRP B 90 -7.53 38.46 -23.47
CA TRP B 90 -8.40 38.72 -22.34
C TRP B 90 -8.38 40.19 -21.90
N LYS B 91 -7.72 41.07 -22.68
CA LYS B 91 -7.49 42.43 -22.23
C LYS B 91 -8.77 43.19 -21.94
N GLU B 92 -9.88 42.86 -22.61
CA GLU B 92 -11.15 43.55 -22.41
C GLU B 92 -12.22 42.65 -21.78
N LYS B 93 -11.80 41.54 -21.18
CA LYS B 93 -12.75 40.63 -20.54
C LYS B 93 -12.72 40.82 -19.03
N GLN B 94 -13.80 40.39 -18.39
CA GLN B 94 -13.84 40.22 -16.94
C GLN B 94 -13.26 38.87 -16.56
N ILE B 95 -12.44 38.85 -15.52
CA ILE B 95 -11.72 37.65 -15.10
C ILE B 95 -12.23 37.21 -13.73
N ILE B 96 -12.94 36.09 -13.69
CA ILE B 96 -13.48 35.52 -12.46
C ILE B 96 -12.59 34.36 -12.02
N LEU B 97 -12.16 34.40 -10.77
CA LEU B 97 -11.36 33.35 -10.15
C LEU B 97 -12.28 32.48 -9.30
N ARG B 98 -12.23 31.17 -9.50
CA ARG B 98 -13.06 30.28 -8.70
C ARG B 98 -12.19 29.25 -8.00
N LEU B 99 -12.31 29.20 -6.68
CA LEU B 99 -11.77 28.11 -5.87
C LEU B 99 -12.92 27.21 -5.49
N ASP B 100 -12.90 25.97 -5.97
CA ASP B 100 -14.02 25.06 -5.72
C ASP B 100 -14.10 24.54 -4.28
N ALA B 101 -12.99 24.58 -3.53
CA ALA B 101 -12.97 24.36 -2.08
C ALA B 101 -11.55 24.52 -1.53
N ALA B 102 -11.46 25.02 -0.30
CA ALA B 102 -10.20 25.13 0.42
C ALA B 102 -10.51 25.02 1.90
N GLY B 103 -9.83 24.13 2.61
CA GLY B 103 -10.16 23.82 4.00
C GLY B 103 -9.20 24.46 4.96
N LYS B 104 -9.74 25.26 5.90
CA LYS B 104 -11.17 25.53 6.11
C LYS B 104 -11.56 26.93 5.63
N SER B 105 -10.57 27.77 5.36
CA SER B 105 -10.83 29.15 4.97
C SER B 105 -9.66 29.67 4.15
N ALA B 106 -9.93 30.67 3.31
CA ALA B 106 -8.90 31.20 2.42
C ALA B 106 -9.04 32.71 2.24
N THR B 107 -7.89 33.37 2.13
CA THR B 107 -7.80 34.77 1.79
C THR B 107 -6.96 34.90 0.53
N ILE B 108 -7.50 35.60 -0.47
CA ILE B 108 -6.91 35.65 -1.81
C ILE B 108 -6.24 37.00 -2.01
N TYR B 109 -4.98 36.97 -2.44
CA TYR B 109 -4.22 38.17 -2.74
C TYR B 109 -3.80 38.15 -4.19
N ILE B 110 -4.02 39.25 -4.89
CA ILE B 110 -3.52 39.48 -6.24
C ILE B 110 -2.55 40.64 -6.19
N ASN B 111 -1.27 40.35 -6.42
CA ASN B 111 -0.18 41.34 -6.40
C ASN B 111 -0.04 42.05 -5.04
N GLY B 112 -0.48 41.41 -3.96
CA GLY B 112 -0.38 41.96 -2.62
C GLY B 112 -1.69 42.51 -2.09
N LYS B 113 -2.66 42.73 -2.97
CA LYS B 113 -3.94 43.33 -2.60
C LYS B 113 -4.91 42.24 -2.15
N ASN B 114 -5.41 42.35 -0.92
CA ASN B 114 -6.49 41.47 -0.47
C ASN B 114 -7.70 41.65 -1.37
N VAL B 115 -8.16 40.54 -1.96
CA VAL B 115 -9.29 40.57 -2.89
C VAL B 115 -10.56 40.06 -2.24
N GLY B 116 -10.45 39.07 -1.36
CA GLY B 116 -11.61 38.48 -0.75
C GLY B 116 -11.20 37.44 0.27
N GLU B 117 -12.21 36.85 0.88
CA GLU B 117 -11.99 35.83 1.89
C GLU B 117 -13.18 34.87 1.82
N HIS B 118 -12.96 33.63 2.23
CA HIS B 118 -14.05 32.67 2.28
C HIS B 118 -13.92 31.76 3.50
N ALA B 119 -15.06 31.51 4.14
CA ALA B 119 -15.15 30.71 5.35
C ALA B 119 -16.01 29.48 5.04
N GLY B 120 -15.42 28.30 5.17
CA GLY B 120 -16.07 27.08 4.74
C GLY B 120 -15.14 26.23 3.90
N GLY B 121 -15.07 24.95 4.20
CA GLY B 121 -14.10 24.07 3.57
C GLY B 121 -14.62 23.21 2.46
N TYR B 122 -15.91 23.31 2.12
CA TYR B 122 -16.52 22.36 1.20
C TYR B 122 -17.39 23.04 0.16
N THR B 123 -17.41 24.37 0.12
CA THR B 123 -18.18 25.14 -0.82
C THR B 123 -17.24 26.01 -1.64
N ALA B 124 -17.67 26.36 -2.84
CA ALA B 124 -16.83 27.17 -3.74
C ALA B 124 -16.95 28.65 -3.40
N CYS B 125 -15.98 29.42 -3.88
CA CYS B 125 -15.97 30.86 -3.76
C CYS B 125 -15.39 31.43 -5.04
N SER B 126 -15.92 32.57 -5.48
CA SER B 126 -15.46 33.22 -6.71
C SER B 126 -15.34 34.72 -6.51
N PHE B 127 -14.40 35.32 -7.24
CA PHE B 127 -14.08 36.74 -7.14
C PHE B 127 -13.83 37.30 -8.51
N ASN B 128 -14.44 38.43 -8.81
CA ASN B 128 -14.02 39.19 -9.98
C ASN B 128 -12.68 39.84 -9.66
N ILE B 129 -11.62 39.38 -10.30
CA ILE B 129 -10.28 39.89 -10.01
C ILE B 129 -9.76 40.80 -11.11
N THR B 130 -10.61 41.24 -12.03
CA THR B 130 -10.16 42.13 -13.10
C THR B 130 -9.48 43.40 -12.58
N PRO B 131 -10.04 44.15 -11.62
CA PRO B 131 -9.38 45.41 -11.21
C PRO B 131 -7.96 45.26 -10.71
N PHE B 132 -7.65 44.16 -10.03
CA PHE B 132 -6.32 44.00 -9.45
C PHE B 132 -5.28 43.47 -10.43
N LEU B 133 -5.70 43.07 -11.62
CA LEU B 133 -4.78 42.47 -12.58
C LEU B 133 -4.17 43.51 -13.51
N SER B 134 -2.93 43.25 -13.89
CA SER B 134 -2.21 43.92 -14.96
C SER B 134 -2.18 43.02 -16.18
N PHE B 135 -1.95 43.63 -17.34
CA PHE B 135 -1.92 42.87 -18.59
C PHE B 135 -0.61 42.96 -19.35
N ASP B 136 0.39 43.65 -18.81
CA ASP B 136 1.70 43.77 -19.43
C ASP B 136 2.83 43.43 -18.46
N THR B 137 2.50 42.87 -17.30
CA THR B 137 3.47 42.43 -16.30
C THR B 137 2.99 41.10 -15.72
N PRO B 138 3.87 40.36 -15.05
CA PRO B 138 3.40 39.16 -14.34
C PRO B 138 2.52 39.56 -13.17
N ASN B 139 1.48 38.77 -12.93
CA ASN B 139 0.68 38.94 -11.75
C ASN B 139 0.86 37.74 -10.85
N THR B 140 0.77 37.96 -9.54
CA THR B 140 1.00 36.89 -8.59
C THR B 140 -0.30 36.61 -7.84
N LEU B 141 -0.68 35.35 -7.79
CA LEU B 141 -1.83 34.90 -7.00
C LEU B 141 -1.29 34.25 -5.74
N ALA B 142 -1.77 34.70 -4.59
CA ALA B 142 -1.31 34.17 -3.31
C ALA B 142 -2.54 33.85 -2.47
N VAL B 143 -2.64 32.61 -1.99
CA VAL B 143 -3.77 32.19 -1.19
C VAL B 143 -3.25 31.78 0.18
N CYS B 144 -3.78 32.40 1.23
CA CYS B 144 -3.52 32.01 2.60
C CYS B 144 -4.68 31.16 3.10
N VAL B 145 -4.39 29.90 3.44
CA VAL B 145 -5.40 28.94 3.85
C VAL B 145 -5.16 28.56 5.31
N ASP B 146 -6.25 28.32 6.03
CA ASP B 146 -6.21 28.07 7.47
C ASP B 146 -7.21 26.96 7.78
N ASN B 147 -6.77 25.88 8.41
CA ASN B 147 -7.73 24.89 8.88
C ASN B 147 -7.70 24.76 10.41
N ALA B 148 -7.21 25.79 11.12
CA ALA B 148 -7.21 25.87 12.57
C ALA B 148 -8.41 26.61 13.15
N ARG B 149 -9.27 27.18 12.32
CA ARG B 149 -10.26 28.15 12.79
C ARG B 149 -11.47 27.46 13.41
N GLN B 150 -11.79 27.85 14.64
CA GLN B 150 -12.85 27.22 15.42
C GLN B 150 -14.22 27.87 15.20
N ASP B 151 -14.31 28.93 14.39
CA ASP B 151 -15.59 29.54 14.09
C ASP B 151 -16.20 29.01 12.78
N ILE B 152 -15.69 27.91 12.24
CA ILE B 152 -16.12 27.37 10.96
C ILE B 152 -16.43 25.88 11.13
N ALA B 153 -17.61 25.46 10.66
CA ALA B 153 -18.00 24.06 10.71
C ALA B 153 -17.13 23.22 9.77
N PRO B 154 -16.80 21.97 10.15
CA PRO B 154 -17.11 21.35 11.44
C PRO B 154 -16.07 21.73 12.49
N ILE B 155 -16.50 21.83 13.73
CA ILE B 155 -15.54 21.93 14.82
C ILE B 155 -15.36 20.58 15.50
N SER B 156 -16.29 19.66 15.30
CA SER B 156 -16.24 18.35 15.90
C SER B 156 -16.85 17.37 14.90
N GLY B 157 -16.37 16.14 14.92
CA GLY B 157 -16.96 15.12 14.08
C GLY B 157 -15.96 14.03 13.79
N ASP B 158 -16.49 12.91 13.28
CA ASP B 158 -15.71 11.69 13.15
C ASP B 158 -15.00 11.64 11.80
N PHE B 159 -14.18 12.67 11.54
CA PHE B 159 -13.36 12.68 10.34
C PHE B 159 -12.32 13.77 10.47
N THR B 160 -11.30 13.69 9.61
CA THR B 160 -10.19 14.62 9.61
C THR B 160 -10.56 15.92 8.91
N PHE B 161 -10.13 17.05 9.47
CA PHE B 161 -10.38 18.37 8.88
C PHE B 161 -9.15 18.76 8.05
N PHE B 162 -9.12 18.21 6.84
CA PHE B 162 -7.95 18.36 5.98
C PHE B 162 -7.77 19.81 5.55
N GLY B 163 -6.51 20.26 5.56
CA GLY B 163 -6.18 21.61 5.15
C GLY B 163 -5.64 21.65 3.73
N GLY B 164 -6.06 22.67 2.98
CA GLY B 164 -5.43 23.09 1.74
C GLY B 164 -6.41 23.23 0.62
N ILE B 165 -5.87 23.43 -0.59
CA ILE B 165 -6.69 23.66 -1.78
C ILE B 165 -6.80 22.31 -2.49
N TYR B 166 -7.89 21.60 -2.21
CA TYR B 166 -8.02 20.21 -2.65
CA TYR B 166 -8.06 20.21 -2.59
C TYR B 166 -9.17 20.01 -3.64
N ARG B 167 -9.61 21.06 -4.29
CA ARG B 167 -10.50 20.92 -5.43
C ARG B 167 -9.97 21.81 -6.54
N ASP B 168 -10.63 21.76 -7.70
CA ASP B 168 -10.19 22.56 -8.85
C ASP B 168 -10.23 24.06 -8.56
N VAL B 169 -9.26 24.77 -9.16
CA VAL B 169 -9.22 26.23 -9.19
C VAL B 169 -9.32 26.69 -10.66
N TRP B 170 -10.33 27.51 -10.97
CA TRP B 170 -10.62 27.94 -12.32
C TRP B 170 -10.41 29.43 -12.54
N LEU B 171 -10.11 29.78 -13.79
CA LEU B 171 -10.21 31.15 -14.30
C LEU B 171 -11.25 31.14 -15.42
N THR B 172 -12.27 32.00 -15.28
CA THR B 172 -13.27 32.22 -16.32
C THR B 172 -13.14 33.66 -16.82
N ALA B 173 -12.88 33.81 -18.11
CA ALA B 173 -12.90 35.10 -18.79
C ALA B 173 -14.22 35.24 -19.54
N VAL B 174 -14.90 36.36 -19.34
CA VAL B 174 -16.19 36.59 -19.98
C VAL B 174 -16.21 38.00 -20.56
N PRO B 175 -17.03 38.24 -21.58
CA PRO B 175 -17.24 39.61 -22.04
C PRO B 175 -17.95 40.44 -20.98
N ASN B 176 -17.77 41.76 -21.09
CA ASN B 176 -18.24 42.71 -20.08
C ASN B 176 -19.73 42.57 -19.75
N GLN B 177 -20.55 41.98 -20.61
CA GLN B 177 -21.90 41.58 -20.21
C GLN B 177 -21.96 40.07 -20.17
N HIS B 178 -22.47 39.54 -19.05
CA HIS B 178 -22.35 38.11 -18.75
C HIS B 178 -23.36 37.75 -17.66
N PHE B 179 -23.46 36.45 -17.40
CA PHE B 179 -24.24 36.00 -16.25
C PHE B 179 -23.45 36.19 -14.95
N ASN B 180 -24.16 36.44 -13.85
CA ASN B 180 -23.53 36.64 -12.54
C ASN B 180 -22.77 35.39 -12.12
N LEU B 181 -21.47 35.55 -11.89
CA LEU B 181 -20.62 34.45 -11.43
C LEU B 181 -20.04 34.72 -10.05
N THR B 182 -20.50 35.77 -9.36
CA THR B 182 -20.06 36.11 -8.00
C THR B 182 -21.22 36.13 -7.01
N ASN B 183 -22.23 35.30 -7.25
CA ASN B 183 -23.37 35.04 -6.34
C ASN B 183 -23.09 33.76 -5.56
N HIS B 184 -22.44 33.89 -4.40
CA HIS B 184 -22.22 32.76 -3.49
C HIS B 184 -21.47 31.63 -4.21
N GLY B 185 -20.50 32.00 -5.04
CA GLY B 185 -19.71 31.08 -5.85
C GLY B 185 -20.45 30.19 -6.84
N SER B 186 -21.74 30.45 -7.12
CA SER B 186 -22.54 29.59 -7.98
C SER B 186 -22.45 30.03 -9.45
N ASP B 187 -23.31 29.43 -10.29
CA ASP B 187 -23.38 29.75 -11.72
C ASP B 187 -24.24 30.96 -12.02
N GLY B 188 -25.00 31.45 -11.05
CA GLY B 188 -25.85 32.61 -11.23
C GLY B 188 -27.21 32.29 -11.80
N LEU B 189 -27.45 31.07 -12.26
CA LEU B 189 -28.71 30.67 -12.86
C LEU B 189 -29.35 29.58 -12.02
N PHE B 190 -30.67 29.53 -12.05
CA PHE B 190 -31.39 28.62 -11.18
C PHE B 190 -32.65 28.12 -11.90
N ILE B 191 -32.70 26.83 -12.17
CA ILE B 191 -33.81 26.23 -12.90
C ILE B 191 -34.58 25.31 -11.96
N SER B 192 -35.92 25.36 -12.03
CA SER B 192 -36.79 24.52 -11.20
C SER B 192 -37.98 24.06 -12.03
N THR B 193 -38.83 23.24 -11.43
CA THR B 193 -40.06 22.78 -12.09
C THR B 193 -41.21 22.89 -11.10
N PRO B 194 -42.02 23.95 -11.18
CA PRO B 194 -43.05 24.17 -10.15
C PRO B 194 -44.08 23.07 -10.06
N GLN B 195 -44.46 22.47 -11.19
CA GLN B 195 -45.44 21.40 -11.23
C GLN B 195 -44.88 20.28 -12.08
N VAL B 196 -45.11 19.04 -11.67
CA VAL B 196 -44.69 17.85 -12.41
C VAL B 196 -45.74 16.77 -12.25
N SER B 197 -46.28 16.30 -13.37
CA SER B 197 -47.24 15.21 -13.39
C SER B 197 -46.89 14.31 -14.56
N GLU B 198 -47.55 13.15 -14.61
CA GLU B 198 -47.39 12.30 -15.77
C GLU B 198 -47.72 13.04 -17.05
N GLU B 199 -48.74 13.89 -17.01
CA GLU B 199 -49.27 14.50 -18.22
C GLU B 199 -48.54 15.77 -18.61
N GLN B 200 -48.11 16.56 -17.64
CA GLN B 200 -47.42 17.79 -18.00
C GLN B 200 -46.55 18.23 -16.84
N ALA B 201 -45.60 19.10 -17.15
CA ALA B 201 -44.80 19.76 -16.13
C ALA B 201 -44.45 21.14 -16.64
N THR B 202 -43.98 21.98 -15.73
CA THR B 202 -43.72 23.39 -16.01
C THR B 202 -42.30 23.74 -15.63
N LEU B 203 -41.65 24.54 -16.48
CA LEU B 203 -40.25 24.92 -16.29
C LEU B 203 -40.16 26.36 -15.83
N SER B 204 -39.07 26.68 -15.12
CA SER B 204 -38.83 28.01 -14.57
C SER B 204 -37.33 28.27 -14.60
N ILE B 205 -36.90 29.20 -15.45
CA ILE B 205 -35.50 29.49 -15.69
C ILE B 205 -35.20 30.89 -15.19
N ARG B 206 -34.41 30.99 -14.12
CA ARG B 206 -34.14 32.27 -13.46
C ARG B 206 -32.64 32.50 -13.33
N GLY B 207 -32.26 33.75 -13.11
CA GLY B 207 -30.86 34.08 -13.05
C GLY B 207 -30.64 35.58 -13.02
N GLU B 208 -29.37 35.96 -13.14
CA GLU B 208 -28.94 37.34 -13.13
C GLU B 208 -27.95 37.60 -14.25
N VAL B 209 -28.06 38.77 -14.89
CA VAL B 209 -27.12 39.25 -15.89
C VAL B 209 -26.43 40.50 -15.35
N LYS B 210 -25.13 40.60 -15.59
CA LYS B 210 -24.29 41.66 -15.04
C LYS B 210 -23.62 42.39 -16.19
N ASN B 211 -23.47 43.71 -16.05
CA ASN B 211 -22.87 44.54 -17.08
C ASN B 211 -21.79 45.38 -16.41
N ASP B 212 -20.52 45.05 -16.66
CA ASP B 212 -19.41 45.79 -16.07
C ASP B 212 -18.74 46.71 -17.08
N ALA B 213 -19.45 47.08 -18.15
CA ALA B 213 -18.95 48.07 -19.09
C ALA B 213 -19.17 49.47 -18.55
N PRO B 214 -18.35 50.45 -18.96
CA PRO B 214 -18.60 51.84 -18.54
C PRO B 214 -19.89 52.45 -19.09
N GLU B 215 -20.55 51.81 -20.06
CA GLU B 215 -21.75 52.36 -20.68
C GLU B 215 -22.86 51.32 -20.63
N LYS B 216 -24.09 51.75 -20.94
CA LYS B 216 -25.25 50.86 -21.00
C LYS B 216 -25.10 49.82 -22.12
N ALA B 217 -26.09 48.93 -22.28
CA ALA B 217 -26.08 47.95 -23.37
C ALA B 217 -27.45 47.29 -23.48
N THR B 218 -27.82 46.96 -24.71
CA THR B 218 -29.10 46.32 -25.02
C THR B 218 -28.81 44.90 -25.47
N LEU B 219 -29.42 43.93 -24.81
CA LEU B 219 -29.06 42.54 -24.99
C LEU B 219 -30.29 41.74 -25.36
N GLU B 220 -30.04 40.55 -25.91
CA GLU B 220 -31.09 39.55 -26.07
C GLU B 220 -30.71 38.32 -25.25
N LEU B 221 -31.66 37.80 -24.51
CA LEU B 221 -31.49 36.62 -23.69
C LEU B 221 -32.27 35.47 -24.31
N THR B 222 -31.64 34.30 -24.47
CA THR B 222 -32.27 33.17 -25.11
C THR B 222 -32.16 31.91 -24.23
N HIS B 223 -33.29 31.24 -24.00
CA HIS B 223 -33.34 29.95 -23.29
C HIS B 223 -33.73 28.85 -24.29
N THR B 224 -32.77 27.99 -24.62
CA THR B 224 -32.98 26.89 -25.55
C THR B 224 -33.12 25.59 -24.77
N ILE B 225 -34.23 24.87 -24.99
CA ILE B 225 -34.58 23.68 -24.23
C ILE B 225 -34.60 22.48 -25.15
N TYR B 226 -33.84 21.44 -24.81
CA TYR B 226 -33.68 20.25 -25.64
C TYR B 226 -34.19 19.01 -24.90
N ARG B 227 -34.97 18.18 -25.60
CA ARG B 227 -35.39 16.87 -25.13
C ARG B 227 -34.21 15.98 -24.72
N PRO B 228 -34.46 14.85 -24.05
CA PRO B 228 -33.37 13.90 -23.79
C PRO B 228 -32.64 13.43 -25.04
N ASP B 229 -33.33 13.30 -26.18
CA ASP B 229 -32.74 12.78 -27.40
C ASP B 229 -32.00 13.83 -28.23
N GLY B 230 -31.79 15.03 -27.70
CA GLY B 230 -30.96 16.04 -28.33
C GLY B 230 -31.70 17.03 -29.21
N THR B 231 -32.94 16.74 -29.60
CA THR B 231 -33.70 17.62 -30.47
C THR B 231 -34.26 18.83 -29.71
N LEU B 232 -34.51 19.89 -30.46
CA LEU B 232 -35.05 21.12 -29.89
C LEU B 232 -36.51 20.91 -29.47
N LEU B 233 -36.86 21.44 -28.30
CA LEU B 233 -38.24 21.47 -27.87
C LEU B 233 -38.83 22.88 -27.78
N GLN B 234 -38.00 23.92 -27.64
CA GLN B 234 -38.54 25.24 -27.38
C GLN B 234 -37.44 26.28 -27.26
N THR B 235 -37.68 27.48 -27.78
CA THR B 235 -36.78 28.62 -27.62
C THR B 235 -37.54 29.77 -26.98
N LEU B 236 -36.99 30.32 -25.90
CA LEU B 236 -37.50 31.54 -25.30
C LEU B 236 -36.53 32.68 -25.62
N LYS B 237 -37.08 33.83 -26.02
CA LYS B 237 -36.26 35.02 -26.22
C LYS B 237 -36.93 36.21 -25.54
N LYS B 238 -36.10 37.04 -24.90
CA LYS B 238 -36.55 38.26 -24.23
C LYS B 238 -35.43 39.29 -24.39
N ASN B 239 -35.75 40.46 -24.94
CA ASN B 239 -34.79 41.56 -25.02
C ASN B 239 -34.72 42.27 -23.68
N ILE B 240 -33.53 42.77 -23.33
CA ILE B 240 -33.29 43.41 -22.04
C ILE B 240 -32.23 44.49 -22.18
N GLN B 241 -32.27 45.49 -21.29
CA GLN B 241 -31.32 46.60 -21.28
C GLN B 241 -30.77 46.79 -19.87
N LEU B 242 -29.48 47.11 -19.78
CA LEU B 242 -28.86 47.40 -18.50
C LEU B 242 -27.96 48.62 -18.62
N LYS B 243 -28.00 49.48 -17.60
CA LYS B 243 -27.11 50.62 -17.54
C LYS B 243 -25.78 50.20 -16.90
N ALA B 244 -24.71 50.91 -17.27
CA ALA B 244 -23.35 50.64 -16.81
C ALA B 244 -23.28 50.28 -15.33
N GLY B 245 -22.82 49.05 -15.04
CA GLY B 245 -22.64 48.61 -13.67
C GLY B 245 -23.84 47.98 -13.00
N GLU B 246 -24.91 47.69 -13.74
CA GLU B 246 -26.13 47.14 -13.18
C GLU B 246 -26.13 45.62 -13.33
N THR B 247 -26.84 44.96 -12.41
CA THR B 247 -27.11 43.53 -12.52
C THR B 247 -28.62 43.35 -12.60
N TYR B 248 -29.06 42.45 -13.48
CA TYR B 248 -30.46 42.35 -13.88
C TYR B 248 -30.98 40.96 -13.57
N ALA B 249 -32.17 40.88 -12.97
CA ALA B 249 -32.75 39.60 -12.57
C ALA B 249 -33.91 39.26 -13.49
N PHE B 250 -33.82 38.10 -14.14
CA PHE B 250 -34.87 37.58 -15.02
C PHE B 250 -35.50 36.35 -14.39
N SER B 251 -36.61 35.94 -14.99
CA SER B 251 -37.37 34.78 -14.51
C SER B 251 -38.43 34.40 -15.52
N ASN B 252 -38.10 33.51 -16.44
CA ASN B 252 -38.94 33.23 -17.60
C ASN B 252 -39.55 31.84 -17.46
N GLU B 253 -40.87 31.77 -17.32
CA GLU B 253 -41.57 30.51 -17.44
C GLU B 253 -41.44 29.98 -18.86
N ALA B 254 -41.72 28.70 -19.03
CA ALA B 254 -41.63 28.06 -20.33
C ALA B 254 -42.95 27.38 -20.62
N THR B 255 -43.23 27.21 -21.91
CA THR B 255 -44.45 26.52 -22.31
C THR B 255 -44.48 25.15 -21.64
N PRO B 256 -45.58 24.78 -20.98
CA PRO B 256 -45.66 23.46 -20.35
C PRO B 256 -45.20 22.34 -21.28
N VAL B 257 -44.36 21.46 -20.73
CA VAL B 257 -43.92 20.25 -21.42
C VAL B 257 -44.98 19.17 -21.26
N LEU B 258 -45.38 18.56 -22.35
CA LEU B 258 -46.49 17.62 -22.37
C LEU B 258 -45.95 16.20 -22.46
N LYS B 259 -46.57 15.28 -21.70
CA LYS B 259 -46.12 13.90 -21.57
C LYS B 259 -44.61 13.81 -21.33
N PRO B 260 -44.08 14.48 -20.29
CA PRO B 260 -42.63 14.68 -20.19
C PRO B 260 -41.91 13.41 -19.78
N GLU B 261 -40.65 13.29 -20.21
CA GLU B 261 -39.85 12.11 -19.87
C GLU B 261 -39.30 12.27 -18.46
N LEU B 262 -39.77 11.42 -17.54
CA LEU B 262 -39.45 11.52 -16.12
C LEU B 262 -38.12 10.84 -15.78
N TRP B 263 -37.44 11.42 -14.80
CA TRP B 263 -36.16 10.95 -14.30
C TRP B 263 -36.37 9.99 -13.14
N THR B 264 -35.56 8.91 -13.11
CA THR B 264 -35.34 8.01 -11.99
C THR B 264 -33.87 7.62 -12.01
N PRO B 265 -33.33 7.06 -10.92
CA PRO B 265 -31.96 6.50 -11.02
C PRO B 265 -31.81 5.53 -12.16
N GLU B 266 -32.86 4.77 -12.46
CA GLU B 266 -32.81 3.76 -13.52
C GLU B 266 -32.99 4.35 -14.93
N THR B 267 -33.75 5.44 -15.08
CA THR B 267 -33.98 6.08 -16.38
C THR B 267 -33.64 7.57 -16.27
N PRO B 268 -32.36 7.92 -16.23
CA PRO B 268 -32.04 9.33 -15.93
C PRO B 268 -32.19 10.21 -17.16
N ARG B 269 -33.44 10.43 -17.57
CA ARG B 269 -33.76 11.30 -18.70
C ARG B 269 -33.52 12.75 -18.32
N LEU B 270 -32.64 13.43 -19.05
CA LEU B 270 -32.29 14.82 -18.76
C LEU B 270 -32.64 15.75 -19.92
N TYR B 271 -33.15 16.93 -19.58
CA TYR B 271 -33.36 18.00 -20.55
C TYR B 271 -32.27 19.04 -20.40
N ARG B 272 -31.54 19.33 -21.47
CA ARG B 272 -30.56 20.41 -21.43
C ARG B 272 -31.24 21.75 -21.67
N VAL B 273 -30.73 22.79 -20.99
CA VAL B 273 -31.19 24.16 -21.12
C VAL B 273 -29.97 25.01 -21.38
N GLU B 274 -29.91 25.63 -22.55
CA GLU B 274 -28.79 26.44 -22.97
C GLU B 274 -29.22 27.91 -22.95
N THR B 275 -28.52 28.72 -22.17
CA THR B 275 -28.89 30.12 -21.96
C THR B 275 -27.83 31.02 -22.56
N THR B 276 -28.23 31.78 -23.58
CA THR B 276 -27.31 32.53 -24.43
C THR B 276 -27.61 34.01 -24.35
N LEU B 277 -26.55 34.82 -24.33
CA LEU B 277 -26.62 36.27 -24.16
C LEU B 277 -25.89 36.92 -25.31
N ARG B 278 -26.62 37.65 -26.16
CA ARG B 278 -26.02 38.30 -27.32
C ARG B 278 -26.36 39.79 -27.35
N ASN B 279 -25.44 40.56 -27.95
CA ASN B 279 -25.68 41.97 -28.22
C ASN B 279 -26.88 42.11 -29.15
N ARG B 280 -27.81 43.01 -28.83
CA ARG B 280 -29.10 42.97 -29.52
C ARG B 280 -29.01 43.47 -30.95
N LYS B 281 -28.12 44.44 -31.22
CA LYS B 281 -27.94 44.94 -32.57
C LYS B 281 -27.18 43.92 -33.41
N THR B 282 -25.90 43.69 -33.07
CA THR B 282 -25.00 42.87 -33.87
C THR B 282 -25.25 41.37 -33.73
N LYS B 283 -26.06 40.94 -32.77
CA LYS B 283 -26.28 39.51 -32.47
C LYS B 283 -24.98 38.74 -32.23
N THR B 284 -23.89 39.48 -31.95
CA THR B 284 -22.66 38.89 -31.43
C THR B 284 -22.96 38.10 -30.16
N LEU B 285 -22.49 36.86 -30.10
CA LEU B 285 -22.59 36.07 -28.88
C LEU B 285 -21.66 36.61 -27.80
N LEU B 286 -22.17 36.75 -26.58
CA LEU B 286 -21.40 37.25 -25.45
C LEU B 286 -21.08 36.13 -24.47
N ASP B 287 -22.09 35.59 -23.80
CA ASP B 287 -21.90 34.59 -22.77
C ASP B 287 -22.89 33.45 -22.97
N GLN B 288 -22.51 32.28 -22.44
CA GLN B 288 -23.33 31.08 -22.58
C GLN B 288 -23.12 30.19 -21.37
N SER B 289 -24.19 29.47 -20.99
CA SER B 289 -24.15 28.63 -19.79
C SER B 289 -25.19 27.53 -19.94
N ASN B 290 -24.74 26.28 -19.89
CA ASN B 290 -25.59 25.09 -20.02
C ASN B 290 -25.86 24.48 -18.65
N HIS B 291 -27.05 23.91 -18.51
CA HIS B 291 -27.48 23.24 -17.29
C HIS B 291 -28.42 22.13 -17.69
N TYR B 292 -28.59 21.15 -16.81
CA TYR B 292 -29.57 20.12 -17.04
C TYR B 292 -30.78 20.32 -16.13
N THR B 293 -31.90 19.77 -16.55
CA THR B 293 -33.10 19.76 -15.75
C THR B 293 -33.77 18.41 -15.95
N ALA B 294 -34.65 18.05 -15.01
CA ALA B 294 -35.39 16.80 -15.15
C ALA B 294 -36.75 16.99 -14.51
N PHE B 295 -37.66 16.08 -14.84
CA PHE B 295 -39.03 16.13 -14.33
C PHE B 295 -39.28 14.91 -13.46
N ARG B 296 -39.48 15.16 -12.17
CA ARG B 296 -39.80 14.12 -11.22
C ARG B 296 -40.45 14.80 -10.02
N TRP B 297 -41.32 14.06 -9.35
CA TRP B 297 -41.88 14.48 -8.08
C TRP B 297 -41.71 13.33 -7.10
N PHE B 298 -41.84 13.66 -5.82
CA PHE B 298 -41.62 12.69 -4.77
C PHE B 298 -42.29 13.17 -3.49
N ARG B 299 -42.58 12.22 -2.61
CA ARG B 299 -43.06 12.54 -1.28
C ARG B 299 -42.59 11.44 -0.32
N PHE B 300 -42.63 11.75 0.97
CA PHE B 300 -42.32 10.79 2.02
C PHE B 300 -43.57 10.55 2.84
N ASP B 301 -43.80 9.29 3.20
CA ASP B 301 -45.00 8.85 3.90
C ASP B 301 -44.56 8.13 5.17
N GLY B 302 -44.97 8.64 6.33
CA GLY B 302 -44.63 7.98 7.58
C GLY B 302 -45.07 6.52 7.67
N ASP B 303 -45.93 6.05 6.77
CA ASP B 303 -46.50 4.71 6.82
C ASP B 303 -46.17 3.83 5.63
N GLU B 304 -46.00 4.42 4.44
CA GLU B 304 -45.75 3.66 3.22
C GLU B 304 -44.40 3.99 2.59
N GLY B 305 -43.64 4.88 3.22
CA GLY B 305 -42.31 5.19 2.74
C GLY B 305 -42.24 6.22 1.64
N PHE B 306 -41.24 6.07 0.79
CA PHE B 306 -40.91 7.06 -0.22
C PHE B 306 -41.65 6.74 -1.52
N PHE B 307 -42.02 7.79 -2.23
CA PHE B 307 -42.73 7.66 -3.50
C PHE B 307 -42.03 8.54 -4.52
N LEU B 308 -41.64 7.95 -5.64
CA LEU B 308 -40.97 8.65 -6.72
C LEU B 308 -41.88 8.59 -7.92
N ASN B 309 -42.22 9.76 -8.47
CA ASN B 309 -43.16 9.84 -9.59
C ASN B 309 -44.41 9.00 -9.33
N GLY B 310 -44.93 9.10 -8.10
CA GLY B 310 -46.14 8.43 -7.72
C GLY B 310 -46.01 6.94 -7.42
N LYS B 311 -44.85 6.36 -7.59
CA LYS B 311 -44.74 4.95 -7.30
C LYS B 311 -43.90 4.70 -6.06
N PRO B 312 -44.24 3.68 -5.26
CA PRO B 312 -43.39 3.34 -4.11
C PRO B 312 -41.99 3.01 -4.60
N TYR B 313 -40.99 3.41 -3.82
CA TYR B 313 -39.60 3.34 -4.26
C TYR B 313 -38.72 3.19 -3.02
N LYS B 314 -38.16 2.01 -2.81
CA LYS B 314 -37.25 1.78 -1.69
C LYS B 314 -35.90 2.42 -1.99
N LEU B 315 -35.48 3.34 -1.14
CA LEU B 315 -34.19 4.01 -1.33
C LEU B 315 -33.06 3.08 -0.91
N ARG B 316 -32.15 2.79 -1.84
CA ARG B 316 -31.04 1.86 -1.61
C ARG B 316 -29.76 2.68 -1.58
N GLY B 317 -29.38 3.14 -0.39
CA GLY B 317 -28.35 4.15 -0.30
C GLY B 317 -27.06 3.74 0.36
N ILE B 318 -26.00 4.51 0.09
CA ILE B 318 -24.75 4.45 0.83
C ILE B 318 -24.31 5.89 1.05
N CYS B 319 -23.61 6.13 2.16
CA CYS B 319 -22.91 7.39 2.37
C CYS B 319 -21.48 7.25 1.87
N ARG B 320 -20.87 8.36 1.51
CA ARG B 320 -19.53 8.35 0.94
C ARG B 320 -18.77 9.56 1.44
N HIS B 321 -17.65 9.33 2.13
CA HIS B 321 -16.65 10.36 2.39
C HIS B 321 -15.73 10.53 1.20
N GLN B 322 -15.08 11.70 1.12
CA GLN B 322 -14.42 12.11 -0.11
C GLN B 322 -12.90 11.91 -0.11
N ASP B 323 -12.33 11.22 0.88
CA ASP B 323 -10.88 11.11 0.95
C ASP B 323 -10.41 9.73 0.49
N GLN B 324 -9.12 9.64 0.19
CA GLN B 324 -8.51 8.37 -0.17
C GLN B 324 -7.10 8.30 0.37
N LYS B 325 -6.83 7.30 1.20
CA LYS B 325 -5.49 7.07 1.74
C LYS B 325 -4.49 6.80 0.61
N PRO B 326 -3.30 7.42 0.61
CA PRO B 326 -2.70 8.44 1.49
C PRO B 326 -2.77 9.88 0.99
N ILE B 327 -3.62 10.17 0.00
CA ILE B 327 -3.64 11.52 -0.59
C ILE B 327 -4.69 12.44 0.04
N GLY B 328 -5.45 11.96 1.00
CA GLY B 328 -6.46 12.78 1.61
C GLY B 328 -7.61 13.02 0.66
N PRO B 329 -8.16 14.23 0.67
CA PRO B 329 -9.22 14.56 -0.28
C PRO B 329 -8.72 15.20 -1.57
N ALA B 330 -7.41 15.16 -1.84
CA ALA B 330 -6.86 15.67 -3.09
C ALA B 330 -7.09 14.66 -4.23
N LEU B 331 -8.35 14.34 -4.47
CA LEU B 331 -8.72 13.43 -5.55
C LEU B 331 -8.86 14.20 -6.87
N THR B 332 -8.48 13.54 -7.97
CA THR B 332 -8.80 14.07 -9.29
C THR B 332 -10.20 13.62 -9.67
N ASP B 333 -10.75 14.20 -10.74
CA ASP B 333 -12.16 13.99 -11.02
C ASP B 333 -12.47 12.57 -11.49
N GLU B 334 -11.50 11.88 -12.13
CA GLU B 334 -11.76 10.48 -12.47
C GLU B 334 -11.82 9.60 -11.23
N MET B 335 -11.19 9.99 -10.12
CA MET B 335 -11.37 9.23 -8.89
C MET B 335 -12.79 9.40 -8.35
N HIS B 336 -13.33 10.63 -8.36
CA HIS B 336 -14.73 10.80 -7.98
C HIS B 336 -15.63 9.95 -8.88
N ARG B 337 -15.36 9.94 -10.19
CA ARG B 337 -16.20 9.16 -11.08
C ARG B 337 -16.02 7.67 -10.84
N ARG B 338 -14.77 7.22 -10.63
CA ARG B 338 -14.53 5.83 -10.23
C ARG B 338 -15.35 5.46 -9.00
N ASP B 339 -15.28 6.29 -7.95
CA ASP B 339 -16.10 6.05 -6.77
C ASP B 339 -17.56 5.89 -7.15
N PHE B 340 -18.05 6.74 -8.06
CA PHE B 340 -19.46 6.68 -8.41
C PHE B 340 -19.79 5.41 -9.15
N LEU B 341 -18.94 5.00 -10.09
CA LEU B 341 -19.20 3.76 -10.81
C LEU B 341 -19.29 2.59 -9.84
N LEU B 342 -18.47 2.59 -8.80
CA LEU B 342 -18.54 1.50 -7.83
C LEU B 342 -19.86 1.50 -7.10
N MET B 343 -20.32 2.67 -6.65
CA MET B 343 -21.58 2.70 -5.93
C MET B 343 -22.74 2.32 -6.84
N LYS B 344 -22.66 2.68 -8.12
CA LYS B 344 -23.73 2.40 -9.09
C LYS B 344 -23.73 0.94 -9.55
N GLU B 345 -22.56 0.36 -9.82
CA GLU B 345 -22.51 -1.05 -10.18
C GLU B 345 -22.94 -1.95 -9.02
N MET B 346 -22.86 -1.45 -7.78
CA MET B 346 -23.36 -2.20 -6.63
C MET B 346 -24.88 -2.22 -6.60
N GLY B 347 -25.54 -1.32 -7.32
CA GLY B 347 -26.99 -1.27 -7.36
C GLY B 347 -27.62 -0.21 -6.50
N ALA B 348 -26.84 0.73 -5.97
CA ALA B 348 -27.40 1.79 -5.11
C ALA B 348 -28.16 2.81 -5.95
N ASN B 349 -29.30 3.28 -5.41
CA ASN B 349 -30.05 4.34 -6.08
C ASN B 349 -30.11 5.62 -5.27
N PHE B 350 -29.37 5.71 -4.16
CA PHE B 350 -29.45 6.85 -3.26
C PHE B 350 -28.08 7.06 -2.62
N ILE B 351 -27.69 8.31 -2.41
CA ILE B 351 -26.39 8.61 -1.80
C ILE B 351 -26.57 9.75 -0.81
N ARG B 352 -26.13 9.52 0.43
CA ARG B 352 -26.03 10.57 1.42
C ARG B 352 -24.63 11.17 1.30
N ILE B 353 -24.55 12.35 0.67
CA ILE B 353 -23.31 13.06 0.43
C ILE B 353 -22.98 13.79 1.72
N SER B 354 -22.10 13.20 2.53
CA SER B 354 -21.98 13.56 3.93
C SER B 354 -20.52 13.51 4.35
N HIS B 355 -20.15 14.32 5.33
CA HIS B 355 -21.05 15.24 6.02
C HIS B 355 -21.02 16.65 5.44
N TYR B 356 -20.52 16.78 4.22
CA TYR B 356 -20.24 18.06 3.61
C TYR B 356 -20.56 17.96 2.13
N PRO B 357 -20.77 19.08 1.46
CA PRO B 357 -21.01 19.01 0.01
C PRO B 357 -19.73 18.63 -0.72
N GLN B 358 -19.91 17.84 -1.79
CA GLN B 358 -18.79 17.20 -2.46
C GLN B 358 -18.62 17.75 -3.88
N ASP B 359 -17.72 17.12 -4.62
CA ASP B 359 -17.24 17.68 -5.87
C ASP B 359 -18.34 17.67 -6.94
N ASP B 360 -18.34 18.72 -7.78
CA ASP B 360 -19.25 18.76 -8.92
C ASP B 360 -19.10 17.52 -9.79
N ALA B 361 -17.88 17.00 -9.92
CA ALA B 361 -17.66 15.79 -10.70
C ALA B 361 -18.58 14.66 -10.24
N LEU B 362 -18.78 14.51 -8.93
CA LEU B 362 -19.68 13.47 -8.45
C LEU B 362 -21.13 13.78 -8.79
N LEU B 363 -21.60 15.00 -8.51
CA LEU B 363 -23.00 15.30 -8.73
C LEU B 363 -23.37 15.22 -10.21
N GLU B 364 -22.43 15.56 -11.10
CA GLU B 364 -22.67 15.39 -12.53
C GLU B 364 -23.04 13.94 -12.87
N MET B 365 -22.45 12.97 -12.17
CA MET B 365 -22.74 11.57 -12.41
C MET B 365 -24.08 11.13 -11.83
N CYS B 366 -24.47 11.67 -10.66
CA CYS B 366 -25.78 11.32 -10.13
C CYS B 366 -26.91 11.80 -11.05
N ASP B 367 -26.72 12.91 -11.75
CA ASP B 367 -27.72 13.36 -12.71
C ASP B 367 -27.71 12.45 -13.94
N LYS B 368 -26.53 12.25 -14.53
CA LYS B 368 -26.44 11.64 -15.86
C LYS B 368 -26.56 10.13 -15.81
N LEU B 369 -25.87 9.49 -14.88
CA LEU B 369 -25.94 8.04 -14.77
C LEU B 369 -27.02 7.60 -13.81
N GLY B 370 -27.51 8.52 -12.96
CA GLY B 370 -28.71 8.25 -12.20
C GLY B 370 -28.55 7.80 -10.76
N MET B 371 -28.65 8.73 -9.81
CA MET B 371 -28.70 8.39 -8.40
C MET B 371 -29.37 9.52 -7.64
N LEU B 372 -30.39 9.18 -6.87
CA LEU B 372 -30.99 10.15 -5.96
C LEU B 372 -29.98 10.57 -4.88
N ALA B 373 -30.05 11.83 -4.46
CA ALA B 373 -28.98 12.42 -3.65
C ALA B 373 -29.52 13.18 -2.43
N TRP B 374 -28.83 13.01 -1.31
CA TRP B 374 -28.99 13.79 -0.09
C TRP B 374 -27.67 14.51 0.17
N GLU B 375 -27.69 15.84 0.26
CA GLU B 375 -26.45 16.58 0.52
C GLU B 375 -26.60 17.48 1.75
N GLU B 376 -25.51 17.61 2.53
CA GLU B 376 -25.58 18.31 3.80
C GLU B 376 -24.29 19.10 4.06
N ILE B 377 -24.37 20.02 5.02
CA ILE B 377 -23.21 20.78 5.53
C ILE B 377 -22.84 20.26 6.93
N PRO B 378 -21.56 20.40 7.37
CA PRO B 378 -21.03 19.64 8.53
C PRO B 378 -21.21 20.28 9.91
N ILE B 379 -22.45 20.45 10.34
CA ILE B 379 -22.73 20.97 11.67
C ILE B 379 -23.04 19.75 12.56
N ILE B 380 -22.07 19.36 13.38
CA ILE B 380 -22.05 18.04 14.00
C ILE B 380 -21.75 18.15 15.50
N ASP B 381 -22.34 17.22 16.27
CA ASP B 381 -21.96 16.88 17.65
C ASP B 381 -22.44 17.90 18.69
N ILE B 382 -22.26 19.19 18.42
CA ILE B 382 -22.45 20.21 19.45
C ILE B 382 -22.40 21.61 18.85
N VAL B 383 -23.43 22.42 19.13
CA VAL B 383 -23.38 23.84 18.81
C VAL B 383 -22.59 24.55 19.90
N PRO B 384 -21.36 24.95 19.64
CA PRO B 384 -20.58 25.63 20.67
C PRO B 384 -20.96 27.10 20.78
N ASN B 385 -20.53 27.73 21.88
CA ASN B 385 -20.67 29.18 22.02
C ASN B 385 -19.43 29.88 21.46
N THR B 386 -19.22 29.68 20.16
CA THR B 386 -18.08 30.30 19.48
C THR B 386 -18.57 31.50 18.71
N PRO B 387 -18.00 32.69 18.94
CA PRO B 387 -18.48 33.90 18.24
C PRO B 387 -18.37 33.72 16.75
N GLY B 388 -19.46 34.01 16.04
CA GLY B 388 -19.48 33.97 14.60
C GLY B 388 -19.75 32.62 13.96
N TYR B 389 -19.84 31.55 14.76
CA TYR B 389 -20.11 30.22 14.23
C TYR B 389 -21.44 30.17 13.48
N GLY B 390 -22.52 30.57 14.16
CA GLY B 390 -23.83 30.48 13.55
C GLY B 390 -23.93 31.17 12.20
N ASP B 391 -23.25 32.32 12.05
CA ASP B 391 -23.35 33.10 10.82
C ASP B 391 -22.64 32.42 9.66
N ASN B 392 -21.43 31.91 9.90
CA ASN B 392 -20.73 31.13 8.89
C ASN B 392 -21.53 29.89 8.47
N CYS B 393 -22.23 29.27 9.43
CA CYS B 393 -23.07 28.11 9.11
C CYS B 393 -24.15 28.48 8.11
N GLU B 394 -24.84 29.60 8.34
CA GLU B 394 -25.91 29.99 7.45
C GLU B 394 -25.38 30.31 6.06
N ARG B 395 -24.17 30.90 5.98
CA ARG B 395 -23.61 31.21 4.67
C ARG B 395 -23.22 29.95 3.92
N ASN B 396 -22.68 28.94 4.63
CA ASN B 396 -22.42 27.66 3.97
C ASN B 396 -23.70 26.97 3.52
N LEU B 397 -24.80 27.14 4.27
CA LEU B 397 -26.05 26.56 3.83
C LEU B 397 -26.52 27.22 2.53
N ARG B 398 -26.46 28.57 2.46
CA ARG B 398 -26.82 29.28 1.23
C ARG B 398 -25.87 28.93 0.09
N GLU B 399 -24.57 28.89 0.37
CA GLU B 399 -23.60 28.51 -0.66
C GLU B 399 -23.91 27.13 -1.21
N MET B 400 -24.05 26.13 -0.34
CA MET B 400 -24.32 24.77 -0.83
C MET B 400 -25.52 24.78 -1.75
N ILE B 401 -26.62 25.38 -1.29
CA ILE B 401 -27.89 25.32 -2.02
C ILE B 401 -27.80 26.07 -3.34
N ARG B 402 -27.18 27.24 -3.36
CA ARG B 402 -27.12 27.99 -4.60
C ARG B 402 -26.15 27.36 -5.58
N GLN B 403 -25.09 26.73 -5.08
CA GLN B 403 -24.07 26.15 -5.97
C GLN B 403 -24.54 24.83 -6.57
N HIS B 404 -25.35 24.08 -5.85
CA HIS B 404 -25.79 22.76 -6.28
C HIS B 404 -27.26 22.74 -6.60
N TYR B 405 -27.85 23.91 -6.83
CA TYR B 405 -29.30 24.05 -7.02
C TYR B 405 -29.79 23.34 -8.28
N ASN B 406 -29.02 23.37 -9.37
CA ASN B 406 -29.47 22.81 -10.63
C ASN B 406 -29.17 21.31 -10.78
N HIS B 407 -29.08 20.56 -9.68
CA HIS B 407 -28.80 19.12 -9.80
C HIS B 407 -30.07 18.34 -9.56
N PRO B 408 -30.72 17.82 -10.61
CA PRO B 408 -32.00 17.14 -10.42
C PRO B 408 -31.92 15.94 -9.50
N SER B 409 -30.74 15.33 -9.38
CA SER B 409 -30.59 14.16 -8.52
C SER B 409 -30.86 14.49 -7.06
N ILE B 410 -30.44 15.67 -6.60
CA ILE B 410 -30.61 16.08 -5.20
C ILE B 410 -32.09 16.28 -4.91
N ILE B 411 -32.60 15.57 -3.89
CA ILE B 411 -33.97 15.75 -3.42
C ILE B 411 -34.05 16.21 -1.97
N THR B 412 -32.93 16.31 -1.26
CA THR B 412 -33.00 16.76 0.14
C THR B 412 -31.69 17.42 0.55
N TRP B 413 -31.81 18.54 1.28
CA TRP B 413 -30.68 19.17 1.96
C TRP B 413 -30.74 18.88 3.45
N GLY B 414 -29.56 18.77 4.07
CA GLY B 414 -29.46 18.64 5.51
C GLY B 414 -28.39 19.56 6.06
N TYR B 415 -28.48 19.81 7.35
CA TYR B 415 -27.53 20.72 7.96
C TYR B 415 -27.02 20.28 9.33
N MET B 416 -27.67 19.38 10.03
CA MET B 416 -27.20 18.92 11.32
C MET B 416 -27.11 17.40 11.33
N ASN B 417 -26.04 16.89 11.91
CA ASN B 417 -25.87 15.45 12.12
C ASN B 417 -25.47 15.20 13.57
N GLU B 418 -26.30 14.48 14.31
CA GLU B 418 -26.05 14.11 15.71
C GLU B 418 -25.66 15.33 16.54
N ILE B 419 -26.47 16.39 16.45
CA ILE B 419 -26.11 17.64 17.10
C ILE B 419 -26.18 17.56 18.62
N LEU B 420 -26.70 16.46 19.19
CA LEU B 420 -26.77 16.32 20.65
C LEU B 420 -25.73 15.39 21.25
N LEU B 421 -24.91 14.72 20.44
CA LEU B 421 -24.07 13.64 20.95
C LEU B 421 -23.04 14.14 21.97
N VAL B 422 -22.19 15.10 21.58
CA VAL B 422 -21.21 15.61 22.53
C VAL B 422 -21.88 16.48 23.58
N THR B 423 -22.97 17.16 23.21
CA THR B 423 -23.70 17.97 24.16
C THR B 423 -24.21 17.14 25.34
N GLN B 424 -24.75 15.95 25.07
CA GLN B 424 -25.22 15.09 26.15
C GLN B 424 -24.07 14.47 26.94
N ARG B 425 -22.91 14.30 26.32
CA ARG B 425 -21.77 13.77 27.05
C ARG B 425 -21.13 14.83 27.93
N LYS B 426 -21.12 16.08 27.49
CA LYS B 426 -20.39 17.12 28.19
C LYS B 426 -21.23 17.84 29.25
N TYR B 427 -22.56 17.77 29.15
CA TYR B 427 -23.45 18.47 30.06
C TYR B 427 -24.50 17.50 30.58
N LYS B 428 -24.66 17.46 31.91
CA LYS B 428 -25.44 16.47 32.61
C LYS B 428 -26.63 17.04 33.35
N THR B 429 -26.45 18.14 34.10
CA THR B 429 -27.56 18.78 34.80
C THR B 429 -28.51 19.45 33.83
N GLU B 430 -29.76 19.59 34.25
CA GLU B 430 -30.68 20.40 33.48
C GLU B 430 -30.25 21.87 33.46
N ALA B 431 -29.51 22.31 34.48
CA ALA B 431 -29.00 23.67 34.46
C ALA B 431 -27.97 23.86 33.36
N GLU B 432 -27.08 22.87 33.19
CA GLU B 432 -26.05 22.98 32.15
C GLU B 432 -26.64 22.81 30.76
N LEU B 433 -27.60 21.90 30.59
CA LEU B 433 -28.21 21.67 29.30
C LEU B 433 -28.92 22.91 28.77
N LYS B 434 -29.54 23.69 29.66
CA LYS B 434 -30.48 24.75 29.32
C LYS B 434 -29.93 25.69 28.26
N PRO B 435 -28.78 26.35 28.47
CA PRO B 435 -28.29 27.28 27.45
C PRO B 435 -27.82 26.61 26.17
N VAL B 436 -27.34 25.37 26.26
CA VAL B 436 -26.83 24.71 25.07
C VAL B 436 -27.99 24.20 24.21
N LEU B 437 -29.05 23.66 24.83
CA LEU B 437 -30.20 23.24 24.05
C LEU B 437 -30.88 24.43 23.39
N GLU B 438 -30.85 25.59 24.04
CA GLU B 438 -31.42 26.80 23.45
C GLU B 438 -30.60 27.27 22.25
N ARG B 439 -29.29 27.40 22.41
CA ARG B 439 -28.40 27.65 21.26
C ARG B 439 -28.68 26.68 20.13
N THR B 440 -28.80 25.39 20.47
CA THR B 440 -28.99 24.35 19.47
C THR B 440 -30.32 24.49 18.78
N LEU B 441 -31.41 24.57 19.55
CA LEU B 441 -32.72 24.73 18.92
C LEU B 441 -32.81 26.02 18.11
N ALA B 442 -32.12 27.08 18.55
CA ALA B 442 -32.10 28.34 17.81
C ALA B 442 -31.44 28.17 16.44
N LEU B 443 -30.16 27.78 16.42
CA LEU B 443 -29.47 27.57 15.15
C LEU B 443 -30.24 26.62 14.23
N ALA B 444 -30.90 25.62 14.82
CA ALA B 444 -31.64 24.63 14.04
C ALA B 444 -32.81 25.27 13.30
N ASN B 445 -33.70 25.95 14.04
CA ASN B 445 -34.84 26.60 13.37
C ASN B 445 -34.37 27.67 12.39
N ARG B 446 -33.33 28.42 12.76
CA ARG B 446 -32.77 29.43 11.87
C ARG B 446 -32.38 28.84 10.52
N LEU B 447 -31.62 27.74 10.53
CA LEU B 447 -31.18 27.13 9.28
C LEU B 447 -32.35 26.51 8.52
N GLU B 448 -33.33 25.94 9.23
CA GLU B 448 -34.51 25.43 8.54
C GLU B 448 -35.18 26.55 7.73
N ARG B 449 -35.22 27.76 8.30
CA ARG B 449 -35.79 28.91 7.61
C ARG B 449 -34.91 29.36 6.45
N VAL B 450 -33.59 29.44 6.67
CA VAL B 450 -32.68 29.75 5.56
C VAL B 450 -32.83 28.73 4.43
N LEU B 451 -32.98 27.45 4.78
CA LEU B 451 -33.13 26.42 3.76
C LEU B 451 -34.35 26.69 2.89
N LYS B 452 -35.53 26.75 3.50
CA LYS B 452 -36.74 26.88 2.69
C LYS B 452 -36.85 28.25 2.04
N GLU B 453 -36.04 29.22 2.47
CA GLU B 453 -35.96 30.51 1.81
C GLU B 453 -35.10 30.44 0.56
N GLU B 454 -34.10 29.55 0.56
CA GLU B 454 -33.25 29.34 -0.60
C GLU B 454 -33.82 28.33 -1.60
N ASP B 455 -34.73 27.46 -1.15
CA ASP B 455 -35.23 26.39 -2.00
C ASP B 455 -36.50 25.80 -1.40
N SER B 456 -37.61 25.99 -2.10
CA SER B 456 -38.90 25.44 -1.74
C SER B 456 -39.23 24.18 -2.53
N THR B 457 -38.33 23.71 -3.37
CA THR B 457 -38.59 22.53 -4.18
C THR B 457 -38.08 21.24 -3.55
N ARG B 458 -37.21 21.33 -2.55
CA ARG B 458 -36.62 20.13 -1.98
C ARG B 458 -37.04 19.97 -0.52
N ILE B 459 -36.78 18.76 -0.01
CA ILE B 459 -37.07 18.34 1.36
C ILE B 459 -35.91 18.72 2.27
N SER B 460 -36.20 19.00 3.53
CA SER B 460 -35.20 19.18 4.56
C SER B 460 -35.06 17.90 5.40
N THR B 461 -33.89 17.75 6.00
CA THR B 461 -33.64 16.53 6.76
C THR B 461 -32.60 16.82 7.83
N MET B 462 -32.66 16.03 8.89
CA MET B 462 -31.68 16.04 9.97
C MET B 462 -31.39 14.60 10.32
N ALA B 463 -30.18 14.34 10.85
CA ALA B 463 -29.75 13.01 11.26
C ALA B 463 -29.45 13.01 12.75
N PHE B 464 -30.08 12.08 13.47
CA PHE B 464 -29.98 12.00 14.92
C PHE B 464 -29.16 10.78 15.33
N HIS B 465 -28.37 10.88 16.40
CA HIS B 465 -27.86 9.62 16.91
C HIS B 465 -29.00 8.90 17.65
N GLY B 466 -28.74 7.67 18.07
CA GLY B 466 -29.82 6.79 18.47
C GLY B 466 -30.42 7.10 19.82
N SER B 467 -31.04 8.27 19.96
CA SER B 467 -31.54 8.74 21.24
C SER B 467 -32.93 9.34 21.05
N ASN B 468 -33.82 9.03 21.98
CA ASN B 468 -35.14 9.63 21.93
C ASN B 468 -35.13 11.10 22.32
N SER B 469 -34.00 11.62 22.80
CA SER B 469 -33.99 13.02 23.23
C SER B 469 -34.14 13.99 22.05
N TYR B 470 -33.74 13.57 20.84
CA TYR B 470 -34.05 14.40 19.68
C TYR B 470 -35.56 14.61 19.52
N ASN B 471 -36.37 13.69 20.06
CA ASN B 471 -37.80 13.92 20.14
C ASN B 471 -38.15 14.88 21.28
N GLU B 472 -37.64 14.60 22.48
CA GLU B 472 -38.04 15.35 23.66
C GLU B 472 -37.60 16.81 23.62
N THR B 473 -36.43 17.10 23.03
CA THR B 473 -35.94 18.46 22.98
C THR B 473 -36.60 19.31 21.90
N GLY B 474 -37.43 18.71 21.04
CA GLY B 474 -38.11 19.42 19.97
C GLY B 474 -37.41 19.38 18.62
N LEU B 475 -36.14 18.98 18.58
CA LEU B 475 -35.37 18.99 17.33
C LEU B 475 -36.03 18.20 16.21
N SER B 476 -36.89 17.24 16.53
CA SER B 476 -37.44 16.32 15.54
C SER B 476 -38.76 16.79 14.94
N LYS B 477 -39.31 17.93 15.38
CA LYS B 477 -40.45 18.55 14.70
C LYS B 477 -40.02 19.54 13.61
N ILE B 478 -38.71 19.75 13.42
CA ILE B 478 -38.20 20.90 12.70
C ILE B 478 -38.11 20.66 11.20
N THR B 479 -37.57 19.52 10.80
CA THR B 479 -37.36 19.21 9.39
C THR B 479 -38.52 18.39 8.85
N ASP B 480 -38.54 18.27 7.51
CA ASP B 480 -39.61 17.52 6.84
C ASP B 480 -39.51 16.03 7.14
N ILE B 481 -38.28 15.51 7.24
CA ILE B 481 -38.04 14.10 7.52
C ILE B 481 -36.85 13.97 8.48
N VAL B 482 -36.73 12.79 9.08
CA VAL B 482 -35.73 12.53 10.11
C VAL B 482 -34.87 11.35 9.68
N GLY B 483 -33.59 11.42 10.05
CA GLY B 483 -32.65 10.33 9.85
C GLY B 483 -32.18 9.77 11.19
N TRP B 484 -32.32 8.48 11.35
CA TRP B 484 -31.83 7.79 12.52
C TRP B 484 -30.49 7.11 12.22
N ASN B 485 -29.45 7.47 12.97
CA ASN B 485 -28.14 6.81 12.91
C ASN B 485 -28.15 5.67 13.91
N LEU B 486 -28.24 4.43 13.45
CA LEU B 486 -28.50 3.31 14.34
C LEU B 486 -27.36 2.31 14.28
N TYR B 487 -26.85 1.93 15.45
CA TYR B 487 -25.72 1.01 15.55
C TYR B 487 -25.98 -0.10 16.55
N GLN B 488 -27.22 -0.57 16.67
CA GLN B 488 -27.50 -1.70 17.54
C GLN B 488 -26.77 -2.94 17.02
N GLY B 489 -26.18 -3.69 17.93
CA GLY B 489 -25.34 -4.78 17.52
C GLY B 489 -23.92 -4.41 17.15
N TRP B 490 -23.54 -3.15 17.25
CA TRP B 490 -22.15 -2.77 17.05
C TRP B 490 -21.65 -1.97 18.27
N TYR B 491 -22.28 -0.83 18.56
CA TYR B 491 -21.98 -0.02 19.75
C TYR B 491 -22.87 -0.44 20.92
N GLY B 492 -22.85 -1.72 21.26
CA GLY B 492 -23.76 -2.26 22.25
C GLY B 492 -25.12 -2.60 21.68
N GLY B 493 -25.94 -3.19 22.52
CA GLY B 493 -27.24 -3.64 22.11
C GLY B 493 -27.20 -4.98 21.40
N ASP B 494 -28.35 -5.35 20.85
CA ASP B 494 -28.55 -6.55 20.06
C ASP B 494 -28.84 -6.18 18.61
N LEU B 495 -28.47 -7.07 17.67
CA LEU B 495 -28.83 -6.84 16.27
C LEU B 495 -30.34 -6.63 16.11
N THR B 496 -31.16 -7.27 16.93
CA THR B 496 -32.61 -7.14 16.87
C THR B 496 -33.11 -5.83 17.48
N GLY B 497 -32.28 -5.14 18.25
CA GLY B 497 -32.68 -3.83 18.74
C GLY B 497 -32.89 -2.81 17.64
N PHE B 498 -32.24 -3.02 16.48
CA PHE B 498 -32.37 -2.11 15.35
C PHE B 498 -33.83 -2.00 14.90
N GLU B 499 -34.45 -3.13 14.51
CA GLU B 499 -35.84 -3.08 14.06
C GLU B 499 -36.79 -2.76 15.22
N LYS B 500 -36.40 -3.11 16.45
CA LYS B 500 -37.20 -2.75 17.60
C LYS B 500 -37.18 -1.23 17.84
N PHE B 501 -36.00 -0.61 17.72
CA PHE B 501 -35.90 0.83 17.86
C PHE B 501 -36.75 1.55 16.82
N LEU B 502 -36.79 1.02 15.60
CA LEU B 502 -37.53 1.69 14.54
C LEU B 502 -39.03 1.50 14.69
N ALA B 503 -39.47 0.32 15.14
CA ALA B 503 -40.90 0.11 15.37
C ALA B 503 -41.41 0.99 16.51
N GLN B 504 -40.58 1.17 17.55
CA GLN B 504 -40.91 2.09 18.63
C GLN B 504 -41.08 3.52 18.11
N GLN B 505 -40.11 4.02 17.34
CA GLN B 505 -40.23 5.36 16.76
C GLN B 505 -41.47 5.49 15.89
N HIS B 506 -41.89 4.42 15.22
CA HIS B 506 -43.01 4.52 14.30
C HIS B 506 -44.36 4.53 15.01
N GLN B 507 -44.46 3.85 16.15
CA GLN B 507 -45.72 3.90 16.87
C GLN B 507 -45.83 5.22 17.62
N ASN B 508 -44.72 5.73 18.16
CA ASN B 508 -44.75 6.97 18.93
C ASN B 508 -44.80 8.21 18.04
N HIS B 509 -44.19 8.16 16.86
CA HIS B 509 -44.12 9.33 15.98
C HIS B 509 -44.46 8.90 14.55
N PRO B 510 -45.72 8.53 14.31
CA PRO B 510 -46.08 7.97 12.99
C PRO B 510 -46.05 8.96 11.82
N THR B 511 -45.99 10.27 12.06
CA THR B 511 -45.98 11.24 10.97
C THR B 511 -44.58 11.71 10.57
N HIS B 512 -43.57 11.51 11.42
CA HIS B 512 -42.16 11.69 11.08
C HIS B 512 -41.71 10.57 10.15
N PRO B 513 -41.50 10.82 8.85
CA PRO B 513 -41.00 9.76 7.98
C PRO B 513 -39.50 9.54 8.22
N MET B 514 -39.10 8.28 8.26
CA MET B 514 -37.77 7.88 8.70
C MET B 514 -36.91 7.35 7.57
N ILE B 515 -35.65 7.80 7.55
CA ILE B 515 -34.55 7.14 6.85
C ILE B 515 -33.56 6.67 7.90
N VAL B 516 -33.05 5.44 7.76
CA VAL B 516 -31.88 5.03 8.54
C VAL B 516 -30.65 5.64 7.84
N SER B 517 -30.21 6.78 8.34
CA SER B 517 -29.22 7.57 7.62
C SER B 517 -27.79 7.11 7.90
N GLU B 518 -27.64 5.99 8.60
CA GLU B 518 -26.34 5.48 9.06
C GLU B 518 -26.53 4.15 9.77
N TYR B 519 -25.74 3.17 9.35
CA TYR B 519 -25.61 1.87 10.03
C TYR B 519 -24.39 1.22 9.47
N GLY B 520 -23.65 0.48 10.29
CA GLY B 520 -22.44 -0.15 9.80
C GLY B 520 -21.66 -0.78 10.93
N ALA B 521 -20.64 -1.53 10.55
CA ALA B 521 -19.82 -2.27 11.49
C ALA B 521 -18.41 -2.30 10.92
N GLY B 522 -17.42 -2.09 11.78
CA GLY B 522 -16.04 -2.10 11.32
C GLY B 522 -15.61 -3.49 10.91
N SER B 523 -14.71 -3.55 9.91
CA SER B 523 -14.04 -4.81 9.57
C SER B 523 -12.61 -4.54 9.18
N ASP B 524 -11.80 -5.58 9.32
CA ASP B 524 -10.35 -5.53 9.12
C ASP B 524 -9.99 -6.80 8.33
N LYS B 525 -9.35 -6.64 7.18
CA LYS B 525 -9.04 -7.78 6.33
C LYS B 525 -8.11 -8.80 7.03
N ARG B 526 -7.37 -8.38 8.04
CA ARG B 526 -6.41 -9.27 8.70
C ARG B 526 -7.06 -10.22 9.70
N LEU B 527 -8.36 -10.06 10.00
CA LEU B 527 -9.02 -10.73 11.10
C LEU B 527 -10.18 -11.57 10.61
N HIS B 528 -10.23 -12.84 11.04
CA HIS B 528 -11.34 -13.73 10.73
C HIS B 528 -11.69 -14.60 11.94
N SER B 529 -12.95 -14.98 12.02
CA SER B 529 -13.43 -15.73 13.17
C SER B 529 -14.50 -16.73 12.74
N LEU B 530 -14.42 -17.95 13.28
CA LEU B 530 -15.54 -18.87 13.16
C LEU B 530 -16.65 -18.55 14.15
N HIS B 531 -16.39 -17.66 15.10
CA HIS B 531 -17.39 -17.23 16.08
C HIS B 531 -17.34 -15.71 16.19
N PRO B 532 -17.82 -15.01 15.16
CA PRO B 532 -17.68 -13.54 15.14
C PRO B 532 -18.53 -12.88 16.20
N ARG B 533 -17.92 -11.90 16.87
CA ARG B 533 -18.58 -11.02 17.83
C ARG B 533 -18.28 -9.59 17.45
N ALA B 534 -19.15 -8.68 17.90
CA ALA B 534 -18.93 -7.26 17.73
C ALA B 534 -17.64 -6.81 18.40
N PHE B 535 -16.91 -5.94 17.71
CA PHE B 535 -15.67 -5.30 18.14
C PHE B 535 -14.48 -6.26 18.17
N ASP B 536 -14.58 -7.44 17.56
CA ASP B 536 -13.36 -8.12 17.14
C ASP B 536 -12.87 -7.68 15.77
N PHE B 537 -13.68 -6.94 15.01
CA PHE B 537 -13.31 -6.34 13.73
C PHE B 537 -13.03 -7.39 12.65
N SER B 538 -13.53 -8.61 12.83
CA SER B 538 -13.42 -9.66 11.82
C SER B 538 -14.28 -9.35 10.61
N ILE B 539 -13.81 -9.80 9.43
CA ILE B 539 -14.60 -9.71 8.20
C ILE B 539 -15.99 -10.28 8.42
N GLU B 540 -16.07 -11.36 9.21
CA GLU B 540 -17.33 -12.10 9.34
C GLU B 540 -18.34 -11.39 10.23
N TYR B 541 -17.93 -10.67 11.28
CA TYR B 541 -18.96 -9.97 12.05
C TYR B 541 -19.60 -8.86 11.24
N GLN B 542 -18.82 -8.07 10.53
CA GLN B 542 -19.45 -7.04 9.70
C GLN B 542 -20.47 -7.66 8.75
N GLN B 543 -20.13 -8.81 8.15
CA GLN B 543 -21.07 -9.51 7.28
C GLN B 543 -22.32 -9.92 8.03
N LYS B 544 -22.14 -10.49 9.23
CA LYS B 544 -23.30 -10.88 10.04
C LYS B 544 -24.21 -9.67 10.28
N TYR B 545 -23.61 -8.54 10.63
CA TYR B 545 -24.37 -7.34 10.96
C TYR B 545 -25.15 -6.84 9.75
N LEU B 546 -24.50 -6.79 8.57
CA LEU B 546 -25.18 -6.25 7.39
C LEU B 546 -26.24 -7.22 6.86
N GLU B 547 -25.98 -8.53 6.93
CA GLU B 547 -26.95 -9.54 6.50
C GLU B 547 -28.22 -9.54 7.35
N HIS B 548 -28.16 -9.04 8.58
CA HIS B 548 -29.36 -8.85 9.38
C HIS B 548 -30.05 -7.52 9.08
N TYR B 549 -29.27 -6.45 8.86
CA TYR B 549 -29.84 -5.13 8.71
C TYR B 549 -30.54 -4.96 7.37
N LEU B 550 -29.97 -5.50 6.30
CA LEU B 550 -30.47 -5.14 4.96
C LEU B 550 -31.89 -5.66 4.70
N PRO B 551 -32.24 -6.92 4.98
CA PRO B 551 -33.65 -7.32 4.80
C PRO B 551 -34.64 -6.48 5.62
N VAL B 552 -34.28 -6.11 6.84
CA VAL B 552 -35.11 -5.23 7.65
C VAL B 552 -35.37 -3.92 6.92
N LEU B 553 -34.36 -3.40 6.23
CA LEU B 553 -34.51 -2.15 5.48
C LEU B 553 -35.40 -2.36 4.26
N GLU B 554 -35.30 -3.54 3.62
CA GLU B 554 -36.00 -3.78 2.35
C GLU B 554 -37.45 -4.12 2.58
N ASP B 555 -37.76 -4.76 3.71
CA ASP B 555 -39.05 -5.41 3.96
C ASP B 555 -39.90 -4.67 4.98
N THR B 556 -39.51 -3.48 5.41
CA THR B 556 -40.28 -2.70 6.37
C THR B 556 -40.83 -1.45 5.70
N PRO B 557 -42.14 -1.31 5.63
CA PRO B 557 -42.72 -0.30 4.73
C PRO B 557 -42.52 1.12 5.21
N TYR B 558 -42.52 1.35 6.54
CA TYR B 558 -42.34 2.69 7.07
C TYR B 558 -40.88 3.12 7.13
N ILE B 559 -39.97 2.31 6.60
CA ILE B 559 -38.59 2.73 6.41
C ILE B 559 -38.48 3.15 4.96
N CYS B 560 -38.27 4.45 4.73
CA CYS B 560 -38.12 4.91 3.37
C CYS B 560 -36.82 4.39 2.75
N GLY B 561 -35.80 4.17 3.55
CA GLY B 561 -34.55 3.70 3.02
C GLY B 561 -33.48 3.73 4.07
N GLY B 562 -32.31 3.25 3.65
CA GLY B 562 -31.11 3.35 4.46
C GLY B 562 -29.97 3.84 3.60
N THR B 563 -29.04 4.53 4.23
CA THR B 563 -27.77 4.89 3.60
C THR B 563 -26.67 4.26 4.43
N HIS B 564 -25.97 3.28 3.85
CA HIS B 564 -24.97 2.53 4.60
C HIS B 564 -23.78 3.42 4.98
N TRP B 565 -23.32 3.28 6.22
CA TRP B 565 -22.15 4.02 6.69
C TRP B 565 -20.98 3.05 6.78
N ASN B 566 -19.96 3.22 5.96
CA ASN B 566 -19.79 4.22 4.92
C ASN B 566 -19.40 3.42 3.70
N PHE B 567 -19.42 4.02 2.51
CA PHE B 567 -19.01 3.28 1.32
C PHE B 567 -17.53 2.89 1.38
N ILE B 568 -16.68 3.77 1.90
CA ILE B 568 -15.24 3.54 1.94
C ILE B 568 -14.78 3.51 3.39
N ASP B 569 -13.66 2.83 3.61
CA ASP B 569 -12.82 3.14 4.76
C ASP B 569 -12.23 4.53 4.56
N PHE B 570 -12.28 5.36 5.60
CA PHE B 570 -11.97 6.77 5.40
C PHE B 570 -11.19 7.32 6.58
N SER B 571 -10.57 8.46 6.37
CA SER B 571 -9.64 9.03 7.33
C SER B 571 -10.38 9.61 8.53
N SER B 572 -10.02 9.16 9.72
CA SER B 572 -10.58 9.76 10.93
C SER B 572 -9.47 9.73 11.98
N ALA B 573 -8.64 10.78 11.97
CA ALA B 573 -7.35 10.75 12.64
C ALA B 573 -7.47 10.43 14.13
N LEU B 574 -8.63 10.73 14.73
CA LEU B 574 -8.83 10.56 16.17
C LEU B 574 -9.13 9.12 16.56
N ARG B 575 -9.62 8.29 15.65
CA ARG B 575 -9.94 6.92 15.99
C ARG B 575 -8.69 6.11 16.27
N ASP B 576 -8.81 5.17 17.22
CA ASP B 576 -7.84 4.08 17.33
C ASP B 576 -8.44 2.81 16.75
N GLU B 577 -8.83 1.86 17.61
CA GLU B 577 -9.37 0.57 17.22
C GLU B 577 -8.41 -0.22 16.33
N SER B 578 -8.93 -1.12 15.48
CA SER B 578 -8.04 -2.09 14.84
C SER B 578 -7.15 -1.45 13.76
N MET B 579 -7.62 -0.41 13.09
CA MET B 579 -6.85 0.28 12.06
C MET B 579 -6.80 1.76 12.43
N PRO B 580 -5.82 2.16 13.24
CA PRO B 580 -5.79 3.55 13.74
C PRO B 580 -5.78 4.58 12.62
N ARG B 581 -6.39 5.74 12.89
CA ARG B 581 -6.56 6.84 11.95
C ARG B 581 -7.63 6.53 10.88
N ILE B 582 -8.19 5.31 10.86
CA ILE B 582 -9.11 4.87 9.80
C ILE B 582 -10.44 4.47 10.42
N ASN B 583 -11.53 4.89 9.79
CA ASN B 583 -12.85 4.35 10.10
C ASN B 583 -13.12 3.19 9.12
N ASN B 584 -13.11 1.97 9.62
CA ASN B 584 -13.05 0.80 8.75
C ASN B 584 -14.41 0.15 8.54
N LYS B 585 -15.48 0.94 8.58
CA LYS B 585 -16.81 0.41 8.30
C LYS B 585 -17.16 0.42 6.81
N GLY B 586 -16.19 0.51 5.89
CA GLY B 586 -16.52 0.56 4.48
C GLY B 586 -17.02 -0.75 3.89
N LEU B 587 -17.65 -0.66 2.71
CA LEU B 587 -17.89 -1.82 1.84
C LEU B 587 -16.75 -2.04 0.84
N VAL B 588 -15.88 -1.05 0.66
CA VAL B 588 -14.65 -1.16 -0.08
C VAL B 588 -13.54 -0.63 0.80
N TYR B 589 -12.32 -1.07 0.53
CA TYR B 589 -11.16 -0.55 1.24
C TYR B 589 -10.83 0.87 0.76
N ALA B 590 -9.87 1.49 1.44
CA ALA B 590 -9.53 2.89 1.17
C ALA B 590 -9.02 3.07 -0.25
N ASP B 591 -8.43 2.03 -0.82
CA ASP B 591 -7.98 2.11 -2.19
C ASP B 591 -9.06 1.74 -3.20
N ARG B 592 -10.27 1.40 -2.74
CA ARG B 592 -11.49 1.17 -3.53
C ARG B 592 -11.54 -0.26 -4.06
N THR B 593 -10.66 -1.14 -3.62
CA THR B 593 -10.93 -2.56 -3.74
C THR B 593 -12.12 -2.93 -2.85
N PRO B 594 -13.10 -3.66 -3.37
CA PRO B 594 -14.28 -3.95 -2.55
C PRO B 594 -14.02 -5.07 -1.57
N LYS B 595 -14.60 -4.92 -0.38
CA LYS B 595 -14.70 -6.07 0.49
C LYS B 595 -15.68 -7.08 -0.11
N ASP B 596 -15.60 -8.32 0.35
CA ASP B 596 -16.50 -9.34 -0.14
C ASP B 596 -17.96 -8.92 0.05
N VAL B 597 -18.25 -8.24 1.16
CA VAL B 597 -19.62 -7.91 1.51
C VAL B 597 -20.22 -6.90 0.53
N TYR B 598 -19.39 -6.17 -0.21
CA TYR B 598 -19.89 -5.37 -1.32
C TYR B 598 -20.79 -6.19 -2.23
N HIS B 599 -20.39 -7.44 -2.52
CA HIS B 599 -21.14 -8.30 -3.42
C HIS B 599 -22.39 -8.89 -2.78
N TYR B 600 -22.52 -8.80 -1.45
CA TYR B 600 -23.80 -9.11 -0.83
C TYR B 600 -24.84 -8.09 -1.22
N TYR B 601 -24.47 -6.81 -1.13
CA TYR B 601 -25.33 -5.73 -1.59
C TYR B 601 -25.65 -5.87 -3.06
N GLN B 602 -24.65 -6.23 -3.86
CA GLN B 602 -24.86 -6.37 -5.30
C GLN B 602 -25.84 -7.49 -5.60
N ALA B 603 -25.68 -8.64 -4.94
CA ALA B 603 -26.61 -9.74 -5.13
C ALA B 603 -28.04 -9.32 -4.84
N ALA B 604 -28.24 -8.51 -3.78
CA ALA B 604 -29.58 -8.13 -3.36
C ALA B 604 -30.18 -6.99 -4.18
N TRP B 605 -29.35 -6.19 -4.87
CA TRP B 605 -29.79 -4.95 -5.48
C TRP B 605 -29.68 -4.91 -7.00
N ARG B 606 -28.87 -5.76 -7.62
CA ARG B 606 -28.80 -5.89 -9.07
C ARG B 606 -29.56 -7.16 -9.44
N LYS B 607 -30.79 -7.00 -9.89
CA LYS B 607 -31.54 -8.14 -10.40
C LYS B 607 -31.33 -8.35 -11.89
N ASP B 608 -30.79 -7.34 -12.59
CA ASP B 608 -30.73 -7.39 -14.05
C ASP B 608 -29.66 -8.35 -14.54
N ILE B 609 -28.58 -8.52 -13.78
CA ILE B 609 -27.45 -9.35 -14.19
C ILE B 609 -27.27 -10.49 -13.19
N PRO B 610 -26.48 -11.51 -13.51
CA PRO B 610 -26.16 -12.53 -12.50
C PRO B 610 -25.06 -12.04 -11.56
N VAL B 611 -25.21 -12.35 -10.27
CA VAL B 611 -24.22 -12.04 -9.25
C VAL B 611 -23.80 -13.37 -8.63
N LEU B 612 -22.55 -13.78 -8.84
CA LEU B 612 -22.00 -14.97 -8.19
C LEU B 612 -20.59 -14.64 -7.73
N HIS B 613 -20.41 -14.54 -6.41
CA HIS B 613 -19.16 -14.10 -5.82
C HIS B 613 -18.77 -15.03 -4.69
N ILE B 614 -17.66 -15.75 -4.83
CA ILE B 614 -17.10 -16.46 -3.70
C ILE B 614 -16.51 -15.45 -2.71
N ALA B 615 -17.09 -15.39 -1.52
CA ALA B 615 -16.71 -14.37 -0.54
C ALA B 615 -15.48 -14.85 0.22
N SER B 616 -14.35 -14.77 -0.48
CA SER B 616 -13.07 -15.17 0.09
C SER B 616 -11.91 -14.31 -0.40
N ARG B 617 -12.15 -13.26 -1.17
CA ARG B 617 -11.08 -12.34 -1.53
C ARG B 617 -10.48 -11.65 -0.29
N ASP B 618 -11.27 -11.51 0.77
CA ASP B 618 -10.80 -10.98 2.05
C ASP B 618 -10.12 -12.04 2.91
N TRP B 619 -10.22 -13.32 2.54
CA TRP B 619 -9.68 -14.42 3.34
C TRP B 619 -8.81 -15.32 2.44
N THR B 620 -7.76 -14.76 1.86
CA THR B 620 -6.99 -15.56 0.92
C THR B 620 -5.86 -16.35 1.56
N ASP B 621 -5.54 -16.10 2.83
CA ASP B 621 -4.41 -16.74 3.51
C ASP B 621 -4.96 -17.42 4.75
N ARG B 622 -5.25 -18.71 4.61
CA ARG B 622 -5.97 -19.45 5.65
C ARG B 622 -5.04 -20.41 6.35
N ALA B 623 -5.34 -20.64 7.63
CA ALA B 623 -4.63 -21.63 8.43
C ALA B 623 -5.65 -22.32 9.31
N GLY B 624 -5.23 -23.44 9.87
CA GLY B 624 -6.06 -24.13 10.85
C GLY B 624 -5.30 -25.30 11.45
N VAL B 625 -5.75 -25.69 12.63
CA VAL B 625 -5.18 -26.79 13.40
C VAL B 625 -5.65 -28.11 12.81
N GLN B 626 -4.69 -29.00 12.53
CA GLN B 626 -4.97 -30.24 11.80
C GLN B 626 -4.75 -31.44 12.70
N GLN B 627 -5.76 -32.30 12.78
CA GLN B 627 -5.66 -33.57 13.48
C GLN B 627 -5.05 -34.60 12.54
N GLY B 628 -3.79 -34.95 12.78
CA GLY B 628 -3.14 -35.95 11.92
C GLY B 628 -2.99 -35.45 10.49
N ASN B 629 -3.59 -36.17 9.55
CA ASN B 629 -3.68 -35.80 8.14
C ASN B 629 -5.10 -35.52 7.68
N ALA B 630 -6.06 -35.48 8.60
CA ALA B 630 -7.44 -35.20 8.21
C ALA B 630 -7.54 -33.79 7.65
N PRO B 631 -8.44 -33.56 6.70
CA PRO B 631 -8.62 -32.20 6.19
C PRO B 631 -9.08 -31.25 7.30
N VAL B 632 -8.70 -29.98 7.17
CA VAL B 632 -9.14 -28.92 8.09
C VAL B 632 -10.36 -28.24 7.49
N TYR B 633 -11.45 -28.19 8.26
CA TYR B 633 -12.66 -27.54 7.78
C TYR B 633 -12.71 -26.07 8.18
N LEU B 634 -12.93 -25.21 7.19
CA LEU B 634 -13.13 -23.78 7.38
C LEU B 634 -14.27 -23.35 6.46
N PRO B 635 -15.07 -22.38 6.88
CA PRO B 635 -16.21 -21.97 6.06
C PRO B 635 -15.75 -21.19 4.83
N VAL B 636 -16.43 -21.42 3.70
CA VAL B 636 -16.35 -20.54 2.54
C VAL B 636 -17.75 -20.03 2.23
N LYS B 637 -17.90 -18.72 2.17
CA LYS B 637 -19.19 -18.09 1.98
C LYS B 637 -19.35 -17.63 0.54
N ILE B 638 -20.59 -17.60 0.08
CA ILE B 638 -20.91 -17.15 -1.27
C ILE B 638 -22.02 -16.11 -1.18
N TYR B 639 -21.85 -15.01 -1.89
CA TYR B 639 -22.89 -14.02 -2.10
C TYR B 639 -23.38 -14.15 -3.54
N THR B 640 -24.69 -14.22 -3.74
CA THR B 640 -25.24 -14.48 -5.07
C THR B 640 -26.72 -14.12 -5.13
N ASN B 641 -27.19 -13.74 -6.32
CA ASN B 641 -28.64 -13.64 -6.53
C ASN B 641 -29.24 -14.89 -7.17
N LEU B 642 -28.42 -15.88 -7.54
CA LEU B 642 -28.96 -17.15 -7.97
C LEU B 642 -29.57 -17.89 -6.79
N SER B 643 -30.47 -18.83 -7.08
CA SER B 643 -31.16 -19.50 -5.99
C SER B 643 -30.42 -20.73 -5.48
N GLU B 644 -29.49 -21.24 -6.28
CA GLU B 644 -28.80 -22.48 -5.96
C GLU B 644 -27.40 -22.41 -6.55
N VAL B 645 -26.41 -22.84 -5.76
CA VAL B 645 -25.01 -22.72 -6.17
C VAL B 645 -24.27 -23.98 -5.75
N GLU B 646 -23.25 -24.35 -6.53
CA GLU B 646 -22.41 -25.49 -6.24
C GLU B 646 -20.95 -25.07 -6.17
N LEU B 647 -20.23 -25.55 -5.15
CA LEU B 647 -18.84 -25.15 -4.92
C LEU B 647 -17.89 -26.35 -5.02
N PHE B 648 -16.76 -26.14 -5.69
CA PHE B 648 -15.72 -27.15 -5.89
C PHE B 648 -14.41 -26.69 -5.26
N ILE B 649 -13.65 -27.62 -4.69
CA ILE B 649 -12.28 -27.35 -4.27
C ILE B 649 -11.38 -28.39 -4.94
N ASP B 650 -10.40 -27.88 -5.71
CA ASP B 650 -9.52 -28.68 -6.55
C ASP B 650 -10.29 -29.81 -7.23
N GLY B 651 -11.31 -29.41 -7.98
CA GLY B 651 -12.05 -30.32 -8.82
C GLY B 651 -13.09 -31.16 -8.11
N ILE B 652 -13.14 -31.16 -6.79
CA ILE B 652 -14.02 -32.06 -6.05
C ILE B 652 -15.26 -31.30 -5.60
N SER B 653 -16.44 -31.76 -6.03
CA SER B 653 -17.68 -31.07 -5.71
C SER B 653 -18.03 -31.26 -4.23
N LEU B 654 -18.48 -30.17 -3.61
CA LEU B 654 -18.98 -30.18 -2.24
C LEU B 654 -20.49 -30.05 -2.19
N GLY B 655 -21.17 -30.43 -3.27
CA GLY B 655 -22.62 -30.46 -3.31
C GLY B 655 -23.23 -29.12 -3.68
N LYS B 656 -24.56 -29.15 -3.87
CA LYS B 656 -25.38 -27.97 -4.10
C LYS B 656 -26.01 -27.47 -2.80
N GLN B 657 -26.35 -26.18 -2.79
CA GLN B 657 -26.98 -25.55 -1.64
C GLN B 657 -27.92 -24.45 -2.11
N LYS B 658 -29.10 -24.39 -1.51
CA LYS B 658 -30.05 -23.35 -1.80
C LYS B 658 -29.65 -22.07 -1.08
N THR B 659 -29.70 -20.95 -1.80
CA THR B 659 -29.38 -19.67 -1.18
C THR B 659 -30.58 -19.16 -0.40
N GLU B 660 -30.30 -18.60 0.76
CA GLU B 660 -31.23 -17.77 1.52
C GLU B 660 -30.52 -16.47 1.81
N ASN B 661 -31.24 -15.36 1.71
CA ASN B 661 -30.68 -14.04 1.96
C ASN B 661 -29.44 -13.81 1.10
N TYR B 662 -29.49 -14.30 -0.15
CA TYR B 662 -28.44 -14.08 -1.15
C TYR B 662 -27.09 -14.67 -0.73
N THR B 663 -27.07 -15.63 0.20
CA THR B 663 -25.83 -16.16 0.74
C THR B 663 -25.92 -17.67 0.90
N ALA B 664 -24.75 -18.31 1.02
CA ALA B 664 -24.65 -19.73 1.30
C ALA B 664 -23.24 -19.98 1.82
N THR B 665 -23.13 -20.78 2.87
CA THR B 665 -21.83 -21.16 3.40
C THR B 665 -21.62 -22.66 3.25
N PHE B 666 -20.43 -23.02 2.78
CA PHE B 666 -19.93 -24.39 2.75
C PHE B 666 -18.85 -24.58 3.80
N GLU B 667 -18.84 -25.76 4.43
CA GLU B 667 -17.70 -26.19 5.23
C GLU B 667 -16.75 -26.92 4.29
N VAL B 668 -15.62 -26.30 4.01
CA VAL B 668 -14.71 -26.73 2.96
C VAL B 668 -13.53 -27.44 3.59
N PRO B 669 -13.16 -28.61 3.11
CA PRO B 669 -11.98 -29.32 3.64
C PRO B 669 -10.70 -28.84 2.98
N PHE B 670 -9.90 -28.09 3.72
CA PHE B 670 -8.63 -27.62 3.21
C PHE B 670 -7.57 -28.66 3.53
N SER B 671 -6.64 -28.82 2.61
CA SER B 671 -5.56 -29.79 2.74
C SER B 671 -4.34 -29.27 2.00
N ASN B 672 -4.39 -29.34 0.67
CA ASN B 672 -3.38 -28.74 -0.20
C ASN B 672 -3.18 -27.26 0.11
N ARG B 673 -2.04 -26.73 -0.32
CA ARG B 673 -1.62 -25.43 0.15
C ARG B 673 -1.97 -24.30 -0.80
N ASN B 674 -2.35 -24.60 -2.04
CA ASN B 674 -2.77 -23.59 -3.01
C ASN B 674 -4.07 -24.01 -3.69
N PRO B 675 -5.15 -24.19 -2.94
CA PRO B 675 -6.37 -24.75 -3.53
C PRO B 675 -7.12 -23.75 -4.43
N PHE B 676 -7.74 -24.28 -5.49
CA PHE B 676 -8.52 -23.49 -6.43
C PHE B 676 -10.01 -23.69 -6.14
N LEU B 677 -10.70 -22.61 -5.75
CA LEU B 677 -12.12 -22.69 -5.42
C LEU B 677 -12.95 -22.25 -6.63
N PHE B 678 -14.08 -22.94 -6.85
CA PHE B 678 -14.87 -22.76 -8.07
C PHE B 678 -16.36 -22.92 -7.80
N ALA B 679 -17.15 -21.96 -8.27
CA ALA B 679 -18.58 -21.95 -7.99
C ALA B 679 -19.40 -21.79 -9.26
N GLN B 680 -20.54 -22.47 -9.34
CA GLN B 680 -21.40 -22.26 -10.50
C GLN B 680 -22.85 -22.54 -10.15
N GLY B 681 -23.71 -22.04 -11.02
CA GLY B 681 -25.14 -22.13 -10.82
C GLY B 681 -25.84 -21.55 -12.03
N ASN B 682 -27.13 -21.87 -12.14
CA ASN B 682 -27.93 -21.43 -13.26
C ASN B 682 -28.60 -20.11 -12.92
N TYR B 683 -28.56 -19.17 -13.87
CA TYR B 683 -29.30 -17.92 -13.77
C TYR B 683 -30.01 -17.70 -15.08
N GLN B 684 -31.34 -17.55 -15.02
CA GLN B 684 -32.21 -17.27 -16.17
C GLN B 684 -31.74 -18.03 -17.41
N GLY B 685 -31.42 -19.30 -17.21
CA GLY B 685 -31.07 -20.20 -18.29
C GLY B 685 -29.61 -20.22 -18.69
N LYS B 686 -28.79 -19.29 -18.20
CA LYS B 686 -27.37 -19.28 -18.49
C LYS B 686 -26.56 -19.82 -17.31
N THR B 687 -25.45 -20.50 -17.62
CA THR B 687 -24.55 -20.94 -16.57
C THR B 687 -23.64 -19.77 -16.15
N VAL B 688 -23.48 -19.60 -14.83
CA VAL B 688 -22.64 -18.56 -14.24
C VAL B 688 -21.57 -19.21 -13.37
N GLN B 689 -20.33 -18.74 -13.51
CA GLN B 689 -19.18 -19.33 -12.83
C GLN B 689 -18.35 -18.25 -12.14
N ASP B 690 -17.60 -18.69 -11.12
CA ASP B 690 -16.59 -17.87 -10.45
C ASP B 690 -15.53 -18.81 -9.89
N GLY B 691 -14.33 -18.28 -9.69
CA GLY B 691 -13.28 -19.03 -9.04
C GLY B 691 -12.15 -18.15 -8.59
N LEU B 692 -11.36 -18.66 -7.65
CA LEU B 692 -10.11 -18.04 -7.24
C LEU B 692 -9.25 -19.08 -6.54
N ARG B 693 -7.94 -18.82 -6.52
CA ARG B 693 -7.00 -19.59 -5.72
C ARG B 693 -6.80 -18.91 -4.38
N ILE B 694 -6.55 -19.71 -3.35
CA ILE B 694 -6.09 -19.18 -2.07
C ILE B 694 -4.96 -20.04 -1.53
N ASN B 695 -4.51 -19.68 -0.35
CA ASN B 695 -3.33 -20.23 0.29
C ASN B 695 -3.78 -20.84 1.59
N PHE B 696 -3.31 -22.05 1.87
CA PHE B 696 -3.70 -22.74 3.08
C PHE B 696 -2.45 -23.31 3.72
N THR B 697 -2.31 -23.08 5.01
CA THR B 697 -1.22 -23.65 5.78
C THR B 697 -1.75 -24.44 6.96
N PRO B 698 -1.62 -25.77 6.95
CA PRO B 698 -2.01 -26.56 8.13
C PRO B 698 -0.98 -26.44 9.24
N ILE B 699 -1.48 -26.31 10.46
CA ILE B 699 -0.65 -26.33 11.66
C ILE B 699 -1.00 -27.60 12.44
N PRO B 700 -0.03 -28.39 12.89
CA PRO B 700 -0.37 -29.65 13.58
C PRO B 700 -0.87 -29.46 15.01
N ALA B 701 -1.90 -30.22 15.37
CA ALA B 701 -2.38 -30.24 16.75
C ALA B 701 -1.47 -31.05 17.67
N CYS B 702 -0.71 -31.99 17.12
CA CYS B 702 0.15 -32.86 17.92
C CYS B 702 1.56 -32.79 17.34
N LEU B 703 2.42 -32.05 18.03
CA LEU B 703 3.78 -31.83 17.58
C LEU B 703 4.64 -33.07 17.78
N ASP B 704 5.37 -33.45 16.73
CA ASP B 704 6.43 -34.44 16.82
C ASP B 704 7.59 -33.93 15.98
N ALA B 705 8.64 -34.74 15.86
CA ALA B 705 9.85 -34.22 15.22
C ALA B 705 9.66 -34.01 13.72
N ASN B 706 8.81 -34.81 13.07
CA ASN B 706 8.56 -34.62 11.64
C ASN B 706 7.83 -33.33 11.37
N ASN B 707 6.65 -33.16 11.96
CA ASN B 707 5.88 -31.97 11.61
C ASN B 707 6.48 -30.67 12.19
N LEU B 708 7.60 -30.75 12.91
CA LEU B 708 8.24 -29.53 13.38
C LEU B 708 9.16 -28.90 12.33
N LYS B 709 9.62 -29.65 11.34
CA LYS B 709 10.51 -29.06 10.35
C LYS B 709 9.79 -27.95 9.57
N GLY B 710 10.28 -26.72 9.68
CA GLY B 710 9.70 -25.63 8.95
C GLY B 710 8.45 -25.04 9.57
N LEU B 711 8.10 -25.46 10.79
CA LEU B 711 6.91 -24.98 11.46
C LEU B 711 7.20 -23.68 12.21
N GLU B 712 6.26 -22.75 12.13
CA GLU B 712 6.32 -21.53 12.90
C GLU B 712 4.93 -21.41 13.51
N LEU B 713 4.77 -21.95 14.71
CA LEU B 713 3.46 -22.03 15.35
C LEU B 713 3.23 -20.76 16.14
N ALA B 714 2.21 -20.00 15.73
CA ALA B 714 1.97 -18.67 16.26
C ALA B 714 0.51 -18.56 16.66
N VAL B 715 0.27 -18.17 17.91
CA VAL B 715 -1.07 -18.13 18.48
C VAL B 715 -1.39 -16.71 18.91
N ASN B 716 -2.58 -16.26 18.49
CA ASN B 716 -3.21 -15.02 18.90
C ASN B 716 -3.84 -15.24 20.28
N VAL B 717 -3.00 -15.20 21.31
CA VAL B 717 -3.44 -15.51 22.69
C VAL B 717 -4.57 -14.57 23.14
N GLY B 718 -5.61 -15.15 23.73
CA GLY B 718 -6.70 -14.37 24.25
C GLY B 718 -7.74 -13.96 23.25
N SER B 719 -7.68 -14.47 22.03
CA SER B 719 -8.64 -14.08 21.01
C SER B 719 -9.19 -15.33 20.34
N GLN B 720 -10.37 -15.18 19.75
CA GLN B 720 -10.96 -16.20 18.90
C GLN B 720 -10.74 -15.94 17.41
N CYS B 721 -9.92 -14.95 17.06
CA CYS B 721 -9.69 -14.59 15.65
C CYS B 721 -8.34 -15.10 15.14
N PHE B 722 -8.35 -15.64 13.91
CA PHE B 722 -7.13 -15.71 13.10
C PHE B 722 -6.68 -14.30 12.75
N PHE B 723 -5.45 -13.94 13.08
CA PHE B 723 -4.85 -12.69 12.64
C PHE B 723 -3.73 -12.97 11.63
N THR B 724 -3.84 -12.43 10.44
CA THR B 724 -2.81 -12.56 9.40
C THR B 724 -2.14 -11.21 9.23
N SER B 725 -0.87 -11.12 9.58
CA SER B 725 -0.12 -9.88 9.37
C SER B 725 -0.12 -9.48 7.89
N ASP B 726 -0.35 -8.20 7.62
CA ASP B 726 -0.20 -7.71 6.25
C ASP B 726 1.21 -7.22 5.99
N GLU B 727 2.05 -7.21 7.02
CA GLU B 727 3.47 -6.89 6.93
C GLU B 727 4.33 -8.14 6.78
N SER B 728 3.98 -9.24 7.45
CA SER B 728 4.79 -10.46 7.45
C SER B 728 4.10 -11.64 6.79
N GLN B 729 2.80 -11.56 6.53
CA GLN B 729 1.99 -12.62 5.92
C GLN B 729 1.86 -13.84 6.82
N LEU B 730 2.35 -13.79 8.06
CA LEU B 730 2.14 -14.85 9.03
C LEU B 730 0.74 -14.80 9.64
N THR B 731 0.10 -15.98 9.77
CA THR B 731 -1.19 -16.13 10.43
C THR B 731 -1.00 -16.62 11.87
N TRP B 732 -1.62 -15.93 12.81
CA TRP B 732 -1.59 -16.28 14.23
C TRP B 732 -2.93 -16.92 14.56
N LEU B 733 -2.90 -18.17 15.04
CA LEU B 733 -4.09 -18.99 15.20
C LEU B 733 -4.95 -18.54 16.39
N PRO B 734 -6.25 -18.79 16.36
CA PRO B 734 -7.08 -18.57 17.55
C PRO B 734 -6.56 -19.37 18.74
N ASP B 735 -6.66 -18.77 19.92
CA ASP B 735 -6.26 -19.43 21.15
C ASP B 735 -7.08 -20.71 21.35
N GLN B 736 -6.47 -21.69 22.03
CA GLN B 736 -7.11 -22.98 22.33
C GLN B 736 -6.57 -23.43 23.67
N PRO B 737 -7.40 -24.07 24.51
CA PRO B 737 -6.90 -24.54 25.81
C PRO B 737 -6.02 -25.77 25.64
N TYR B 738 -5.09 -25.94 26.58
CA TYR B 738 -4.21 -27.10 26.58
C TYR B 738 -5.00 -28.41 26.73
N ALA B 739 -4.70 -29.37 25.86
CA ALA B 739 -5.21 -30.73 25.96
C ALA B 739 -4.04 -31.69 25.82
N ALA B 740 -4.08 -32.80 26.54
CA ALA B 740 -3.00 -33.77 26.50
C ALA B 740 -2.72 -34.20 25.06
N GLY B 741 -1.43 -34.28 24.72
CA GLY B 741 -0.99 -34.54 23.36
C GLY B 741 -0.83 -33.31 22.50
N SER B 742 -1.41 -32.17 22.89
CA SER B 742 -1.45 -30.99 22.05
C SER B 742 -0.86 -29.78 22.79
N TRP B 743 -1.46 -28.61 22.60
CA TRP B 743 -0.88 -27.36 23.08
C TRP B 743 -2.00 -26.36 23.34
N GLY B 744 -1.76 -25.45 24.26
CA GLY B 744 -2.76 -24.43 24.52
C GLY B 744 -2.51 -23.72 25.83
N TYR B 745 -3.46 -22.88 26.18
CA TYR B 745 -3.36 -22.07 27.38
C TYR B 745 -3.85 -22.85 28.61
N ILE B 746 -3.44 -22.36 29.77
CA ILE B 746 -3.88 -22.88 31.06
C ILE B 746 -4.38 -21.70 31.87
N GLY B 747 -5.69 -21.68 32.16
CA GLY B 747 -6.31 -20.63 32.95
C GLY B 747 -6.48 -19.30 32.22
N GLY B 748 -6.93 -18.31 32.97
CA GLY B 748 -7.09 -16.96 32.48
C GLY B 748 -8.40 -16.70 31.77
N LYS B 749 -8.62 -15.41 31.47
CA LYS B 749 -9.82 -14.92 30.79
C LYS B 749 -9.42 -13.95 29.68
N GLU B 750 -10.28 -13.84 28.66
CA GLU B 750 -9.99 -13.01 27.50
C GLU B 750 -10.14 -11.54 27.84
N GLY B 751 -9.15 -10.74 27.44
CA GLY B 751 -9.18 -9.30 27.68
C GLY B 751 -8.94 -8.52 26.39
N THR B 752 -9.58 -7.37 26.31
CA THR B 752 -9.60 -6.63 25.06
C THR B 752 -9.50 -5.11 25.28
N ALA B 753 -8.77 -4.45 24.39
CA ALA B 753 -8.59 -3.01 24.36
C ALA B 753 -8.91 -2.51 22.96
N GLN B 754 -9.25 -1.23 22.87
CA GLN B 754 -9.37 -0.61 21.56
C GLN B 754 -8.40 0.55 21.37
N THR B 755 -7.54 0.80 22.35
CA THR B 755 -6.51 1.82 22.24
C THR B 755 -5.42 1.38 21.26
N GLU B 756 -4.84 2.36 20.60
CA GLU B 756 -3.74 2.10 19.66
C GLU B 756 -2.53 1.57 20.42
N ILE B 757 -1.80 0.65 19.78
CA ILE B 757 -0.59 0.04 20.33
C ILE B 757 0.64 0.63 19.62
N GLN B 758 1.54 1.23 20.39
CA GLN B 758 2.76 1.77 19.82
C GLN B 758 3.70 0.65 19.44
N ASN B 759 4.53 0.90 18.42
CA ASN B 759 5.67 0.05 18.08
C ASN B 759 5.25 -1.28 17.48
N THR B 760 4.17 -1.31 16.71
CA THR B 760 3.85 -2.50 15.95
C THR B 760 2.91 -2.16 14.80
N ALA B 761 3.10 -2.90 13.71
CA ALA B 761 2.16 -2.85 12.62
C ALA B 761 0.97 -3.73 12.90
N ASP B 762 1.14 -4.67 13.83
CA ASP B 762 0.17 -5.73 14.10
C ASP B 762 -0.70 -5.40 15.31
N GLY B 763 -1.20 -4.17 15.35
CA GLY B 763 -2.03 -3.69 16.43
C GLY B 763 -3.01 -4.70 16.98
N PRO B 764 -3.86 -5.30 16.14
CA PRO B 764 -4.92 -6.16 16.66
C PRO B 764 -4.43 -7.37 17.41
N LEU B 765 -3.24 -7.85 17.07
CA LEU B 765 -2.69 -9.01 17.74
C LEU B 765 -2.37 -8.68 19.20
N PHE B 766 -1.88 -7.46 19.46
CA PHE B 766 -1.58 -6.98 20.80
C PHE B 766 -2.81 -6.43 21.55
N GLN B 767 -3.94 -6.17 20.90
CA GLN B 767 -5.06 -5.58 21.61
C GLN B 767 -5.97 -6.60 22.29
N THR B 768 -5.72 -7.89 22.07
CA THR B 768 -6.39 -8.95 22.81
C THR B 768 -5.34 -9.72 23.62
N LEU B 769 -5.73 -10.21 24.80
CA LEU B 769 -4.76 -10.90 25.64
C LEU B 769 -5.50 -11.88 26.54
N ARG B 770 -4.75 -12.81 27.09
CA ARG B 770 -5.25 -13.74 28.10
C ARG B 770 -4.83 -13.17 29.45
N ASN B 771 -5.80 -12.66 30.20
CA ASN B 771 -5.53 -12.02 31.48
C ASN B 771 -5.67 -13.01 32.62
N GLU B 772 -4.85 -12.81 33.66
CA GLU B 772 -4.76 -13.74 34.79
C GLU B 772 -4.32 -15.12 34.30
N ILE B 773 -3.45 -15.15 33.30
CA ILE B 773 -3.04 -16.42 32.72
C ILE B 773 -2.15 -17.15 33.72
N GLU B 774 -2.26 -18.47 33.74
CA GLU B 774 -1.46 -19.32 34.62
C GLU B 774 -0.34 -20.03 33.88
N GLY B 775 -0.58 -20.47 32.66
CA GLY B 775 0.49 -21.06 31.89
C GLY B 775 0.14 -21.19 30.42
N TYR B 776 1.13 -21.61 29.64
CA TYR B 776 0.94 -22.03 28.26
C TYR B 776 1.80 -23.27 28.09
N ARG B 777 1.23 -24.32 27.52
CA ARG B 777 1.94 -25.58 27.42
C ARG B 777 1.98 -26.09 25.98
N PHE B 778 3.14 -26.63 25.61
CA PHE B 778 3.33 -27.29 24.34
C PHE B 778 3.86 -28.66 24.65
N ASP B 779 3.11 -29.70 24.29
CA ASP B 779 3.71 -31.03 24.24
C ASP B 779 4.60 -31.12 22.99
N ALA B 780 5.89 -31.36 23.19
CA ALA B 780 6.90 -31.22 22.14
C ALA B 780 8.09 -32.15 22.45
N PRO B 781 8.80 -32.61 21.43
CA PRO B 781 9.95 -33.48 21.68
C PRO B 781 11.11 -32.69 22.27
N GLN B 782 12.03 -33.42 22.89
CA GLN B 782 13.27 -32.82 23.37
C GLN B 782 13.98 -32.07 22.26
N GLY B 783 14.58 -30.94 22.61
CA GLY B 783 15.35 -30.18 21.66
C GLY B 783 15.52 -28.75 22.13
N VAL B 784 16.04 -27.93 21.22
CA VAL B 784 16.20 -26.50 21.44
C VAL B 784 15.14 -25.76 20.65
N TYR B 785 14.51 -24.78 21.28
CA TYR B 785 13.33 -24.11 20.77
C TYR B 785 13.48 -22.61 20.91
N GLU B 786 12.89 -21.89 19.97
CA GLU B 786 12.77 -20.43 20.04
C GLU B 786 11.35 -20.08 20.47
N ILE B 787 11.22 -19.34 21.56
CA ILE B 787 9.92 -18.94 22.11
C ILE B 787 9.84 -17.45 22.05
N GLU B 788 8.81 -16.92 21.40
CA GLU B 788 8.59 -15.48 21.38
C GLU B 788 7.36 -15.17 22.20
N LEU B 789 7.50 -14.28 23.16
CA LEU B 789 6.39 -13.85 24.01
C LEU B 789 6.05 -12.41 23.66
N LEU B 790 4.76 -12.13 23.50
CA LEU B 790 4.27 -10.82 23.09
C LEU B 790 3.47 -10.21 24.23
N PHE B 791 3.85 -9.01 24.66
CA PHE B 791 3.19 -8.38 25.80
C PHE B 791 2.72 -6.96 25.46
N THR B 792 1.54 -6.59 25.97
CA THR B 792 1.10 -5.21 26.02
C THR B 792 0.19 -5.06 27.24
N ASP B 793 0.52 -4.10 28.11
CA ASP B 793 -0.31 -3.80 29.26
C ASP B 793 -1.40 -2.82 28.83
N ILE B 794 -2.65 -3.29 28.84
CA ILE B 794 -3.80 -2.50 28.42
C ILE B 794 -4.66 -2.06 29.59
N PHE B 795 -4.16 -2.16 30.81
CA PHE B 795 -4.96 -1.91 32.02
C PHE B 795 -4.40 -0.70 32.74
N ARG B 796 -4.62 0.48 32.17
CA ARG B 796 -4.21 1.73 32.80
C ARG B 796 -5.32 2.26 33.72
N GLU B 815 0.18 -2.33 39.76
CA GLU B 815 0.60 -2.43 38.36
C GLU B 815 1.32 -3.76 38.07
N SER B 816 1.03 -4.37 36.92
CA SER B 816 1.31 -5.79 36.71
C SER B 816 2.80 -6.09 36.65
N THR B 817 3.21 -7.09 37.43
CA THR B 817 4.60 -7.53 37.54
C THR B 817 4.57 -9.03 37.75
N PHE B 818 5.31 -9.78 36.93
CA PHE B 818 5.29 -11.22 37.11
C PHE B 818 6.61 -11.85 36.68
N GLY B 819 6.81 -13.09 37.10
CA GLY B 819 7.95 -13.88 36.72
C GLY B 819 7.49 -14.96 35.77
N ILE B 820 8.40 -15.44 34.93
CA ILE B 820 8.05 -16.48 33.96
C ILE B 820 9.05 -17.60 34.10
N SER B 821 8.55 -18.81 34.20
CA SER B 821 9.41 -19.97 34.22
C SER B 821 9.00 -20.90 33.08
N ILE B 822 9.98 -21.62 32.55
CA ILE B 822 9.73 -22.63 31.53
C ILE B 822 10.39 -23.92 32.00
N ASN B 823 9.61 -25.01 32.06
CA ASN B 823 10.07 -26.31 32.54
C ASN B 823 10.92 -26.19 33.79
N GLY B 824 10.52 -25.31 34.70
CA GLY B 824 11.15 -25.17 35.98
C GLY B 824 12.35 -24.25 36.03
N GLU B 825 12.77 -23.66 34.91
CA GLU B 825 13.81 -22.64 34.93
C GLU B 825 13.19 -21.26 34.75
N VAL B 826 13.67 -20.31 35.55
CA VAL B 826 13.20 -18.93 35.48
C VAL B 826 13.82 -18.27 34.26
N VAL B 827 12.97 -17.73 33.38
CA VAL B 827 13.44 -16.94 32.26
C VAL B 827 13.17 -15.45 32.44
N GLU B 828 12.20 -15.07 33.28
CA GLU B 828 12.06 -13.71 33.79
C GLU B 828 11.83 -13.80 35.29
N GLU B 829 12.69 -13.13 36.04
CA GLU B 829 12.45 -12.97 37.47
C GLU B 829 11.26 -12.05 37.73
N SER B 830 11.26 -10.85 37.13
CA SER B 830 10.27 -9.82 37.45
C SER B 830 10.04 -8.94 36.21
N LEU B 831 9.18 -9.41 35.32
CA LEU B 831 8.84 -8.67 34.12
C LEU B 831 7.62 -7.80 34.39
N SER B 832 7.75 -6.49 34.21
CA SER B 832 6.62 -5.57 34.31
C SER B 832 6.54 -4.80 33.00
N PRO B 833 5.73 -5.25 32.04
CA PRO B 833 5.65 -4.53 30.75
C PRO B 833 5.44 -3.03 30.87
N CYS B 834 4.60 -2.55 31.79
CA CYS B 834 4.33 -1.11 31.88
C CYS B 834 5.47 -0.34 32.49
N LYS B 835 6.34 -0.96 33.29
CA LYS B 835 7.49 -0.23 33.78
C LYS B 835 8.57 -0.16 32.71
N GLU B 836 8.75 -1.22 31.93
CA GLU B 836 9.75 -1.20 30.88
C GLU B 836 9.32 -0.25 29.76
N SER B 837 8.09 -0.43 29.25
CA SER B 837 7.63 0.22 28.04
C SER B 837 6.48 1.19 28.22
N GLY B 838 5.78 1.15 29.35
CA GLY B 838 4.59 1.94 29.51
C GLY B 838 3.40 1.19 28.96
N TYR B 839 2.22 1.75 29.15
CA TYR B 839 1.00 1.11 28.72
C TYR B 839 0.81 1.25 27.21
N PHE B 840 0.01 0.35 26.65
CA PHE B 840 -0.35 0.35 25.22
C PHE B 840 0.88 0.48 24.32
N ARG B 841 1.88 -0.37 24.55
CA ARG B 841 3.11 -0.36 23.80
C ARG B 841 3.62 -1.78 23.70
N ALA B 842 3.96 -2.21 22.47
CA ALA B 842 4.29 -3.62 22.25
C ALA B 842 5.67 -3.98 22.79
N LEU B 843 5.76 -5.16 23.42
CA LEU B 843 7.02 -5.83 23.74
C LEU B 843 7.03 -7.21 23.08
N ARG B 844 8.06 -7.47 22.27
CA ARG B 844 8.30 -8.80 21.70
C ARG B 844 9.63 -9.29 22.24
N LYS B 845 9.60 -10.37 23.03
CA LYS B 845 10.80 -10.96 23.62
C LYS B 845 10.99 -12.38 23.11
N LYS B 846 12.17 -12.69 22.61
CA LYS B 846 12.48 -14.03 22.14
C LYS B 846 13.44 -14.68 23.13
N TYR B 847 13.25 -15.98 23.36
CA TYR B 847 14.16 -16.77 24.18
C TYR B 847 14.52 -18.05 23.46
N TYR B 848 15.79 -18.47 23.60
CA TYR B 848 16.21 -19.82 23.23
C TYR B 848 16.10 -20.71 24.45
N ILE B 849 15.44 -21.87 24.29
CA ILE B 849 15.01 -22.74 25.39
C ILE B 849 15.42 -24.17 25.07
N THR B 850 16.07 -24.85 26.01
CA THR B 850 16.45 -26.25 25.82
C THR B 850 15.46 -27.13 26.59
N ASN B 851 14.68 -27.91 25.86
CA ASN B 851 13.69 -28.82 26.43
C ASN B 851 14.31 -30.19 26.58
N ASP B 852 14.48 -30.65 27.81
CA ASP B 852 14.89 -32.03 28.06
C ASP B 852 13.74 -32.89 28.54
N LYS B 853 12.50 -32.40 28.48
CA LYS B 853 11.30 -33.12 28.85
C LYS B 853 10.49 -33.40 27.59
N GLU B 854 9.29 -33.95 27.76
CA GLU B 854 8.41 -34.24 26.63
C GLU B 854 7.40 -33.15 26.40
N TYR B 855 7.58 -32.00 27.02
CA TYR B 855 6.63 -30.90 26.96
C TYR B 855 7.43 -29.61 27.15
N ILE B 856 6.81 -28.49 26.80
CA ILE B 856 7.34 -27.17 27.10
C ILE B 856 6.27 -26.49 27.93
N ASP B 857 6.55 -26.28 29.21
CA ASP B 857 5.56 -25.80 30.17
C ASP B 857 5.98 -24.42 30.64
N ILE B 858 5.27 -23.39 30.19
CA ILE B 858 5.53 -22.01 30.57
C ILE B 858 4.52 -21.63 31.65
N ARG B 859 5.02 -21.16 32.79
CA ARG B 859 4.18 -20.82 33.92
C ARG B 859 4.43 -19.37 34.32
N PHE B 860 3.36 -18.70 34.77
CA PHE B 860 3.42 -17.30 35.15
C PHE B 860 3.22 -17.15 36.65
N HIS B 861 4.03 -16.30 37.28
CA HIS B 861 4.11 -16.16 38.74
C HIS B 861 3.82 -14.72 39.11
N SER B 862 2.56 -14.44 39.44
CA SER B 862 2.14 -13.07 39.70
C SER B 862 2.73 -12.54 41.00
N THR B 863 3.18 -11.30 40.98
CA THR B 863 3.61 -10.63 42.19
C THR B 863 2.96 -9.27 42.39
N SER B 864 2.31 -8.72 41.38
CA SER B 864 1.63 -7.43 41.48
C SER B 864 0.69 -7.38 40.29
N GLY B 865 -0.48 -6.82 40.48
CA GLY B 865 -1.44 -6.83 39.39
C GLY B 865 -1.73 -8.25 38.95
N THR B 866 -1.85 -8.45 37.65
CA THR B 866 -2.14 -9.76 37.09
C THR B 866 -1.08 -10.17 36.08
N CYS B 867 -1.02 -11.47 35.81
CA CYS B 867 -0.26 -12.02 34.68
C CYS B 867 -1.11 -11.93 33.42
N PHE B 868 -0.48 -11.53 32.31
CA PHE B 868 -1.19 -11.50 31.04
C PHE B 868 -0.21 -11.89 29.94
N LEU B 869 -0.76 -12.36 28.81
CA LEU B 869 0.04 -12.74 27.66
C LEU B 869 -0.75 -12.44 26.39
N ASN B 870 -0.13 -11.70 25.45
CA ASN B 870 -0.84 -11.27 24.24
C ASN B 870 -0.56 -12.13 23.02
N GLY B 871 0.58 -12.82 22.97
CA GLY B 871 0.83 -13.70 21.85
C GLY B 871 2.03 -14.56 22.14
N ILE B 872 2.11 -15.68 21.44
CA ILE B 872 3.23 -16.59 21.62
C ILE B 872 3.50 -17.28 20.30
N LYS B 873 4.77 -17.55 20.05
CA LYS B 873 5.19 -18.18 18.81
C LYS B 873 6.32 -19.15 19.14
N LEU B 874 6.17 -20.39 18.70
CA LEU B 874 7.16 -21.45 18.96
C LEU B 874 7.80 -21.91 17.65
N ARG B 875 9.12 -22.11 17.68
CA ARG B 875 9.85 -22.77 16.60
C ARG B 875 10.83 -23.77 17.19
N ASN B 876 10.99 -24.90 16.52
CA ASN B 876 12.07 -25.81 16.89
C ASN B 876 13.34 -25.39 16.16
N ILE B 877 14.42 -25.21 16.92
CA ILE B 877 15.72 -24.85 16.36
C ILE B 877 16.61 -26.08 16.17
N TYR B 878 16.74 -26.93 17.18
CA TYR B 878 17.52 -28.15 17.11
C TYR B 878 16.75 -29.34 17.67
C08 L9D C . 24.29 -5.38 -11.01
C09 L9D C . 23.32 -4.47 -11.78
C11 L9D C . 22.09 -4.11 -10.93
C12 L9D C . 22.48 -3.48 -9.58
C14 L9D C . 23.42 -4.40 -8.81
C16 L9D C . 24.64 -4.68 -9.67
C18 L9D C . 21.13 -3.22 -11.76
N10 L9D C . 24.00 -3.25 -12.21
O13 L9D C . 21.37 -3.15 -8.78
O15 L9D C . 23.78 -3.78 -7.62
O17 L9D C . 25.66 -5.34 -8.96
O19 L9D C . 21.59 -2.21 -12.36
O20 L9D C . 19.89 -3.49 -11.84
C1 GOL D . -2.44 12.97 -11.37
O1 GOL D . -1.16 13.19 -11.95
C2 GOL D . -2.25 12.30 -9.94
O2 GOL D . -1.02 11.63 -9.80
C3 GOL D . -2.42 13.42 -8.86
O3 GOL D . -3.30 12.91 -7.88
K K E . 2.67 9.66 -22.34
CA CA F . 17.45 -12.15 13.56
C08 L9D G . -22.47 8.27 12.75
C09 L9D G . -21.51 7.32 13.50
C11 L9D G . -20.23 7.06 12.68
C12 L9D G . -19.44 8.35 12.38
C14 L9D G . -20.34 9.38 11.69
C16 L9D G . -21.67 9.56 12.45
C18 L9D G . -19.32 5.98 13.32
N10 L9D G . -21.21 7.83 14.83
O13 L9D G . -18.37 8.03 11.51
O15 L9D G . -19.70 10.63 11.61
O17 L9D G . -22.46 10.51 11.80
O19 L9D G . -18.67 6.22 14.40
O20 L9D G . -19.21 4.84 12.74
C1 GOL H . 7.32 -5.61 13.11
O1 GOL H . 7.38 -4.71 12.06
C2 GOL H . 5.89 -5.55 13.66
O2 GOL H . 5.42 -4.23 13.68
C3 GOL H . 6.03 -6.20 15.09
O3 GOL H . 4.76 -6.48 15.66
C1 GOL I . -22.19 7.63 18.45
O1 GOL I . -22.31 7.89 17.07
C2 GOL I . -21.02 6.60 18.68
O2 GOL I . -19.75 7.16 18.42
C3 GOL I . -21.19 6.07 20.14
O3 GOL I . -19.95 5.59 20.57
C1 GOL J . 8.24 -9.83 16.47
O1 GOL J . 9.26 -10.74 16.04
C2 GOL J . 6.87 -10.50 16.16
O2 GOL J . 6.92 -11.17 14.95
C3 GOL J . 5.77 -9.32 16.23
O3 GOL J . 4.48 -9.76 15.78
K K K . -3.78 -11.47 21.29
CA CA L . -13.65 18.97 -9.68
#